data_9OGO
#
_entry.id   9OGO
#
_cell.length_a   106.077
_cell.length_b   106.077
_cell.length_c   303.933
_cell.angle_alpha   90.00
_cell.angle_beta   90.00
_cell.angle_gamma   90.00
#
_symmetry.space_group_name_H-M   'P 43 21 2'
#
loop_
_entity.id
_entity.type
_entity.pdbx_description
1 polymer 'GTP-binding nuclear protein Ran'
2 polymer 'Ran-specific GTPase-activating protein 1'
3 polymer Exportin-1
4 non-polymer 'PHOSPHOAMINOPHOSPHONIC ACID-GUANYLATE ESTER'
5 non-polymer 'MAGNESIUM ION'
6 non-polymer 'propan-2-yl 3-{3-[3-methoxy-5-(trifluoromethyl)phenyl]-1H-1,2,4-triazol-1-yl}propanoate'
7 non-polymer 'CHLORIDE ION'
8 non-polymer GLYCEROL
9 water water
#
loop_
_entity_poly.entity_id
_entity_poly.type
_entity_poly.pdbx_seq_one_letter_code
_entity_poly.pdbx_strand_id
1 'polypeptide(L)'
;METGSSHHHHHHSSGLPRGSHMAAQGEPQVQFKLVLVGDGGTGKTTFVKRHLTGEFEKKYVATLGVEVHPLVFHTNRGPI
KFNVWDTAGQEKFGGLRDGYYIQAQCAIIMFDVTSRVTYKNVPNWHRDLVRVCENIPIVLCGNKVDIKDRKVKAKSIVFH
RKKNLQYYDISAKSNYNFEKPFLWLARKLIGDPNLEFVAMPALAPPEVVMDPALAAQYEHDLEVAQTTALPDEDDDL
;
A
2 'polypeptide(L)'
;GGSDIHFEPVVHLEKVDVKTMEEDEEVLYKVRAKLFRFDADAKEWKERGTGDCKFLKNKKTNKVRILMRRDKTLKICANH
IIAPEYTLKPNVGSDRSWVYACTADIAEGEAEAFTFAIRFGSKENADKFKEEFEKAQEINKKA
;
B
3 'polypeptide(L)'
;GGSMEGILDFSNDLDIALLDQVVSTFYQGSGVQQKQAQEILTKFQDNPDAWQKADQILQFSTNPQSKFIALSILDKLITR
KWKLLPNDHRIGIRNFVVGMIISMCQDDEVFKTQKNLINKSDLTLVQILKQEWPQNWPEFIPELIGSSSSSVNVCENNMI
VLKLLSEEVFDFSAEQMTQAKALHLKNSMSKEFEQIFKLCFQVLEQGSSSSLIVATLESLLRYLHWIPYRYIYETNILEL
LSTKFMTSPDTRAITLKCLTEVSNLKIPQDNDLIKRQTVLFFQNTLQQIATSVMPVTADLKATYANANGNDQSFLQDLAM
FLTTYLARNRALLESDESLRELLLNAHQYLIQLSKIEERELFKTTLDYWHNLVADLFYEPLKKHIYEEICSQLRLVIIEN
MVRPEEVLVVENDEGEIVREFVKESDTIQLYKSEREVLVYLTHLNVIDTEEIMISKLARQIDGSEWSWHNINTLSWAIGS
ISGTMSEDTEKRFVETVIKDLLDLCVKKRGKDNKAVVASDIMYVVGQYPRFLKAHWNHLRTVILKLFEFMHETHEGVQDM
ACDTFIKIVQKCKYHFVIQQPRESEPFIQTIIRDIQKTTADLQPQQVHTFYKACGIIISEERSVAERNRLLSDLMQLPNM
AWDTIVEQSTANPTLLLDSETVKIIANIIKTNVAVCTSMGADFYPQLGHIYYNMLQLYRAVSSMISAQVAAEGLIATKTP
KVRGLRTIKKEILKLVETYISKARNLDDVVKVLVEPLLNAVLEDYMNNVPDARDAEVLNCMTTVVEKVGHMIPQGVILIL
QSVFECTLDMINKDFTEYPEHRVEFYKLLKVINEKSFAAFLELPPAAFKLFVDAICWAFKHNNRDVEVNGLQIALDLVKN
IERMGNVPFANEFHKNYFFIFVSETFFVLTDSDHKSGFSKQALLLMKLISLVYDNKISVPLYQEAEVPQGTSNQVYLSQY
LANMLSNAFPHLTSEQIASFLSALTKQCKDLVVFKGTLRDFLVQIKEVGGDPTDYLFAEDKENA
;
C
#
loop_
_chem_comp.id
_chem_comp.type
_chem_comp.name
_chem_comp.formula
CL non-polymer 'CHLORIDE ION' 'Cl -1'
GNP non-polymer 'PHOSPHOAMINOPHOSPHONIC ACID-GUANYLATE ESTER' 'C10 H17 N6 O13 P3'
GOL non-polymer GLYCEROL 'C3 H8 O3'
K85 non-polymer 'propan-2-yl 3-{3-[3-methoxy-5-(trifluoromethyl)phenyl]-1H-1,2,4-triazol-1-yl}propanoate' 'C16 H18 F3 N3 O3'
MG non-polymer 'MAGNESIUM ION' 'Mg 2'
#
# COMPACT_ATOMS: atom_id res chain seq x y z
N GLN A 29 -8.79 33.51 -3.48
CA GLN A 29 -8.70 32.08 -3.17
C GLN A 29 -9.14 31.23 -4.36
N VAL A 30 -8.22 30.41 -4.85
CA VAL A 30 -8.49 29.55 -6.00
C VAL A 30 -9.22 28.29 -5.54
N GLN A 31 -10.07 27.76 -6.41
CA GLN A 31 -10.81 26.53 -6.16
C GLN A 31 -10.54 25.52 -7.26
N PHE A 32 -10.44 24.24 -6.88
CA PHE A 32 -10.22 23.16 -7.82
C PHE A 32 -11.03 21.95 -7.41
N LYS A 33 -11.67 21.32 -8.39
CA LYS A 33 -12.45 20.11 -8.15
C LYS A 33 -11.52 18.90 -8.21
N LEU A 34 -11.50 18.11 -7.14
CA LEU A 34 -10.72 16.89 -7.05
C LEU A 34 -11.66 15.72 -6.82
N VAL A 35 -11.54 14.70 -7.68
CA VAL A 35 -12.31 13.47 -7.53
C VAL A 35 -11.39 12.38 -6.99
N LEU A 36 -11.91 11.59 -6.08
CA LEU A 36 -11.14 10.57 -5.37
C LEU A 36 -11.84 9.24 -5.61
N VAL A 37 -11.18 8.34 -6.35
CA VAL A 37 -11.78 7.09 -6.78
C VAL A 37 -10.89 5.93 -6.37
N GLY A 38 -11.50 4.77 -6.21
CA GLY A 38 -10.78 3.57 -5.83
C GLY A 38 -11.71 2.54 -5.25
N ASP A 39 -11.24 1.29 -5.25
CA ASP A 39 -12.02 0.18 -4.73
C ASP A 39 -12.48 0.45 -3.30
N GLY A 40 -13.56 -0.21 -2.89
CA GLY A 40 -14.06 -0.01 -1.54
C GLY A 40 -13.11 -0.61 -0.52
N GLY A 41 -12.91 0.14 0.57
CA GLY A 41 -12.04 -0.30 1.65
C GLY A 41 -10.59 0.10 1.51
N THR A 42 -10.24 0.90 0.50
CA THR A 42 -8.85 1.28 0.28
C THR A 42 -8.42 2.46 1.13
N GLY A 43 -9.35 3.18 1.75
CA GLY A 43 -9.02 4.25 2.67
C GLY A 43 -9.24 5.66 2.15
N LYS A 44 -10.06 5.85 1.12
CA LYS A 44 -10.29 7.18 0.57
C LYS A 44 -10.92 8.09 1.62
N THR A 45 -12.03 7.66 2.22
CA THR A 45 -12.72 8.49 3.20
C THR A 45 -11.85 8.75 4.41
N THR A 46 -11.14 7.72 4.89
CA THR A 46 -10.22 7.90 6.01
C THR A 46 -9.14 8.92 5.66
N PHE A 47 -8.61 8.84 4.43
CA PHE A 47 -7.59 9.77 3.99
C PHE A 47 -8.12 11.20 3.98
N VAL A 48 -9.33 11.40 3.49
CA VAL A 48 -9.92 12.73 3.44
C VAL A 48 -10.15 13.27 4.86
N LYS A 49 -10.76 12.45 5.72
CA LYS A 49 -11.05 12.91 7.08
C LYS A 49 -9.77 13.32 7.80
N ARG A 50 -8.71 12.52 7.66
CA ARG A 50 -7.44 12.88 8.29
C ARG A 50 -7.02 14.29 7.93
N HIS A 51 -7.16 14.66 6.65
CA HIS A 51 -6.80 16.01 6.22
C HIS A 51 -7.84 17.04 6.69
N LEU A 52 -9.08 16.62 6.90
CA LEU A 52 -10.13 17.55 7.31
C LEU A 52 -10.03 17.89 8.79
N THR A 53 -9.91 16.88 9.64
CA THR A 53 -9.95 17.07 11.08
C THR A 53 -8.72 16.56 11.83
N GLY A 54 -7.87 15.77 11.17
CA GLY A 54 -6.74 15.15 11.83
C GLY A 54 -7.05 13.82 12.49
N GLU A 55 -8.31 13.40 12.49
CA GLU A 55 -8.70 12.15 13.11
C GLU A 55 -8.30 10.95 12.24
N PHE A 56 -8.36 9.76 12.84
CA PHE A 56 -8.20 8.51 12.10
C PHE A 56 -9.41 7.64 12.42
N GLU A 57 -10.33 7.54 11.46
CA GLU A 57 -11.53 6.73 11.63
C GLU A 57 -11.16 5.26 11.45
N LYS A 58 -11.28 4.48 12.53
CA LYS A 58 -10.95 3.06 12.46
C LYS A 58 -12.04 2.23 11.80
N LYS A 59 -13.29 2.68 11.88
CA LYS A 59 -14.40 1.89 11.35
C LYS A 59 -14.58 2.13 9.86
N TYR A 60 -15.14 1.12 9.19
CA TYR A 60 -15.42 1.18 7.75
C TYR A 60 -16.92 1.40 7.57
N VAL A 61 -17.29 2.64 7.25
CA VAL A 61 -18.65 2.97 6.84
C VAL A 61 -18.61 3.30 5.36
N ALA A 62 -19.20 2.43 4.54
CA ALA A 62 -19.12 2.61 3.10
C ALA A 62 -19.76 3.93 2.68
N THR A 63 -19.03 4.67 1.86
CA THR A 63 -19.58 5.92 1.34
C THR A 63 -20.66 5.64 0.31
N LEU A 64 -21.65 6.52 0.25
CA LEU A 64 -22.83 6.34 -0.60
C LEU A 64 -22.82 7.42 -1.67
N GLY A 65 -22.61 7.02 -2.92
CA GLY A 65 -22.55 7.97 -4.01
C GLY A 65 -21.30 8.80 -4.00
N VAL A 66 -21.27 9.84 -3.17
CA VAL A 66 -20.12 10.72 -3.08
C VAL A 66 -20.35 11.71 -1.94
N GLU A 67 -19.27 12.16 -1.31
CA GLU A 67 -19.31 13.21 -0.30
C GLU A 67 -18.34 14.30 -0.71
N VAL A 68 -18.84 15.51 -0.91
CA VAL A 68 -18.02 16.66 -1.27
C VAL A 68 -17.53 17.32 0.01
N HIS A 69 -16.24 17.60 0.08
CA HIS A 69 -15.63 18.23 1.26
C HIS A 69 -14.67 19.34 0.83
N PRO A 70 -14.91 20.59 1.22
CA PRO A 70 -13.92 21.63 0.95
C PRO A 70 -12.69 21.45 1.83
N LEU A 71 -11.52 21.61 1.22
CA LEU A 71 -10.25 21.44 1.92
C LEU A 71 -9.28 22.51 1.45
N VAL A 72 -8.72 23.26 2.40
CA VAL A 72 -7.87 24.40 2.12
C VAL A 72 -6.46 24.10 2.62
N PHE A 73 -5.47 24.46 1.80
CA PHE A 73 -4.07 24.43 2.19
C PHE A 73 -3.49 25.84 2.03
N HIS A 74 -2.50 26.14 2.87
CA HIS A 74 -1.81 27.42 2.83
C HIS A 74 -0.44 27.25 2.19
N THR A 75 -0.18 28.01 1.14
CA THR A 75 1.07 27.91 0.40
C THR A 75 1.70 29.29 0.27
N ASN A 76 2.98 29.31 -0.11
CA ASN A 76 3.70 30.55 -0.34
C ASN A 76 3.14 31.34 -1.51
N ARG A 77 2.25 30.74 -2.31
CA ARG A 77 1.57 31.43 -3.39
C ARG A 77 0.12 31.76 -3.03
N GLY A 78 -0.24 31.69 -1.75
CA GLY A 78 -1.59 31.94 -1.33
C GLY A 78 -2.32 30.66 -0.97
N PRO A 79 -3.47 30.77 -0.33
CA PRO A 79 -4.24 29.57 0.01
C PRO A 79 -4.87 28.94 -1.22
N ILE A 80 -4.89 27.61 -1.23
CA ILE A 80 -5.50 26.84 -2.31
C ILE A 80 -6.60 25.97 -1.73
N LYS A 81 -7.74 25.92 -2.40
CA LYS A 81 -8.91 25.19 -1.94
C LYS A 81 -9.21 24.04 -2.89
N PHE A 82 -9.29 22.84 -2.34
CA PHE A 82 -9.70 21.65 -3.08
C PHE A 82 -11.15 21.32 -2.72
N ASN A 83 -11.96 21.05 -3.73
CA ASN A 83 -13.31 20.52 -3.54
C ASN A 83 -13.22 19.02 -3.78
N VAL A 84 -13.11 18.26 -2.69
CA VAL A 84 -12.82 16.84 -2.77
C VAL A 84 -14.13 16.07 -2.93
N TRP A 85 -14.27 15.39 -4.08
CA TRP A 85 -15.42 14.52 -4.33
C TRP A 85 -15.00 13.10 -3.97
N ASP A 86 -15.32 12.70 -2.74
CA ASP A 86 -14.98 11.38 -2.22
C ASP A 86 -16.05 10.40 -2.69
N THR A 87 -15.79 9.70 -3.78
CA THR A 87 -16.78 8.81 -4.36
C THR A 87 -16.77 7.45 -3.67
N ALA A 88 -17.83 6.69 -3.90
CA ALA A 88 -17.97 5.35 -3.34
C ALA A 88 -17.27 4.34 -4.24
N GLY A 89 -16.55 3.41 -3.63
CA GLY A 89 -15.83 2.39 -4.37
C GLY A 89 -16.62 1.12 -4.58
N GLN A 90 -17.54 0.82 -3.67
CA GLN A 90 -18.36 -0.38 -3.80
C GLN A 90 -19.35 -0.22 -4.95
N GLU A 91 -19.60 -1.35 -5.62
CA GLU A 91 -20.48 -1.32 -6.80
C GLU A 91 -21.89 -0.87 -6.44
N LYS A 92 -22.48 -1.50 -5.43
CA LYS A 92 -23.88 -1.22 -5.09
C LYS A 92 -24.09 0.19 -4.54
N PHE A 93 -23.04 0.98 -4.37
CA PHE A 93 -23.16 2.37 -3.90
C PHE A 93 -22.55 3.35 -4.87
N GLY A 94 -22.39 2.96 -6.13
CA GLY A 94 -21.70 3.81 -7.10
C GLY A 94 -22.42 5.12 -7.36
N GLY A 95 -23.74 5.14 -7.22
CA GLY A 95 -24.48 6.36 -7.49
C GLY A 95 -24.35 6.74 -8.96
N LEU A 96 -23.93 7.98 -9.20
CA LEU A 96 -23.77 8.45 -10.57
C LEU A 96 -22.50 7.96 -11.24
N ARG A 97 -21.63 7.29 -10.49
CA ARG A 97 -20.41 6.72 -11.05
C ARG A 97 -19.63 7.78 -11.83
N ASP A 98 -19.45 7.59 -13.14
CA ASP A 98 -18.64 8.52 -13.91
C ASP A 98 -19.30 9.88 -14.07
N GLY A 99 -20.51 10.08 -13.54
CA GLY A 99 -21.10 11.41 -13.52
C GLY A 99 -20.44 12.35 -12.54
N TYR A 100 -19.77 11.81 -11.52
CA TYR A 100 -19.05 12.64 -10.56
C TYR A 100 -17.78 13.24 -11.15
N TYR A 101 -17.27 12.68 -12.25
CA TYR A 101 -15.99 13.12 -12.79
C TYR A 101 -16.12 14.33 -13.69
N ILE A 102 -17.34 14.71 -14.08
CA ILE A 102 -17.53 15.83 -14.98
C ILE A 102 -16.91 17.08 -14.37
N GLN A 103 -16.09 17.78 -15.17
CA GLN A 103 -15.48 19.05 -14.81
C GLN A 103 -14.48 18.94 -13.67
N ALA A 104 -14.00 17.73 -13.38
CA ALA A 104 -12.92 17.59 -12.40
C ALA A 104 -11.61 18.12 -12.98
N GLN A 105 -10.86 18.84 -12.16
CA GLN A 105 -9.61 19.44 -12.58
C GLN A 105 -8.39 18.66 -12.10
N CYS A 106 -8.60 17.56 -11.38
CA CYS A 106 -7.53 16.70 -10.88
C CYS A 106 -8.21 15.53 -10.19
N ALA A 107 -7.40 14.56 -9.76
CA ALA A 107 -7.96 13.34 -9.19
C ALA A 107 -6.91 12.55 -8.45
N ILE A 108 -7.38 11.67 -7.57
CA ILE A 108 -6.55 10.71 -6.86
C ILE A 108 -7.19 9.34 -7.06
N ILE A 109 -6.37 8.37 -7.49
CA ILE A 109 -6.79 6.97 -7.57
C ILE A 109 -6.13 6.23 -6.42
N MET A 110 -6.94 5.55 -5.63
CA MET A 110 -6.50 4.92 -4.39
C MET A 110 -6.59 3.41 -4.52
N PHE A 111 -5.59 2.71 -3.99
CA PHE A 111 -5.66 1.27 -3.82
C PHE A 111 -4.98 0.92 -2.51
N ASP A 112 -5.04 -0.36 -2.16
CA ASP A 112 -4.59 -0.88 -0.87
C ASP A 112 -3.45 -1.87 -1.10
N VAL A 113 -2.27 -1.57 -0.57
CA VAL A 113 -1.11 -2.43 -0.79
C VAL A 113 -1.20 -3.76 -0.06
N THR A 114 -2.24 -3.96 0.75
CA THR A 114 -2.48 -5.25 1.37
C THR A 114 -3.53 -6.06 0.63
N SER A 115 -4.06 -5.55 -0.48
CA SER A 115 -5.11 -6.23 -1.24
C SER A 115 -4.76 -6.17 -2.72
N ARG A 116 -4.26 -7.28 -3.27
CA ARG A 116 -3.84 -7.31 -4.66
C ARG A 116 -4.98 -6.90 -5.59
N VAL A 117 -6.22 -7.29 -5.26
CA VAL A 117 -7.33 -7.03 -6.16
C VAL A 117 -7.54 -5.53 -6.35
N THR A 118 -7.25 -4.72 -5.33
CA THR A 118 -7.44 -3.29 -5.45
C THR A 118 -6.47 -2.69 -6.45
N TYR A 119 -5.26 -3.25 -6.56
CA TYR A 119 -4.34 -2.77 -7.59
C TYR A 119 -4.74 -3.26 -8.97
N LYS A 120 -5.35 -4.45 -9.04
CA LYS A 120 -5.79 -4.98 -10.33
C LYS A 120 -6.89 -4.11 -10.94
N ASN A 121 -7.67 -3.42 -10.11
CA ASN A 121 -8.76 -2.59 -10.59
C ASN A 121 -8.35 -1.15 -10.87
N VAL A 122 -7.11 -0.77 -10.58
CA VAL A 122 -6.64 0.58 -10.90
C VAL A 122 -6.84 0.89 -12.39
N PRO A 123 -6.48 0.01 -13.33
CA PRO A 123 -6.73 0.32 -14.74
C PRO A 123 -8.18 0.61 -15.06
N ASN A 124 -9.12 0.00 -14.33
CA ASN A 124 -10.54 0.21 -14.61
C ASN A 124 -10.98 1.60 -14.15
N TRP A 125 -10.60 1.98 -12.93
CA TRP A 125 -10.93 3.33 -12.45
C TRP A 125 -10.30 4.38 -13.36
N HIS A 126 -9.04 4.20 -13.74
CA HIS A 126 -8.38 5.16 -14.61
C HIS A 126 -9.10 5.28 -15.94
N ARG A 127 -9.50 4.14 -16.53
CA ARG A 127 -10.23 4.15 -17.78
C ARG A 127 -11.46 5.04 -17.70
N ASP A 128 -12.32 4.77 -16.71
CA ASP A 128 -13.55 5.55 -16.57
C ASP A 128 -13.27 7.01 -16.25
N LEU A 129 -12.11 7.31 -15.67
CA LEU A 129 -11.80 8.68 -15.27
C LEU A 129 -11.33 9.51 -16.46
N VAL A 130 -10.35 9.01 -17.21
CA VAL A 130 -9.81 9.79 -18.32
C VAL A 130 -10.76 9.83 -19.51
N ARG A 131 -11.75 8.94 -19.56
CA ARG A 131 -12.77 9.05 -20.59
C ARG A 131 -13.60 10.31 -20.43
N VAL A 132 -13.69 10.83 -19.21
CA VAL A 132 -14.39 12.09 -18.94
C VAL A 132 -13.40 13.26 -18.84
N CYS A 133 -12.27 13.03 -18.19
CA CYS A 133 -11.27 14.07 -17.92
C CYS A 133 -10.02 13.72 -18.72
N GLU A 134 -9.94 14.24 -19.94
CA GLU A 134 -8.90 13.80 -20.86
C GLU A 134 -7.52 14.25 -20.41
N ASN A 135 -7.40 15.46 -19.87
CA ASN A 135 -6.09 16.02 -19.51
C ASN A 135 -6.20 16.69 -18.14
N ILE A 136 -5.97 15.90 -17.09
CA ILE A 136 -5.91 16.43 -15.73
C ILE A 136 -4.78 15.73 -14.99
N PRO A 137 -4.23 16.40 -13.96
CA PRO A 137 -3.20 15.76 -13.14
C PRO A 137 -3.83 14.74 -12.19
N ILE A 138 -3.27 13.53 -12.20
CA ILE A 138 -3.79 12.42 -11.40
C ILE A 138 -2.66 11.88 -10.53
N VAL A 139 -2.99 11.54 -9.29
CA VAL A 139 -2.06 10.88 -8.38
C VAL A 139 -2.58 9.48 -8.11
N LEU A 140 -1.69 8.50 -8.18
CA LEU A 140 -1.98 7.13 -7.78
C LEU A 140 -1.38 6.91 -6.41
N CYS A 141 -2.19 6.40 -5.48
CA CYS A 141 -1.78 6.24 -4.08
C CYS A 141 -1.96 4.80 -3.66
N GLY A 142 -0.87 4.20 -3.19
CA GLY A 142 -0.93 2.90 -2.54
C GLY A 142 -0.98 3.04 -1.04
N ASN A 143 -2.16 2.85 -0.47
CA ASN A 143 -2.40 3.16 0.94
C ASN A 143 -2.13 1.95 1.82
N LYS A 144 -1.98 2.22 3.12
CA LYS A 144 -1.85 1.19 4.15
C LYS A 144 -0.47 0.53 4.16
N VAL A 145 0.58 1.30 3.88
CA VAL A 145 1.95 0.80 3.87
C VAL A 145 2.40 0.61 5.31
N ASP A 146 1.58 1.06 6.28
CA ASP A 146 1.91 0.82 7.68
C ASP A 146 1.80 -0.65 8.06
N ILE A 147 0.91 -1.39 7.40
CA ILE A 147 0.71 -2.80 7.72
C ILE A 147 1.94 -3.60 7.35
N LYS A 148 2.33 -4.53 8.24
CA LYS A 148 3.55 -5.30 8.04
C LYS A 148 3.48 -6.17 6.80
N ASP A 149 2.43 -7.00 6.71
CA ASP A 149 2.31 -7.97 5.62
C ASP A 149 1.80 -7.25 4.37
N ARG A 150 2.74 -6.74 3.57
CA ARG A 150 2.40 -6.03 2.35
C ARG A 150 2.32 -7.02 1.19
N LYS A 151 1.26 -6.89 0.38
CA LYS A 151 0.98 -7.85 -0.68
C LYS A 151 1.27 -7.33 -2.08
N VAL A 152 1.18 -6.02 -2.30
CA VAL A 152 1.51 -5.41 -3.58
C VAL A 152 2.91 -4.84 -3.43
N LYS A 153 3.89 -5.56 -3.96
CA LYS A 153 5.29 -5.17 -3.81
C LYS A 153 5.57 -3.87 -4.57
N ALA A 154 6.53 -3.11 -4.06
CA ALA A 154 6.92 -1.87 -4.71
C ALA A 154 7.33 -2.10 -6.16
N LYS A 155 8.06 -3.19 -6.42
CA LYS A 155 8.52 -3.48 -7.78
C LYS A 155 7.38 -3.78 -8.73
N SER A 156 6.18 -4.08 -8.22
CA SER A 156 5.05 -4.45 -9.07
C SER A 156 4.21 -3.25 -9.48
N ILE A 157 4.41 -2.09 -8.86
CA ILE A 157 3.56 -0.93 -9.09
C ILE A 157 4.19 -0.12 -10.22
N VAL A 158 3.62 -0.23 -11.41
CA VAL A 158 4.22 0.35 -12.61
C VAL A 158 3.17 0.96 -13.53
N PHE A 159 1.89 0.85 -13.16
CA PHE A 159 0.82 1.30 -14.04
C PHE A 159 0.90 2.79 -14.32
N HIS A 160 1.41 3.56 -13.36
CA HIS A 160 1.44 5.01 -13.50
C HIS A 160 2.41 5.48 -14.57
N ARG A 161 3.32 4.63 -15.03
CA ARG A 161 4.39 5.09 -15.90
C ARG A 161 3.86 5.45 -17.28
N LYS A 162 3.15 4.52 -17.93
CA LYS A 162 2.60 4.81 -19.25
C LYS A 162 1.46 5.82 -19.22
N LYS A 163 0.86 6.05 -18.05
CA LYS A 163 -0.28 6.94 -17.94
C LYS A 163 0.07 8.30 -17.36
N ASN A 164 1.35 8.56 -17.11
CA ASN A 164 1.82 9.87 -16.63
C ASN A 164 1.18 10.26 -15.31
N LEU A 165 0.84 9.27 -14.48
CA LEU A 165 0.37 9.55 -13.14
C LEU A 165 1.54 9.65 -12.17
N GLN A 166 1.38 10.48 -11.16
CA GLN A 166 2.30 10.51 -10.04
C GLN A 166 1.91 9.42 -9.05
N TYR A 167 2.91 8.74 -8.49
CA TYR A 167 2.68 7.69 -7.51
C TYR A 167 3.32 8.04 -6.18
N TYR A 168 2.64 7.67 -5.09
CA TYR A 168 3.18 7.77 -3.74
C TYR A 168 2.71 6.60 -2.91
N ASP A 169 3.63 5.96 -2.18
CA ASP A 169 3.25 5.15 -1.03
C ASP A 169 2.72 6.08 0.06
N ILE A 170 1.55 5.77 0.61
CA ILE A 170 0.97 6.58 1.68
C ILE A 170 0.43 5.67 2.78
N SER A 171 0.15 6.28 3.92
CA SER A 171 -0.51 5.60 5.03
C SER A 171 -1.35 6.64 5.77
N ALA A 172 -2.67 6.52 5.68
CA ALA A 172 -3.53 7.43 6.43
C ALA A 172 -3.39 7.23 7.93
N LYS A 173 -3.03 6.02 8.36
CA LYS A 173 -2.90 5.73 9.79
C LYS A 173 -1.60 6.30 10.36
N SER A 174 -0.49 6.16 9.64
CA SER A 174 0.80 6.65 10.11
C SER A 174 1.15 8.02 9.57
N ASN A 175 0.32 8.57 8.68
CA ASN A 175 0.55 9.87 8.03
C ASN A 175 1.72 9.82 7.06
N TYR A 176 2.27 8.64 6.77
CA TYR A 176 3.37 8.54 5.82
C TYR A 176 2.96 9.13 4.47
N ASN A 177 3.69 10.17 4.05
CA ASN A 177 3.48 10.81 2.74
C ASN A 177 2.04 11.29 2.55
N PHE A 178 1.33 11.56 3.64
CA PHE A 178 -0.09 11.89 3.50
C PHE A 178 -0.32 13.27 2.88
N GLU A 179 0.68 14.13 2.87
CA GLU A 179 0.54 15.45 2.28
C GLU A 179 0.98 15.50 0.82
N LYS A 180 1.81 14.55 0.38
CA LYS A 180 2.36 14.57 -0.96
C LYS A 180 1.32 14.68 -2.06
N PRO A 181 0.23 13.91 -2.06
CA PRO A 181 -0.73 14.02 -3.17
C PRO A 181 -1.24 15.42 -3.40
N PHE A 182 -1.59 16.16 -2.34
CA PHE A 182 -2.12 17.51 -2.52
C PHE A 182 -1.02 18.50 -2.86
N LEU A 183 0.19 18.30 -2.32
CA LEU A 183 1.30 19.16 -2.66
C LEU A 183 1.60 19.07 -4.16
N TRP A 184 1.65 17.85 -4.70
CA TRP A 184 1.95 17.70 -6.11
C TRP A 184 0.82 18.28 -6.97
N LEU A 185 -0.42 17.98 -6.64
CA LEU A 185 -1.54 18.54 -7.39
C LEU A 185 -1.53 20.06 -7.33
N ALA A 186 -1.26 20.63 -6.17
CA ALA A 186 -1.22 22.08 -6.04
C ALA A 186 -0.15 22.68 -6.93
N ARG A 187 0.99 22.02 -7.04
CA ARG A 187 2.06 22.52 -7.89
C ARG A 187 1.68 22.46 -9.36
N LYS A 188 0.99 21.39 -9.77
CA LYS A 188 0.56 21.27 -11.16
C LYS A 188 -0.56 22.26 -11.47
N LEU A 189 -1.51 22.43 -10.55
CA LEU A 189 -2.66 23.29 -10.81
C LEU A 189 -2.27 24.76 -10.81
N ILE A 190 -1.44 25.17 -9.86
CA ILE A 190 -0.97 26.56 -9.83
C ILE A 190 0.08 26.79 -10.91
N GLY A 191 0.77 25.75 -11.33
CA GLY A 191 1.83 25.89 -12.31
C GLY A 191 3.16 26.31 -11.74
N ASP A 192 3.35 26.17 -10.42
CA ASP A 192 4.60 26.53 -9.77
C ASP A 192 5.24 25.30 -9.15
N PRO A 193 6.32 24.76 -9.72
CA PRO A 193 6.96 23.58 -9.11
C PRO A 193 7.65 23.85 -7.79
N ASN A 194 7.87 25.11 -7.43
CA ASN A 194 8.50 25.49 -6.17
C ASN A 194 7.48 25.85 -5.10
N LEU A 195 6.18 25.67 -5.37
CA LEU A 195 5.17 25.91 -4.35
C LEU A 195 5.41 25.03 -3.14
N GLU A 196 5.20 25.59 -1.96
CA GLU A 196 5.41 24.87 -0.70
C GLU A 196 4.25 25.15 0.24
N PHE A 197 4.00 24.20 1.14
CA PHE A 197 3.08 24.44 2.25
C PHE A 197 3.77 25.30 3.29
N VAL A 198 3.03 26.27 3.82
CA VAL A 198 3.58 27.21 4.81
C VAL A 198 2.67 27.23 6.02
N ALA A 199 3.24 27.67 7.14
CA ALA A 199 2.50 27.73 8.39
C ALA A 199 1.45 28.82 8.36
N MET A 200 0.21 28.45 8.62
CA MET A 200 -0.87 29.42 8.65
C MET A 200 -0.65 30.40 9.81
N PRO A 201 -1.02 31.67 9.65
CA PRO A 201 -0.87 32.62 10.76
C PRO A 201 -1.66 32.18 11.99
N ALA A 202 -1.07 32.41 13.16
CA ALA A 202 -1.65 32.01 14.43
C ALA A 202 -2.09 33.27 15.18
N LEU A 203 -3.37 33.61 15.07
CA LEU A 203 -3.91 34.76 15.75
C LEU A 203 -3.80 34.61 17.27
N ALA A 204 -3.93 35.72 17.97
CA ALA A 204 -3.85 35.71 19.43
C ALA A 204 -5.11 35.07 20.01
N PRO A 205 -4.99 34.12 20.93
CA PRO A 205 -6.18 33.49 21.50
C PRO A 205 -6.79 34.37 22.57
N PRO A 206 -8.10 34.28 22.79
CA PRO A 206 -8.76 35.17 23.75
C PRO A 206 -8.60 34.70 25.18
N GLU A 207 -8.89 35.62 26.10
CA GLU A 207 -8.91 35.34 27.53
C GLU A 207 -10.34 35.15 28.01
N VAL A 208 -10.51 34.26 28.98
CA VAL A 208 -11.82 34.01 29.57
C VAL A 208 -11.68 33.84 31.08
N ALA A 215 -19.77 26.80 34.71
CA ALA A 215 -18.90 25.72 35.15
C ALA A 215 -19.72 24.56 35.70
N ALA A 216 -20.83 24.25 35.02
CA ALA A 216 -21.75 23.22 35.48
C ALA A 216 -21.49 21.90 34.79
N GLN A 217 -21.94 21.75 33.54
CA GLN A 217 -21.83 20.49 32.81
C GLN A 217 -20.45 20.31 32.16
N TYR A 218 -19.41 20.95 32.69
CA TYR A 218 -18.04 20.68 32.27
C TYR A 218 -17.42 19.60 33.15
N GLU A 219 -17.50 19.78 34.47
CA GLU A 219 -17.00 18.75 35.39
C GLU A 219 -17.66 17.41 35.11
N HIS A 220 -18.86 17.42 34.53
CA HIS A 220 -19.53 16.18 34.13
C HIS A 220 -18.95 15.63 32.84
N ASP A 221 -18.72 16.50 31.84
CA ASP A 221 -18.12 16.05 30.59
C ASP A 221 -16.67 15.62 30.80
N LEU A 222 -15.96 16.29 31.71
CA LEU A 222 -14.57 15.93 31.98
C LEU A 222 -14.47 14.54 32.58
N GLU A 223 -15.41 14.18 33.45
CA GLU A 223 -15.37 12.87 34.08
C GLU A 223 -15.52 11.76 33.06
N VAL A 224 -16.45 11.90 32.12
CA VAL A 224 -16.63 10.90 31.07
C VAL A 224 -15.35 10.77 30.26
N ALA A 225 -14.82 11.90 29.80
CA ALA A 225 -13.62 11.89 28.98
C ALA A 225 -12.43 11.32 29.74
N GLN A 226 -12.41 11.47 31.06
CA GLN A 226 -11.33 10.90 31.86
C GLN A 226 -11.40 9.37 31.89
N THR A 227 -12.61 8.81 31.94
CA THR A 227 -12.79 7.37 32.05
C THR A 227 -12.97 6.69 30.71
N THR A 228 -12.75 7.39 29.60
CA THR A 228 -12.74 6.80 28.27
C THR A 228 -11.28 6.74 27.83
N ALA A 229 -10.75 5.52 27.73
CA ALA A 229 -9.34 5.35 27.43
C ALA A 229 -8.99 5.96 26.08
N LEU A 230 -7.76 6.47 25.99
CA LEU A 230 -7.26 6.97 24.72
C LEU A 230 -6.94 5.80 23.79
N PRO A 231 -7.20 5.94 22.49
CA PRO A 231 -6.91 4.84 21.57
C PRO A 231 -5.42 4.71 21.28
N ASP A 232 -5.04 3.52 20.82
CA ASP A 232 -3.68 3.25 20.35
C ASP A 232 -2.65 3.66 21.39
N GLU A 233 -2.80 3.11 22.60
CA GLU A 233 -1.89 3.43 23.69
C GLU A 233 -0.51 2.82 23.48
N ASP A 234 -0.35 1.90 22.53
CA ASP A 234 0.93 1.29 22.25
C ASP A 234 1.77 2.06 21.23
N ASP A 235 1.17 3.00 20.51
CA ASP A 235 1.91 3.77 19.53
C ASP A 235 3.02 4.58 20.20
N ASP A 236 4.05 4.92 19.42
CA ASP A 236 5.12 5.77 19.92
C ASP A 236 4.61 7.13 20.36
N LEU A 237 3.45 7.55 19.86
CA LEU A 237 2.79 8.75 20.34
C LEU A 237 1.27 8.54 20.32
N ILE B 5 34.50 50.88 -11.52
CA ILE B 5 33.19 51.51 -11.69
C ILE B 5 32.13 50.69 -10.97
N HIS B 6 31.04 51.35 -10.59
CA HIS B 6 29.97 50.74 -9.80
C HIS B 6 29.07 49.92 -10.73
N PHE B 7 29.24 48.59 -10.69
CA PHE B 7 28.40 47.67 -11.45
C PHE B 7 27.19 47.29 -10.59
N GLU B 8 26.01 47.71 -11.01
CA GLU B 8 24.80 47.36 -10.26
C GLU B 8 24.65 45.84 -10.23
N PRO B 9 24.34 45.25 -9.07
CA PRO B 9 24.16 43.80 -8.99
C PRO B 9 22.80 43.40 -9.56
N VAL B 10 22.56 42.09 -9.58
CA VAL B 10 21.30 41.56 -10.09
C VAL B 10 20.18 41.81 -9.08
N THR B 20 3.76 34.22 10.10
CA THR B 20 3.27 33.14 10.94
C THR B 20 2.59 33.67 12.20
N MET B 21 2.79 34.97 12.48
CA MET B 21 2.23 35.61 13.67
C MET B 21 2.76 34.96 14.95
N GLU B 22 4.06 34.65 14.96
CA GLU B 22 4.74 34.11 16.13
C GLU B 22 6.05 34.84 16.42
N GLU B 23 6.37 35.89 15.67
CA GLU B 23 7.68 36.53 15.80
C GLU B 23 7.78 37.34 17.08
N ASP B 24 6.65 37.83 17.61
CA ASP B 24 6.64 38.64 18.83
C ASP B 24 6.44 37.78 20.08
N GLU B 25 6.89 36.53 20.07
CA GLU B 25 6.66 35.62 21.18
C GLU B 25 7.94 34.82 21.47
N GLU B 26 8.12 34.49 22.74
CA GLU B 26 9.24 33.67 23.19
C GLU B 26 8.77 32.23 23.38
N VAL B 27 9.64 31.28 23.01
CA VAL B 27 9.35 29.86 23.13
C VAL B 27 9.81 29.42 24.52
N LEU B 28 8.86 29.23 25.43
CA LEU B 28 9.20 28.79 26.78
C LEU B 28 9.46 27.30 26.87
N TYR B 29 8.78 26.50 26.04
CA TYR B 29 8.83 25.06 26.15
C TYR B 29 8.37 24.46 24.83
N LYS B 30 9.03 23.37 24.42
CA LYS B 30 8.67 22.66 23.21
C LYS B 30 8.74 21.16 23.47
N VAL B 31 7.79 20.42 22.90
CA VAL B 31 7.74 18.96 23.08
C VAL B 31 6.85 18.37 22.00
N ARG B 32 7.21 17.18 21.55
CA ARG B 32 6.36 16.43 20.62
C ARG B 32 5.20 15.80 21.38
N ALA B 33 4.02 15.82 20.75
CA ALA B 33 2.84 15.29 21.40
C ALA B 33 1.78 14.98 20.35
N LYS B 34 0.75 14.25 20.78
CA LYS B 34 -0.43 14.00 19.98
C LYS B 34 -1.64 14.54 20.74
N LEU B 35 -2.45 15.33 20.05
CA LEU B 35 -3.57 16.01 20.69
C LEU B 35 -4.88 15.33 20.30
N PHE B 36 -5.71 15.05 21.31
CA PHE B 36 -7.03 14.48 21.12
C PHE B 36 -8.10 15.47 21.58
N ARG B 37 -9.29 15.35 21.00
CA ARG B 37 -10.46 16.10 21.46
C ARG B 37 -11.60 15.11 21.62
N PHE B 38 -12.30 15.21 22.74
CA PHE B 38 -13.34 14.25 23.09
C PHE B 38 -14.64 14.61 22.38
N ASP B 39 -15.20 13.65 21.65
CA ASP B 39 -16.51 13.81 21.03
C ASP B 39 -17.56 13.26 21.99
N ALA B 40 -18.30 14.16 22.64
CA ALA B 40 -19.25 13.73 23.65
C ALA B 40 -20.35 12.87 23.05
N ASP B 41 -20.93 13.31 21.93
CA ASP B 41 -22.02 12.57 21.31
C ASP B 41 -21.57 11.16 20.93
N ALA B 42 -20.57 11.06 20.04
CA ALA B 42 -20.03 9.76 19.67
C ALA B 42 -19.41 9.04 20.86
N LYS B 43 -19.00 9.78 21.88
CA LYS B 43 -18.49 9.20 23.13
C LYS B 43 -17.15 8.49 22.89
N GLU B 44 -16.20 9.22 22.32
CA GLU B 44 -14.89 8.65 22.04
C GLU B 44 -13.90 9.77 21.75
N TRP B 45 -12.62 9.44 21.89
CA TRP B 45 -11.55 10.37 21.58
C TRP B 45 -11.24 10.35 20.08
N LYS B 46 -11.02 11.52 19.51
CA LYS B 46 -10.65 11.66 18.11
C LYS B 46 -9.37 12.49 18.02
N GLU B 47 -8.37 11.95 17.31
CA GLU B 47 -7.14 12.68 17.10
C GLU B 47 -7.43 14.03 16.46
N ARG B 48 -6.61 15.02 16.82
CA ARG B 48 -6.68 16.33 16.20
C ARG B 48 -5.39 16.77 15.53
N GLY B 49 -4.25 16.19 15.91
CA GLY B 49 -2.99 16.54 15.28
C GLY B 49 -1.79 16.00 16.03
N THR B 50 -0.68 15.79 15.32
CA THR B 50 0.57 15.36 15.91
C THR B 50 1.67 16.29 15.43
N GLY B 51 2.43 16.83 16.39
CA GLY B 51 3.50 17.74 16.04
C GLY B 51 4.13 18.32 17.29
N ASP B 52 4.74 19.50 17.13
CA ASP B 52 5.41 20.18 18.23
C ASP B 52 4.41 21.06 18.97
N CYS B 53 4.29 20.83 20.28
CA CYS B 53 3.48 21.66 21.15
C CYS B 53 4.39 22.70 21.80
N LYS B 54 4.09 23.98 21.57
CA LYS B 54 4.94 25.07 22.02
C LYS B 54 4.20 25.94 23.03
N PHE B 55 4.94 26.43 24.03
CA PHE B 55 4.44 27.44 24.95
C PHE B 55 5.04 28.78 24.53
N LEU B 56 4.18 29.69 24.08
CA LEU B 56 4.62 30.98 23.53
C LEU B 56 4.17 32.10 24.46
N LYS B 57 5.13 32.86 24.98
CA LYS B 57 4.86 34.02 25.81
C LYS B 57 4.92 35.27 24.94
N ASN B 58 3.85 36.05 24.95
CA ASN B 58 3.81 37.31 24.20
C ASN B 58 4.67 38.34 24.92
N LYS B 59 5.63 38.91 24.18
CA LYS B 59 6.56 39.87 24.77
C LYS B 59 5.88 41.17 25.18
N LYS B 60 4.75 41.50 24.56
CA LYS B 60 4.05 42.74 24.90
C LYS B 60 3.16 42.56 26.13
N THR B 61 2.39 41.46 26.17
CA THR B 61 1.44 41.22 27.24
C THR B 61 1.93 40.21 28.27
N ASN B 62 3.00 39.47 27.99
CA ASN B 62 3.50 38.42 28.86
C ASN B 62 2.48 37.29 29.06
N LYS B 63 1.48 37.22 28.19
CA LYS B 63 0.51 36.13 28.24
C LYS B 63 1.06 34.91 27.50
N VAL B 64 0.95 33.75 28.13
CA VAL B 64 1.49 32.50 27.58
C VAL B 64 0.33 31.69 27.00
N ARG B 65 0.56 31.11 25.82
CA ARG B 65 -0.43 30.30 25.14
C ARG B 65 0.19 28.99 24.70
N ILE B 66 -0.67 28.05 24.33
CA ILE B 66 -0.27 26.83 23.66
C ILE B 66 -0.52 27.03 22.17
N LEU B 67 0.48 26.70 21.36
CA LEU B 67 0.33 26.67 19.91
C LEU B 67 0.92 25.36 19.40
N MET B 68 0.11 24.59 18.69
CA MET B 68 0.53 23.28 18.20
C MET B 68 0.14 23.18 16.73
N ARG B 69 1.12 22.82 15.89
CA ARG B 69 0.91 22.66 14.47
C ARG B 69 1.13 21.21 14.07
N ARG B 70 0.40 20.78 13.05
CA ARG B 70 0.58 19.44 12.51
C ARG B 70 1.86 19.36 11.70
N ASP B 71 2.53 18.21 11.77
CA ASP B 71 3.67 17.96 10.90
C ASP B 71 3.26 18.09 9.44
N LYS B 72 4.20 18.51 8.61
CA LYS B 72 4.04 18.51 7.16
C LYS B 72 3.08 19.59 6.68
N THR B 73 1.81 19.53 7.11
CA THR B 73 0.85 20.55 6.69
C THR B 73 1.00 21.84 7.49
N LEU B 74 1.51 21.76 8.71
CA LEU B 74 1.74 22.92 9.57
C LEU B 74 0.45 23.61 9.94
N LYS B 75 -0.69 22.96 9.77
CA LYS B 75 -1.96 23.52 10.19
C LYS B 75 -2.07 23.50 11.71
N ILE B 76 -2.72 24.52 12.25
CA ILE B 76 -2.84 24.68 13.70
C ILE B 76 -3.90 23.72 14.22
N CYS B 77 -3.53 22.92 15.22
CA CYS B 77 -4.47 22.04 15.90
C CYS B 77 -4.71 22.45 17.35
N ALA B 78 -4.05 23.50 17.83
CA ALA B 78 -4.31 24.03 19.16
C ALA B 78 -3.81 25.47 19.22
N ASN B 79 -4.64 26.36 19.77
CA ASN B 79 -4.24 27.76 19.95
C ASN B 79 -5.16 28.34 21.02
N HIS B 80 -4.67 28.42 22.25
CA HIS B 80 -5.48 28.92 23.35
C HIS B 80 -4.57 29.35 24.49
N ILE B 81 -5.06 30.29 25.30
CA ILE B 81 -4.33 30.72 26.49
C ILE B 81 -4.28 29.58 27.50
N ILE B 82 -3.16 29.49 28.21
CA ILE B 82 -3.03 28.54 29.32
C ILE B 82 -3.68 29.15 30.54
N ALA B 83 -5.01 29.09 30.60
CA ALA B 83 -5.76 29.78 31.64
C ALA B 83 -5.31 29.31 33.02
N PRO B 84 -5.21 30.21 34.02
CA PRO B 84 -4.84 29.75 35.36
C PRO B 84 -5.84 28.79 35.99
N GLU B 85 -7.10 28.83 35.59
CA GLU B 85 -8.12 27.97 36.18
C GLU B 85 -8.20 26.61 35.50
N TYR B 86 -7.39 26.35 34.48
CA TYR B 86 -7.34 25.02 33.88
C TYR B 86 -6.62 24.05 34.79
N THR B 87 -7.05 22.79 34.76
CA THR B 87 -6.52 21.75 35.62
C THR B 87 -6.21 20.51 34.79
N LEU B 88 -5.02 19.96 34.98
CA LEU B 88 -4.59 18.77 34.25
C LEU B 88 -4.92 17.52 35.06
N LYS B 89 -5.64 16.60 34.42
CA LYS B 89 -6.04 15.34 35.05
C LYS B 89 -5.49 14.16 34.24
N PRO B 90 -5.28 13.01 34.86
CA PRO B 90 -4.82 11.85 34.10
C PRO B 90 -5.96 11.12 33.40
N ASN B 91 -5.58 10.39 32.35
CA ASN B 91 -6.49 9.52 31.64
C ASN B 91 -6.37 8.11 32.20
N VAL B 92 -7.51 7.41 32.27
CA VAL B 92 -7.54 6.12 32.97
C VAL B 92 -6.59 5.13 32.33
N GLY B 93 -6.36 5.24 31.02
CA GLY B 93 -5.60 4.20 30.33
C GLY B 93 -4.20 4.62 29.90
N SER B 94 -3.64 5.65 30.52
CA SER B 94 -2.33 6.16 30.11
C SER B 94 -1.63 6.80 31.29
N ASP B 95 -0.31 6.62 31.35
CA ASP B 95 0.54 7.30 32.32
C ASP B 95 1.41 8.37 31.68
N ARG B 96 1.14 8.72 30.42
CA ARG B 96 1.91 9.73 29.69
C ARG B 96 0.98 10.67 28.96
N SER B 97 -0.17 10.99 29.56
CA SER B 97 -1.16 11.86 28.95
C SER B 97 -1.78 12.75 30.02
N TRP B 98 -2.40 13.83 29.57
CA TRP B 98 -3.17 14.72 30.43
C TRP B 98 -4.45 15.12 29.69
N VAL B 99 -5.51 15.29 30.46
CA VAL B 99 -6.80 15.73 29.95
C VAL B 99 -7.23 16.97 30.71
N TYR B 100 -7.84 17.91 29.99
CA TYR B 100 -8.34 19.12 30.61
C TYR B 100 -9.33 19.79 29.67
N ALA B 101 -10.22 20.59 30.26
CA ALA B 101 -11.21 21.33 29.50
C ALA B 101 -10.68 22.69 29.10
N CYS B 102 -11.09 23.14 27.93
CA CYS B 102 -10.64 24.41 27.37
C CYS B 102 -11.85 25.13 26.79
N THR B 103 -12.09 26.36 27.24
CA THR B 103 -13.31 27.08 26.89
C THR B 103 -13.16 27.95 25.66
N ALA B 104 -11.94 28.19 25.17
CA ALA B 104 -11.74 29.05 24.02
C ALA B 104 -10.48 28.60 23.29
N ASP B 105 -10.66 27.85 22.20
CA ASP B 105 -9.58 27.48 21.31
C ASP B 105 -9.93 27.93 19.90
N ILE B 106 -8.98 28.57 19.22
CA ILE B 106 -9.24 29.19 17.93
C ILE B 106 -8.38 28.56 16.84
N ALA B 107 -8.08 27.26 16.98
CA ALA B 107 -7.29 26.58 15.96
C ALA B 107 -8.06 26.48 14.66
N GLU B 108 -9.37 26.22 14.73
CA GLU B 108 -10.21 26.11 13.54
C GLU B 108 -11.07 27.33 13.32
N GLY B 109 -10.79 28.44 14.00
CA GLY B 109 -11.52 29.67 13.78
C GLY B 109 -12.27 30.15 15.00
N GLU B 110 -13.58 29.94 15.02
CA GLU B 110 -14.41 30.41 16.11
C GLU B 110 -13.94 29.84 17.44
N ALA B 111 -13.90 30.68 18.46
CA ALA B 111 -13.45 30.26 19.78
C ALA B 111 -14.40 29.23 20.38
N GLU B 112 -14.14 27.95 20.12
CA GLU B 112 -14.97 26.88 20.66
C GLU B 112 -14.42 26.37 21.98
N ALA B 113 -15.23 25.59 22.67
CA ALA B 113 -14.83 24.91 23.89
C ALA B 113 -14.57 23.45 23.60
N PHE B 114 -13.53 22.89 24.23
CA PHE B 114 -13.12 21.52 23.99
C PHE B 114 -12.68 20.88 25.29
N THR B 115 -12.82 19.55 25.35
CA THR B 115 -12.12 18.72 26.32
C THR B 115 -10.96 18.09 25.57
N PHE B 116 -9.74 18.54 25.87
CA PHE B 116 -8.55 18.08 25.18
C PHE B 116 -7.84 17.00 25.98
N ALA B 117 -7.15 16.13 25.26
CA ALA B 117 -6.18 15.20 25.85
C ALA B 117 -4.92 15.25 25.01
N ILE B 118 -3.78 15.27 25.68
CA ILE B 118 -2.48 15.37 25.01
C ILE B 118 -1.59 14.26 25.55
N ARG B 119 -1.00 13.48 24.64
CA ARG B 119 -0.15 12.36 24.99
C ARG B 119 1.25 12.62 24.47
N PHE B 120 2.24 12.11 25.19
CA PHE B 120 3.64 12.36 24.91
C PHE B 120 4.40 11.04 24.76
N GLY B 121 5.66 11.14 24.36
CA GLY B 121 6.45 9.95 24.11
C GLY B 121 6.74 9.13 25.35
N SER B 122 6.84 9.80 26.50
CA SER B 122 7.20 9.12 27.74
C SER B 122 6.50 9.79 28.90
N LYS B 123 6.50 9.10 30.04
CA LYS B 123 6.00 9.69 31.27
C LYS B 123 6.82 10.91 31.66
N GLU B 124 8.13 10.87 31.41
CA GLU B 124 8.99 11.99 31.74
C GLU B 124 8.52 13.25 31.02
N ASN B 125 8.32 13.16 29.70
CA ASN B 125 7.86 14.32 28.94
C ASN B 125 6.49 14.79 29.43
N ALA B 126 5.63 13.85 29.85
CA ALA B 126 4.32 14.23 30.35
C ALA B 126 4.44 15.00 31.66
N ASP B 127 5.26 14.49 32.60
CA ASP B 127 5.45 15.18 33.87
C ASP B 127 6.10 16.54 33.65
N LYS B 128 7.09 16.61 32.76
CA LYS B 128 7.71 17.90 32.47
C LYS B 128 6.70 18.87 31.88
N PHE B 129 5.86 18.38 30.97
CA PHE B 129 4.78 19.21 30.42
C PHE B 129 3.90 19.78 31.53
N LYS B 130 3.55 18.94 32.52
CA LYS B 130 2.73 19.40 33.63
C LYS B 130 3.44 20.49 34.43
N GLU B 131 4.75 20.34 34.62
CA GLU B 131 5.51 21.35 35.36
C GLU B 131 5.49 22.68 34.63
N GLU B 132 5.80 22.66 33.33
CA GLU B 132 5.81 23.89 32.54
C GLU B 132 4.40 24.46 32.39
N PHE B 133 3.40 23.59 32.28
CA PHE B 133 2.02 24.05 32.17
C PHE B 133 1.62 24.90 33.38
N GLU B 134 2.05 24.48 34.57
CA GLU B 134 1.71 25.22 35.79
C GLU B 134 2.54 26.49 35.93
N LYS B 135 3.82 26.43 35.56
CA LYS B 135 4.62 27.64 35.50
C LYS B 135 3.94 28.69 34.62
N ALA B 136 3.46 28.28 33.45
CA ALA B 136 2.78 29.20 32.56
C ALA B 136 1.50 29.75 33.17
N GLN B 137 0.82 28.96 34.01
CA GLN B 137 -0.40 29.43 34.65
C GLN B 137 -0.11 30.52 35.67
N GLU B 138 1.02 30.43 36.37
CA GLU B 138 1.40 31.48 37.30
C GLU B 138 1.77 32.76 36.56
N ILE B 139 2.47 32.62 35.44
CA ILE B 139 2.80 33.78 34.62
C ILE B 139 1.53 34.49 34.18
N ASN B 140 0.58 33.74 33.61
CA ASN B 140 -0.68 34.34 33.17
C ASN B 140 -1.44 34.96 34.32
N LYS B 141 -1.25 34.46 35.53
CA LYS B 141 -1.92 35.05 36.69
C LYS B 141 -1.43 36.47 36.92
N LYS B 142 -0.12 36.69 36.85
CA LYS B 142 0.45 38.02 37.04
C LYS B 142 0.22 38.92 35.81
N SER C 3 -39.43 20.16 -3.44
CA SER C 3 -39.22 21.12 -4.57
C SER C 3 -38.50 20.41 -5.72
N MET C 4 -37.22 20.07 -5.49
CA MET C 4 -36.45 19.34 -6.49
C MET C 4 -36.87 17.88 -6.61
N GLU C 5 -37.89 17.44 -5.87
CA GLU C 5 -38.31 16.05 -5.88
C GLU C 5 -39.41 15.76 -6.89
N GLY C 6 -40.06 16.78 -7.44
CA GLY C 6 -41.07 16.58 -8.46
C GLY C 6 -40.54 15.75 -9.61
N ILE C 7 -39.22 15.76 -9.79
CA ILE C 7 -38.59 14.92 -10.80
C ILE C 7 -38.79 13.45 -10.50
N LEU C 8 -38.83 13.08 -9.21
CA LEU C 8 -38.90 11.67 -8.85
C LEU C 8 -40.28 11.07 -9.07
N ASP C 9 -41.33 11.89 -9.09
CA ASP C 9 -42.68 11.39 -9.29
C ASP C 9 -42.91 11.16 -10.78
N PHE C 10 -42.98 9.89 -11.18
CA PHE C 10 -43.14 9.53 -12.59
C PHE C 10 -44.60 9.44 -13.03
N SER C 11 -45.55 9.51 -12.10
CA SER C 11 -46.95 9.56 -12.48
C SER C 11 -47.22 10.76 -13.38
N ASN C 12 -46.76 11.93 -12.97
CA ASN C 12 -46.81 13.12 -13.80
C ASN C 12 -45.62 13.11 -14.76
N ASP C 13 -45.73 13.94 -15.80
CA ASP C 13 -44.67 14.04 -16.79
C ASP C 13 -43.39 14.58 -16.15
N LEU C 14 -42.28 14.42 -16.87
CA LEU C 14 -41.00 14.91 -16.41
C LEU C 14 -40.84 16.38 -16.78
N ASP C 15 -40.48 17.19 -15.79
CA ASP C 15 -40.20 18.62 -16.02
C ASP C 15 -38.72 18.74 -16.32
N ILE C 16 -38.38 18.83 -17.61
CA ILE C 16 -36.98 18.89 -18.02
C ILE C 16 -36.33 20.18 -17.52
N ALA C 17 -37.06 21.29 -17.57
CA ALA C 17 -36.53 22.53 -17.02
C ALA C 17 -36.18 22.39 -15.54
N LEU C 18 -36.95 21.58 -14.81
CA LEU C 18 -36.63 21.29 -13.42
C LEU C 18 -35.44 20.34 -13.30
N LEU C 19 -35.42 19.28 -14.11
CA LEU C 19 -34.28 18.38 -14.12
C LEU C 19 -32.99 19.14 -14.39
N ASP C 20 -33.02 20.03 -15.39
CA ASP C 20 -31.82 20.79 -15.72
C ASP C 20 -31.32 21.61 -14.54
N GLN C 21 -32.22 22.04 -13.64
CA GLN C 21 -31.79 22.84 -12.50
C GLN C 21 -31.30 21.97 -11.35
N VAL C 22 -31.92 20.81 -11.14
CA VAL C 22 -31.41 19.87 -10.14
C VAL C 22 -29.98 19.48 -10.49
N VAL C 23 -29.72 19.16 -11.76
CA VAL C 23 -28.37 18.84 -12.20
C VAL C 23 -27.44 20.01 -11.96
N SER C 24 -27.88 21.22 -12.29
CA SER C 24 -27.03 22.40 -12.12
C SER C 24 -26.69 22.62 -10.65
N THR C 25 -27.68 22.41 -9.76
CA THR C 25 -27.42 22.58 -8.34
C THR C 25 -26.39 21.59 -7.85
N PHE C 26 -26.45 20.33 -8.32
CA PHE C 26 -25.52 19.31 -7.85
C PHE C 26 -24.09 19.64 -8.24
N TYR C 27 -23.88 20.02 -9.50
CA TYR C 27 -22.52 20.27 -9.97
C TYR C 27 -22.02 21.66 -9.56
N GLN C 28 -22.75 22.71 -9.93
CA GLN C 28 -22.31 24.08 -9.64
C GLN C 28 -22.69 24.56 -8.25
N GLY C 29 -23.43 23.76 -7.47
CA GLY C 29 -23.86 24.17 -6.16
C GLY C 29 -22.90 23.72 -5.07
N SER C 30 -23.37 23.86 -3.83
CA SER C 30 -22.54 23.53 -2.67
C SER C 30 -23.46 23.28 -1.48
N GLY C 31 -22.86 22.82 -0.39
CA GLY C 31 -23.54 22.64 0.88
C GLY C 31 -24.67 21.63 0.80
N VAL C 32 -25.74 21.93 1.53
CA VAL C 32 -26.88 21.02 1.62
C VAL C 32 -27.64 20.98 0.29
N GLN C 33 -27.76 22.15 -0.35
CA GLN C 33 -28.41 22.21 -1.66
C GLN C 33 -27.78 21.20 -2.62
N GLN C 34 -26.45 21.19 -2.69
CA GLN C 34 -25.75 20.23 -3.52
C GLN C 34 -25.96 18.81 -3.02
N LYS C 35 -25.92 18.61 -1.70
CA LYS C 35 -26.08 17.27 -1.14
C LYS C 35 -27.46 16.70 -1.45
N GLN C 36 -28.52 17.49 -1.19
CA GLN C 36 -29.86 17.00 -1.45
C GLN C 36 -30.06 16.67 -2.92
N ALA C 37 -29.58 17.55 -3.81
CA ALA C 37 -29.67 17.27 -5.24
C ALA C 37 -28.91 16.00 -5.61
N GLN C 38 -27.93 15.60 -4.81
CA GLN C 38 -27.21 14.37 -5.08
C GLN C 38 -28.09 13.15 -4.83
N GLU C 39 -28.72 13.08 -3.66
CA GLU C 39 -29.57 11.94 -3.34
C GLU C 39 -30.77 11.87 -4.27
N ILE C 40 -31.22 13.01 -4.80
CA ILE C 40 -32.33 13.01 -5.73
C ILE C 40 -31.89 12.47 -7.09
N LEU C 41 -30.79 12.98 -7.62
CA LEU C 41 -30.29 12.49 -8.90
C LEU C 41 -30.00 11.00 -8.84
N THR C 42 -29.49 10.51 -7.70
CA THR C 42 -29.23 9.09 -7.55
C THR C 42 -30.51 8.29 -7.69
N LYS C 43 -31.56 8.71 -6.97
CA LYS C 43 -32.82 7.97 -7.02
C LYS C 43 -33.47 8.06 -8.39
N PHE C 44 -33.42 9.24 -9.03
CA PHE C 44 -33.94 9.35 -10.39
C PHE C 44 -33.24 8.38 -11.33
N GLN C 45 -31.93 8.20 -11.15
CA GLN C 45 -31.19 7.28 -12.00
C GLN C 45 -31.53 5.83 -11.69
N ASP C 46 -31.75 5.51 -10.41
CA ASP C 46 -32.03 4.15 -10.00
C ASP C 46 -33.44 3.69 -10.36
N ASN C 47 -34.29 4.59 -10.85
CA ASN C 47 -35.64 4.20 -11.24
C ASN C 47 -35.58 3.25 -12.44
N PRO C 48 -36.16 2.05 -12.36
CA PRO C 48 -36.12 1.14 -13.52
C PRO C 48 -36.74 1.71 -14.78
N ASP C 49 -37.55 2.76 -14.69
CA ASP C 49 -38.20 3.36 -15.85
C ASP C 49 -37.56 4.66 -16.28
N ALA C 50 -36.48 5.09 -15.64
CA ALA C 50 -35.84 6.35 -16.01
C ALA C 50 -35.34 6.34 -17.45
N TRP C 51 -35.02 5.16 -17.98
CA TRP C 51 -34.52 5.07 -19.34
C TRP C 51 -35.55 5.60 -20.35
N GLN C 52 -36.83 5.51 -20.02
CA GLN C 52 -37.88 6.00 -20.91
C GLN C 52 -37.85 7.50 -21.08
N LYS C 53 -37.27 8.23 -20.13
CA LYS C 53 -37.16 9.68 -20.22
C LYS C 53 -35.89 10.12 -20.95
N ALA C 54 -35.02 9.18 -21.32
CA ALA C 54 -33.78 9.55 -21.99
C ALA C 54 -34.03 10.25 -23.32
N ASP C 55 -35.02 9.77 -24.09
CA ASP C 55 -35.27 10.32 -25.40
C ASP C 55 -35.58 11.82 -25.32
N GLN C 56 -36.50 12.20 -24.44
CA GLN C 56 -36.92 13.60 -24.38
C GLN C 56 -35.81 14.49 -23.82
N ILE C 57 -35.06 13.99 -22.84
CA ILE C 57 -33.98 14.78 -22.26
C ILE C 57 -32.96 15.15 -23.32
N LEU C 58 -32.68 14.23 -24.24
CA LEU C 58 -31.59 14.43 -25.20
C LEU C 58 -31.92 15.47 -26.26
N GLN C 59 -33.20 15.81 -26.46
CA GLN C 59 -33.58 16.80 -27.46
C GLN C 59 -34.28 18.02 -26.87
N PHE C 60 -34.67 18.01 -25.60
CA PHE C 60 -35.33 19.15 -24.98
C PHE C 60 -34.56 19.70 -23.79
N SER C 61 -33.33 19.25 -23.57
CA SER C 61 -32.53 19.72 -22.45
C SER C 61 -31.51 20.76 -22.92
N THR C 62 -31.21 21.71 -22.03
CA THR C 62 -30.16 22.69 -22.27
C THR C 62 -28.90 22.39 -21.47
N ASN C 63 -28.95 21.43 -20.54
CA ASN C 63 -27.83 21.15 -19.66
C ASN C 63 -27.08 19.93 -20.16
N PRO C 64 -25.83 20.07 -20.62
CA PRO C 64 -25.09 18.88 -21.07
C PRO C 64 -24.97 17.81 -20.00
N GLN C 65 -24.90 18.19 -18.71
CA GLN C 65 -24.79 17.19 -17.66
C GLN C 65 -26.05 16.32 -17.59
N SER C 66 -27.22 16.93 -17.74
CA SER C 66 -28.46 16.15 -17.75
C SER C 66 -28.43 15.12 -18.87
N LYS C 67 -28.00 15.53 -20.07
CA LYS C 67 -27.88 14.60 -21.17
C LYS C 67 -26.84 13.52 -20.88
N PHE C 68 -25.77 13.88 -20.16
CA PHE C 68 -24.78 12.89 -19.77
C PHE C 68 -25.38 11.85 -18.83
N ILE C 69 -26.09 12.31 -17.81
CA ILE C 69 -26.77 11.38 -16.90
C ILE C 69 -27.80 10.56 -17.65
N ALA C 70 -28.45 11.15 -18.66
CA ALA C 70 -29.40 10.39 -19.47
C ALA C 70 -28.70 9.23 -20.16
N LEU C 71 -27.55 9.49 -20.77
CA LEU C 71 -26.80 8.43 -21.43
C LEU C 71 -26.33 7.39 -20.42
N SER C 72 -25.99 7.81 -19.19
CA SER C 72 -25.63 6.86 -18.16
C SER C 72 -26.80 5.94 -17.84
N ILE C 73 -28.01 6.50 -17.78
CA ILE C 73 -29.20 5.68 -17.52
C ILE C 73 -29.41 4.69 -18.66
N LEU C 74 -29.25 5.13 -19.91
CA LEU C 74 -29.33 4.21 -21.03
C LEU C 74 -28.22 3.16 -20.97
N ASP C 75 -27.04 3.56 -20.51
CA ASP C 75 -25.93 2.62 -20.39
C ASP C 75 -26.31 1.45 -19.48
N LYS C 76 -26.91 1.74 -18.32
CA LYS C 76 -27.37 0.68 -17.43
C LYS C 76 -28.31 -0.27 -18.15
N LEU C 77 -29.28 0.28 -18.89
CA LEU C 77 -30.26 -0.54 -19.58
C LEU C 77 -29.59 -1.39 -20.66
N ILE C 78 -28.82 -0.76 -21.54
CA ILE C 78 -28.13 -1.48 -22.60
C ILE C 78 -27.29 -2.62 -22.03
N THR C 79 -26.74 -2.43 -20.83
CA THR C 79 -25.81 -3.40 -20.26
C THR C 79 -26.53 -4.61 -19.66
N ARG C 80 -27.66 -4.38 -18.98
CA ARG C 80 -28.27 -5.40 -18.13
C ARG C 80 -29.59 -5.95 -18.64
N LYS C 81 -30.36 -5.16 -19.41
CA LYS C 81 -31.71 -5.58 -19.80
C LYS C 81 -31.98 -5.40 -21.28
N TRP C 82 -30.93 -5.20 -22.09
CA TRP C 82 -31.13 -5.01 -23.53
C TRP C 82 -31.86 -6.19 -24.16
N LYS C 83 -31.67 -7.40 -23.63
CA LYS C 83 -32.26 -8.59 -24.26
C LYS C 83 -33.77 -8.58 -24.15
N LEU C 84 -34.31 -8.40 -22.94
CA LEU C 84 -35.76 -8.40 -22.75
C LEU C 84 -36.44 -7.21 -23.42
N LEU C 85 -35.70 -6.33 -24.07
CA LEU C 85 -36.28 -5.13 -24.64
C LEU C 85 -36.94 -5.45 -25.97
N PRO C 86 -38.23 -5.16 -26.15
CA PRO C 86 -38.86 -5.40 -27.46
C PRO C 86 -38.10 -4.67 -28.56
N ASN C 87 -38.06 -5.29 -29.74
CA ASN C 87 -37.35 -4.71 -30.86
C ASN C 87 -37.85 -3.30 -31.20
N ASP C 88 -39.03 -2.93 -30.71
CA ASP C 88 -39.53 -1.57 -30.90
C ASP C 88 -38.55 -0.55 -30.31
N HIS C 89 -38.19 -0.71 -29.03
CA HIS C 89 -37.32 0.26 -28.38
C HIS C 89 -35.88 0.10 -28.84
N ARG C 90 -35.42 -1.14 -29.04
CA ARG C 90 -34.02 -1.36 -29.40
C ARG C 90 -33.65 -0.63 -30.68
N ILE C 91 -34.53 -0.66 -31.68
CA ILE C 91 -34.24 0.04 -32.94
C ILE C 91 -34.36 1.54 -32.74
N GLY C 92 -35.25 1.98 -31.86
CA GLY C 92 -35.44 3.41 -31.65
C GLY C 92 -34.29 4.04 -30.88
N ILE C 93 -33.86 3.39 -29.79
CA ILE C 93 -32.76 3.92 -29.00
C ILE C 93 -31.51 4.06 -29.86
N ARG C 94 -31.22 3.06 -30.69
CA ARG C 94 -30.13 3.16 -31.64
C ARG C 94 -30.29 4.40 -32.51
N ASN C 95 -31.53 4.70 -32.93
CA ASN C 95 -31.73 5.72 -33.95
C ASN C 95 -31.46 7.12 -33.42
N PHE C 96 -31.92 7.44 -32.20
CA PHE C 96 -31.72 8.80 -31.71
C PHE C 96 -30.34 9.00 -31.10
N VAL C 97 -29.69 7.93 -30.62
CA VAL C 97 -28.29 8.04 -30.24
C VAL C 97 -27.45 8.35 -31.47
N VAL C 98 -27.69 7.62 -32.56
CA VAL C 98 -26.99 7.91 -33.82
C VAL C 98 -27.30 9.33 -34.27
N GLY C 99 -28.59 9.68 -34.33
CA GLY C 99 -28.96 11.02 -34.75
C GLY C 99 -28.36 12.10 -33.86
N MET C 100 -28.39 11.87 -32.54
CA MET C 100 -27.75 12.81 -31.61
C MET C 100 -26.29 13.03 -31.97
N ILE C 101 -25.60 11.95 -32.34
CA ILE C 101 -24.19 12.07 -32.71
C ILE C 101 -24.03 12.89 -33.98
N ILE C 102 -24.81 12.56 -35.01
CA ILE C 102 -24.75 13.32 -36.26
C ILE C 102 -25.09 14.78 -35.98
N SER C 103 -26.05 15.01 -35.09
CA SER C 103 -26.45 16.38 -34.77
C SER C 103 -25.26 17.19 -34.27
N MET C 104 -24.51 16.63 -33.32
CA MET C 104 -23.43 17.39 -32.70
C MET C 104 -22.26 17.62 -33.64
N CYS C 105 -22.00 16.67 -34.55
CA CYS C 105 -20.90 16.84 -35.49
C CYS C 105 -21.19 17.91 -36.53
N GLN C 106 -22.46 18.27 -36.74
CA GLN C 106 -22.81 19.32 -37.68
C GLN C 106 -22.77 20.70 -37.04
N ASP C 107 -23.05 20.80 -35.74
CA ASP C 107 -23.01 22.07 -35.02
C ASP C 107 -21.59 22.26 -34.51
N ASP C 108 -20.77 22.96 -35.31
CA ASP C 108 -19.36 23.13 -34.97
C ASP C 108 -19.17 23.70 -33.57
N GLU C 109 -20.14 24.46 -33.06
CA GLU C 109 -20.03 24.97 -31.70
C GLU C 109 -20.16 23.84 -30.69
N VAL C 110 -21.20 23.02 -30.84
CA VAL C 110 -21.39 21.89 -29.93
C VAL C 110 -20.19 20.95 -30.01
N PHE C 111 -19.81 20.56 -31.23
CA PHE C 111 -18.71 19.62 -31.40
C PHE C 111 -17.44 20.11 -30.73
N LYS C 112 -17.27 21.42 -30.62
CA LYS C 112 -16.09 21.99 -29.99
C LYS C 112 -16.22 22.08 -28.48
N THR C 113 -17.38 22.53 -27.98
CA THR C 113 -17.53 22.87 -26.58
C THR C 113 -18.03 21.71 -25.71
N GLN C 114 -18.71 20.73 -26.30
CA GLN C 114 -19.30 19.65 -25.51
C GLN C 114 -18.66 18.30 -25.86
N LYS C 115 -17.35 18.20 -25.70
CA LYS C 115 -16.67 16.94 -25.96
C LYS C 115 -17.05 15.87 -24.95
N ASN C 116 -17.41 16.27 -23.72
CA ASN C 116 -17.81 15.29 -22.72
C ASN C 116 -19.04 14.52 -23.17
N LEU C 117 -20.04 15.23 -23.69
CA LEU C 117 -21.28 14.58 -24.08
C LEU C 117 -21.12 13.77 -25.36
N ILE C 118 -20.21 14.17 -26.24
CA ILE C 118 -19.96 13.41 -27.45
C ILE C 118 -19.21 12.12 -27.13
N ASN C 119 -18.22 12.20 -26.23
CA ASN C 119 -17.52 11.00 -25.81
C ASN C 119 -18.46 10.03 -25.11
N LYS C 120 -19.33 10.55 -24.25
CA LYS C 120 -20.32 9.68 -23.59
C LYS C 120 -21.25 9.05 -24.60
N SER C 121 -21.81 9.87 -25.50
CA SER C 121 -22.69 9.33 -26.54
C SER C 121 -21.97 8.25 -27.34
N ASP C 122 -20.75 8.55 -27.80
CA ASP C 122 -19.98 7.56 -28.53
C ASP C 122 -19.84 6.27 -27.72
N LEU C 123 -19.60 6.40 -26.41
CA LEU C 123 -19.46 5.21 -25.59
C LEU C 123 -20.78 4.44 -25.48
N THR C 124 -21.89 5.16 -25.35
CA THR C 124 -23.18 4.49 -25.31
C THR C 124 -23.47 3.76 -26.61
N LEU C 125 -23.08 4.35 -27.74
CA LEU C 125 -23.20 3.65 -29.02
C LEU C 125 -22.36 2.39 -29.02
N VAL C 126 -21.16 2.43 -28.44
CA VAL C 126 -20.32 1.24 -28.37
C VAL C 126 -20.98 0.16 -27.55
N GLN C 127 -21.75 0.54 -26.52
CA GLN C 127 -22.48 -0.46 -25.75
C GLN C 127 -23.50 -1.18 -26.62
N ILE C 128 -24.18 -0.44 -27.51
CA ILE C 128 -25.12 -1.07 -28.42
C ILE C 128 -24.40 -1.99 -29.38
N LEU C 129 -23.27 -1.53 -29.94
CA LEU C 129 -22.49 -2.37 -30.85
C LEU C 129 -22.14 -3.70 -30.22
N LYS C 130 -21.79 -3.68 -28.93
CA LYS C 130 -21.51 -4.93 -28.23
C LYS C 130 -22.71 -5.86 -28.22
N GLN C 131 -23.92 -5.30 -28.25
CA GLN C 131 -25.14 -6.09 -28.19
C GLN C 131 -25.64 -6.51 -29.57
N GLU C 132 -25.53 -5.63 -30.57
CA GLU C 132 -26.16 -5.83 -31.86
C GLU C 132 -25.19 -6.06 -33.01
N TRP C 133 -23.94 -5.66 -32.87
CA TRP C 133 -23.02 -5.70 -34.00
C TRP C 133 -22.14 -6.94 -33.94
N PRO C 134 -21.85 -7.61 -35.07
CA PRO C 134 -22.31 -7.33 -36.43
C PRO C 134 -23.54 -8.13 -36.85
N GLN C 135 -24.08 -8.96 -35.94
CA GLN C 135 -25.16 -9.85 -36.32
C GLN C 135 -26.39 -9.07 -36.78
N ASN C 136 -26.73 -7.98 -36.10
CA ASN C 136 -27.92 -7.20 -36.40
C ASN C 136 -27.56 -5.80 -36.91
N TRP C 137 -26.43 -5.66 -37.58
CA TRP C 137 -25.95 -4.36 -38.03
C TRP C 137 -24.72 -4.54 -38.90
N PRO C 138 -24.79 -5.39 -39.93
CA PRO C 138 -23.57 -5.76 -40.68
C PRO C 138 -22.93 -4.62 -41.45
N GLU C 139 -23.63 -3.49 -41.62
CA GLU C 139 -23.15 -2.40 -42.46
C GLU C 139 -22.56 -1.25 -41.64
N PHE C 140 -22.42 -1.42 -40.32
CA PHE C 140 -21.97 -0.32 -39.47
C PHE C 140 -20.63 0.22 -39.94
N ILE C 141 -19.66 -0.67 -40.17
CA ILE C 141 -18.31 -0.26 -40.52
C ILE C 141 -18.28 0.38 -41.91
N PRO C 142 -18.76 -0.31 -42.96
CA PRO C 142 -18.77 0.35 -44.28
C PRO C 142 -19.57 1.64 -44.30
N GLU C 143 -20.57 1.78 -43.44
CA GLU C 143 -21.30 3.05 -43.36
C GLU C 143 -20.49 4.09 -42.60
N LEU C 144 -19.80 3.67 -41.53
CA LEU C 144 -18.94 4.59 -40.80
C LEU C 144 -17.85 5.15 -41.70
N ILE C 145 -17.27 4.30 -42.55
CA ILE C 145 -16.20 4.74 -43.45
C ILE C 145 -16.75 5.66 -44.53
N GLY C 146 -17.96 5.36 -45.02
CA GLY C 146 -18.56 6.22 -46.02
C GLY C 146 -18.82 7.62 -45.49
N SER C 147 -19.35 7.71 -44.27
CA SER C 147 -19.65 9.02 -43.69
C SER C 147 -18.40 9.80 -43.31
N SER C 148 -17.23 9.16 -43.27
CA SER C 148 -16.02 9.87 -42.88
C SER C 148 -15.68 10.99 -43.85
N SER C 149 -15.92 10.79 -45.15
CA SER C 149 -15.56 11.78 -46.15
C SER C 149 -16.56 12.94 -46.22
N SER C 150 -17.72 12.81 -45.59
CA SER C 150 -18.73 13.86 -45.68
C SER C 150 -18.35 15.08 -44.84
N SER C 151 -17.73 14.85 -43.69
CA SER C 151 -17.40 15.94 -42.78
C SER C 151 -16.14 15.61 -42.02
N VAL C 152 -15.32 16.63 -41.75
CA VAL C 152 -14.12 16.43 -40.97
C VAL C 152 -14.46 16.12 -39.52
N ASN C 153 -15.54 16.72 -39.00
CA ASN C 153 -15.97 16.39 -37.65
C ASN C 153 -16.49 14.95 -37.56
N VAL C 154 -17.27 14.53 -38.55
CA VAL C 154 -17.73 13.14 -38.57
C VAL C 154 -16.55 12.19 -38.58
N CYS C 155 -15.54 12.47 -39.42
CA CYS C 155 -14.38 11.60 -39.52
C CYS C 155 -13.66 11.50 -38.18
N GLU C 156 -13.40 12.65 -37.55
CA GLU C 156 -12.70 12.65 -36.26
C GLU C 156 -13.47 11.88 -35.21
N ASN C 157 -14.79 12.08 -35.15
CA ASN C 157 -15.58 11.42 -34.12
C ASN C 157 -15.62 9.91 -34.36
N ASN C 158 -15.71 9.49 -35.63
CA ASN C 158 -15.69 8.05 -35.92
C ASN C 158 -14.41 7.41 -35.39
N MET C 159 -13.28 8.12 -35.48
CA MET C 159 -12.04 7.61 -34.89
C MET C 159 -12.18 7.41 -33.39
N ILE C 160 -12.98 8.25 -32.74
CA ILE C 160 -13.23 8.08 -31.30
C ILE C 160 -14.07 6.84 -31.05
N VAL C 161 -15.13 6.66 -31.84
CA VAL C 161 -15.97 5.47 -31.70
C VAL C 161 -15.12 4.21 -31.86
N LEU C 162 -14.32 4.15 -32.91
CA LEU C 162 -13.50 2.97 -33.15
C LEU C 162 -12.48 2.77 -32.05
N LYS C 163 -12.01 3.86 -31.44
CA LYS C 163 -11.09 3.75 -30.31
C LYS C 163 -11.77 3.10 -29.12
N LEU C 164 -12.95 3.61 -28.75
CA LEU C 164 -13.69 3.01 -27.64
C LEU C 164 -14.11 1.59 -27.96
N LEU C 165 -14.42 1.29 -29.22
CA LEU C 165 -14.79 -0.06 -29.59
C LEU C 165 -13.63 -1.02 -29.36
N SER C 166 -12.44 -0.67 -29.86
CA SER C 166 -11.28 -1.55 -29.70
C SER C 166 -10.99 -1.81 -28.23
N GLU C 167 -11.15 -0.79 -27.38
CA GLU C 167 -10.91 -0.97 -25.94
C GLU C 167 -11.88 -1.97 -25.34
N GLU C 168 -13.18 -1.76 -25.58
CA GLU C 168 -14.19 -2.61 -24.96
C GLU C 168 -14.09 -4.05 -25.41
N VAL C 169 -13.54 -4.28 -26.61
CA VAL C 169 -13.48 -5.63 -27.14
C VAL C 169 -12.17 -6.32 -26.79
N PHE C 170 -11.04 -5.60 -26.88
CA PHE C 170 -9.73 -6.20 -26.70
C PHE C 170 -9.06 -5.84 -25.38
N ASP C 171 -9.31 -4.66 -24.82
CA ASP C 171 -8.62 -4.22 -23.62
C ASP C 171 -9.38 -4.49 -22.33
N PHE C 172 -10.72 -4.43 -22.35
CA PHE C 172 -11.49 -4.52 -21.12
C PHE C 172 -12.66 -5.49 -21.26
N SER C 173 -12.49 -6.55 -22.05
CA SER C 173 -13.55 -7.53 -22.23
C SER C 173 -13.38 -8.77 -21.35
N ALA C 174 -12.17 -9.01 -20.83
CA ALA C 174 -11.88 -10.26 -20.16
C ALA C 174 -12.92 -10.59 -19.10
N GLU C 175 -13.16 -9.66 -18.17
CA GLU C 175 -14.05 -9.90 -17.04
C GLU C 175 -15.36 -9.13 -17.13
N GLN C 176 -15.75 -8.70 -18.34
CA GLN C 176 -17.01 -8.02 -18.55
C GLN C 176 -17.95 -8.73 -19.52
N MET C 177 -17.47 -9.70 -20.29
CA MET C 177 -18.31 -10.52 -21.15
C MET C 177 -17.95 -11.98 -20.93
N THR C 178 -18.78 -12.85 -21.50
CA THR C 178 -18.44 -14.26 -21.52
C THR C 178 -17.37 -14.51 -22.58
N GLN C 179 -16.66 -15.63 -22.41
CA GLN C 179 -15.64 -16.00 -23.37
C GLN C 179 -16.22 -16.03 -24.79
N ALA C 180 -17.42 -16.58 -24.94
CA ALA C 180 -18.03 -16.68 -26.27
C ALA C 180 -18.23 -15.31 -26.89
N LYS C 181 -18.84 -14.39 -26.15
CA LYS C 181 -19.13 -13.08 -26.73
C LYS C 181 -17.85 -12.31 -27.03
N ALA C 182 -16.85 -12.42 -26.16
CA ALA C 182 -15.58 -11.75 -26.41
C ALA C 182 -14.97 -12.22 -27.72
N LEU C 183 -14.92 -13.54 -27.92
CA LEU C 183 -14.36 -14.08 -29.17
C LEU C 183 -15.20 -13.65 -30.37
N HIS C 184 -16.52 -13.59 -30.20
CA HIS C 184 -17.38 -13.15 -31.29
C HIS C 184 -17.05 -11.73 -31.72
N LEU C 185 -16.86 -10.83 -30.76
CA LEU C 185 -16.58 -9.44 -31.08
C LEU C 185 -15.15 -9.26 -31.59
N LYS C 186 -14.20 -10.01 -31.03
CA LYS C 186 -12.83 -9.94 -31.53
C LYS C 186 -12.75 -10.43 -32.97
N ASN C 187 -13.42 -11.53 -33.29
CA ASN C 187 -13.40 -12.03 -34.66
C ASN C 187 -14.07 -11.06 -35.62
N SER C 188 -15.12 -10.38 -35.15
CA SER C 188 -15.81 -9.41 -36.01
C SER C 188 -14.87 -8.28 -36.40
N MET C 189 -14.27 -7.62 -35.41
CA MET C 189 -13.37 -6.51 -35.72
C MET C 189 -12.20 -6.98 -36.58
N SER C 190 -11.64 -8.15 -36.26
CA SER C 190 -10.53 -8.67 -37.05
C SER C 190 -10.92 -8.85 -38.51
N LYS C 191 -12.19 -9.16 -38.78
CA LYS C 191 -12.63 -9.41 -40.15
C LYS C 191 -12.71 -8.13 -40.97
N GLU C 192 -13.06 -7.01 -40.33
CA GLU C 192 -13.27 -5.76 -41.04
C GLU C 192 -12.17 -4.74 -40.80
N PHE C 193 -11.08 -5.11 -40.11
CA PHE C 193 -10.07 -4.12 -39.79
C PHE C 193 -9.34 -3.61 -41.02
N GLU C 194 -9.23 -4.43 -42.07
CA GLU C 194 -8.55 -3.98 -43.29
C GLU C 194 -9.16 -2.69 -43.80
N GLN C 195 -10.50 -2.57 -43.75
CA GLN C 195 -11.16 -1.35 -44.16
C GLN C 195 -10.90 -0.22 -43.17
N ILE C 196 -10.89 -0.54 -41.86
CA ILE C 196 -10.60 0.48 -40.86
C ILE C 196 -9.20 1.04 -41.05
N PHE C 197 -8.23 0.15 -41.24
CA PHE C 197 -6.84 0.59 -41.39
C PHE C 197 -6.66 1.49 -42.61
N LYS C 198 -7.27 1.10 -43.74
CA LYS C 198 -7.14 1.90 -44.95
C LYS C 198 -7.64 3.33 -44.73
N LEU C 199 -8.79 3.47 -44.06
CA LEU C 199 -9.27 4.79 -43.69
C LEU C 199 -8.26 5.50 -42.78
N CYS C 200 -7.90 4.84 -41.66
CA CYS C 200 -6.94 5.42 -40.73
CA CYS C 200 -6.95 5.43 -40.73
C CYS C 200 -5.67 5.87 -41.45
N PHE C 201 -5.16 5.03 -42.36
CA PHE C 201 -3.92 5.36 -43.05
C PHE C 201 -4.11 6.52 -44.02
N GLN C 202 -5.29 6.64 -44.63
CA GLN C 202 -5.51 7.69 -45.62
C GLN C 202 -5.53 9.06 -44.98
N VAL C 203 -6.23 9.20 -43.84
CA VAL C 203 -6.28 10.51 -43.19
C VAL C 203 -4.92 10.85 -42.59
N LEU C 204 -4.12 9.85 -42.23
CA LEU C 204 -2.79 10.13 -41.70
C LEU C 204 -1.87 10.68 -42.77
N GLU C 205 -2.02 10.22 -44.03
CA GLU C 205 -1.17 10.71 -45.11
C GLU C 205 -1.67 12.01 -45.71
N GLN C 206 -2.97 12.29 -45.62
CA GLN C 206 -3.58 13.40 -46.33
C GLN C 206 -4.44 14.26 -45.41
N GLY C 207 -4.12 14.27 -44.12
CA GLY C 207 -4.88 15.02 -43.13
C GLY C 207 -4.11 16.23 -42.64
N SER C 208 -4.76 17.38 -42.67
CA SER C 208 -4.21 18.62 -42.14
C SER C 208 -4.81 19.03 -40.80
N SER C 209 -6.03 18.60 -40.50
CA SER C 209 -6.68 18.93 -39.22
C SER C 209 -5.98 18.16 -38.10
N SER C 210 -5.24 18.87 -37.25
CA SER C 210 -4.55 18.21 -36.15
C SER C 210 -5.51 17.45 -35.27
N SER C 211 -6.63 18.08 -34.89
CA SER C 211 -7.61 17.41 -34.05
C SER C 211 -8.01 16.05 -34.63
N LEU C 212 -8.16 15.98 -35.96
CA LEU C 212 -8.45 14.71 -36.60
C LEU C 212 -7.25 13.78 -36.58
N ILE C 213 -6.06 14.32 -36.86
CA ILE C 213 -4.85 13.50 -36.84
C ILE C 213 -4.68 12.86 -35.47
N VAL C 214 -4.93 13.62 -34.40
CA VAL C 214 -4.71 13.09 -33.05
C VAL C 214 -5.69 11.97 -32.75
N ALA C 215 -6.99 12.20 -33.00
CA ALA C 215 -7.97 11.17 -32.75
C ALA C 215 -7.66 9.90 -33.53
N THR C 216 -7.19 10.05 -34.77
CA THR C 216 -6.78 8.89 -35.56
C THR C 216 -5.58 8.19 -34.92
N LEU C 217 -4.64 8.96 -34.38
CA LEU C 217 -3.49 8.36 -33.71
C LEU C 217 -3.91 7.73 -32.38
N GLU C 218 -4.93 8.28 -31.72
CA GLU C 218 -5.43 7.67 -30.49
C GLU C 218 -5.98 6.28 -30.76
N SER C 219 -6.82 6.14 -31.78
CA SER C 219 -7.35 4.82 -32.12
C SER C 219 -6.24 3.89 -32.56
N LEU C 220 -5.25 4.40 -33.29
CA LEU C 220 -4.14 3.56 -33.70
C LEU C 220 -3.45 2.92 -32.51
N LEU C 221 -3.25 3.68 -31.43
CA LEU C 221 -2.60 3.14 -30.24
C LEU C 221 -3.33 1.91 -29.73
N ARG C 222 -4.66 1.94 -29.75
CA ARG C 222 -5.44 0.78 -29.33
C ARG C 222 -5.28 -0.39 -30.30
N TYR C 223 -5.30 -0.10 -31.61
CA TYR C 223 -5.16 -1.18 -32.59
C TYR C 223 -3.85 -1.92 -32.41
N LEU C 224 -2.76 -1.20 -32.12
CA LEU C 224 -1.46 -1.82 -32.01
C LEU C 224 -1.42 -2.90 -30.93
N HIS C 225 -2.40 -2.91 -30.02
CA HIS C 225 -2.46 -3.93 -28.99
C HIS C 225 -2.73 -5.32 -29.54
N TRP C 226 -3.25 -5.45 -30.76
CA TRP C 226 -3.73 -6.76 -31.21
C TRP C 226 -3.62 -7.01 -32.71
N ILE C 227 -3.48 -5.96 -33.53
CA ILE C 227 -3.59 -6.15 -34.97
C ILE C 227 -2.40 -6.92 -35.52
N PRO C 228 -2.53 -7.56 -36.69
CA PRO C 228 -1.40 -8.30 -37.26
C PRO C 228 -0.21 -7.41 -37.54
N TYR C 229 0.98 -8.01 -37.46
CA TYR C 229 2.22 -7.25 -37.62
C TYR C 229 2.33 -6.62 -39.01
N ARG C 230 1.68 -7.22 -40.01
CA ARG C 230 1.85 -6.73 -41.37
C ARG C 230 1.34 -5.31 -41.53
N TYR C 231 0.26 -4.96 -40.82
CA TYR C 231 -0.23 -3.59 -40.87
C TYR C 231 0.78 -2.60 -40.33
N ILE C 232 1.79 -3.07 -39.59
CA ILE C 232 2.80 -2.19 -39.01
C ILE C 232 3.99 -2.05 -39.93
N TYR C 233 4.55 -3.17 -40.36
CA TYR C 233 5.83 -3.16 -41.09
C TYR C 233 5.66 -3.20 -42.60
N GLU C 234 4.57 -3.77 -43.11
CA GLU C 234 4.39 -3.86 -44.55
C GLU C 234 3.79 -2.60 -45.16
N THR C 235 3.41 -1.62 -44.34
CA THR C 235 2.91 -0.34 -44.83
C THR C 235 3.96 0.73 -44.59
N ASN C 236 3.61 1.97 -44.94
CA ASN C 236 4.49 3.11 -44.75
C ASN C 236 4.26 3.82 -43.42
N ILE C 237 3.48 3.24 -42.52
CA ILE C 237 2.99 3.98 -41.36
C ILE C 237 4.12 4.27 -40.38
N LEU C 238 5.08 3.34 -40.24
CA LEU C 238 6.20 3.59 -39.34
C LEU C 238 6.99 4.81 -39.76
N GLU C 239 7.13 5.02 -41.07
CA GLU C 239 7.80 6.23 -41.56
C GLU C 239 7.03 7.47 -41.15
N LEU C 240 5.70 7.41 -41.22
CA LEU C 240 4.87 8.57 -40.85
C LEU C 240 5.02 8.88 -39.37
N LEU C 241 4.88 7.87 -38.52
CA LEU C 241 4.95 8.10 -37.08
C LEU C 241 6.32 8.62 -36.67
N SER C 242 7.38 8.03 -37.20
CA SER C 242 8.74 8.34 -36.76
C SER C 242 9.31 9.63 -37.35
N THR C 243 8.59 10.28 -38.27
CA THR C 243 9.09 11.52 -38.86
C THR C 243 8.03 12.61 -38.83
N LYS C 244 7.01 12.46 -39.68
CA LYS C 244 5.97 13.47 -39.82
C LYS C 244 5.40 13.88 -38.46
N PHE C 245 4.92 12.90 -37.69
CA PHE C 245 4.15 13.21 -36.49
C PHE C 245 5.02 13.49 -35.27
N MET C 246 6.33 13.29 -35.36
CA MET C 246 7.21 13.67 -34.26
C MET C 246 7.54 15.15 -34.27
N THR C 247 7.29 15.85 -35.38
CA THR C 247 7.66 17.26 -35.48
C THR C 247 6.61 18.18 -34.87
N SER C 248 5.33 17.82 -34.96
CA SER C 248 4.28 18.65 -34.39
C SER C 248 4.04 18.25 -32.93
N PRO C 249 4.10 19.19 -31.98
CA PRO C 249 3.91 18.80 -30.57
C PRO C 249 2.55 18.18 -30.27
N ASP C 250 1.49 18.65 -30.94
CA ASP C 250 0.16 18.15 -30.64
C ASP C 250 -0.02 16.67 -30.98
N THR C 251 0.82 16.13 -31.87
CA THR C 251 0.80 14.71 -32.20
C THR C 251 1.96 13.94 -31.61
N ARG C 252 2.92 14.62 -30.98
CA ARG C 252 4.16 13.97 -30.55
C ARG C 252 3.91 13.00 -29.41
N ALA C 253 3.09 13.39 -28.44
CA ALA C 253 2.85 12.52 -27.29
C ALA C 253 2.25 11.20 -27.73
N ILE C 254 1.15 11.24 -28.48
CA ILE C 254 0.49 10.02 -28.88
C ILE C 254 1.35 9.24 -29.87
N THR C 255 2.09 9.93 -30.72
CA THR C 255 2.98 9.23 -31.65
C THR C 255 4.04 8.44 -30.89
N LEU C 256 4.56 9.02 -29.82
CA LEU C 256 5.61 8.34 -29.06
C LEU C 256 5.05 7.13 -28.33
N LYS C 257 3.83 7.24 -27.80
CA LYS C 257 3.18 6.10 -27.17
C LYS C 257 2.92 5.00 -28.20
N CYS C 258 2.52 5.37 -29.42
CA CYS C 258 2.35 4.39 -30.49
C CYS C 258 3.64 3.63 -30.74
N LEU C 259 4.74 4.37 -30.91
CA LEU C 259 6.02 3.73 -31.18
C LEU C 259 6.50 2.91 -30.00
N THR C 260 6.13 3.31 -28.77
CA THR C 260 6.45 2.47 -27.62
C THR C 260 5.79 1.11 -27.74
N GLU C 261 4.51 1.08 -28.09
CA GLU C 261 3.85 -0.20 -28.31
C GLU C 261 4.58 -1.02 -29.36
N VAL C 262 4.81 -0.44 -30.54
CA VAL C 262 5.58 -1.13 -31.57
C VAL C 262 6.91 -1.62 -31.00
N SER C 263 7.58 -0.75 -30.26
CA SER C 263 8.93 -1.07 -29.78
C SER C 263 8.94 -2.28 -28.86
N ASN C 264 7.82 -2.60 -28.22
CA ASN C 264 7.78 -3.74 -27.31
C ASN C 264 7.48 -5.06 -28.02
N LEU C 265 7.01 -5.01 -29.27
CA LEU C 265 6.69 -6.23 -30.01
C LEU C 265 7.93 -7.10 -30.18
N LYS C 266 7.73 -8.40 -30.00
CA LYS C 266 8.77 -9.38 -30.31
C LYS C 266 8.78 -9.61 -31.81
N ILE C 267 9.91 -9.34 -32.45
CA ILE C 267 10.00 -9.41 -33.91
C ILE C 267 10.51 -10.78 -34.32
N PRO C 268 9.95 -11.39 -35.39
CA PRO C 268 10.58 -12.60 -35.94
C PRO C 268 12.03 -12.35 -36.32
N GLN C 269 12.95 -12.91 -35.54
CA GLN C 269 14.38 -12.61 -35.71
C GLN C 269 14.92 -13.04 -37.06
N ASP C 270 14.19 -13.87 -37.81
CA ASP C 270 14.68 -14.35 -39.09
C ASP C 270 14.43 -13.38 -40.23
N ASN C 271 13.62 -12.35 -40.03
CA ASN C 271 13.24 -11.42 -41.08
C ASN C 271 14.15 -10.20 -41.04
N ASP C 272 14.86 -9.95 -42.15
CA ASP C 272 15.75 -8.80 -42.24
C ASP C 272 15.01 -7.51 -42.56
N LEU C 273 13.84 -7.58 -43.17
CA LEU C 273 13.11 -6.37 -43.52
C LEU C 273 12.50 -5.72 -42.29
N ILE C 274 11.94 -6.52 -41.39
CA ILE C 274 11.46 -5.97 -40.12
C ILE C 274 12.62 -5.44 -39.30
N LYS C 275 13.72 -6.18 -39.26
CA LYS C 275 14.91 -5.71 -38.54
C LYS C 275 15.34 -4.33 -39.05
N ARG C 276 15.57 -4.21 -40.36
CA ARG C 276 15.91 -2.91 -40.93
C ARG C 276 14.82 -1.89 -40.65
N GLN C 277 13.56 -2.32 -40.65
CA GLN C 277 12.47 -1.39 -40.40
C GLN C 277 12.40 -1.00 -38.92
N THR C 278 12.72 -1.94 -38.03
CA THR C 278 12.77 -1.62 -36.60
C THR C 278 13.87 -0.61 -36.32
N VAL C 279 15.02 -0.76 -36.99
CA VAL C 279 16.10 0.20 -36.84
C VAL C 279 15.68 1.57 -37.36
N LEU C 280 14.93 1.58 -38.46
CA LEU C 280 14.68 2.84 -39.17
C LEU C 280 13.82 3.78 -38.34
N PHE C 281 12.67 3.31 -37.86
CA PHE C 281 11.79 4.20 -37.12
C PHE C 281 12.41 4.67 -35.82
N PHE C 282 13.41 3.94 -35.30
CA PHE C 282 14.16 4.41 -34.15
C PHE C 282 15.18 5.47 -34.55
N GLN C 283 15.85 5.27 -35.69
CA GLN C 283 16.77 6.27 -36.19
C GLN C 283 16.06 7.59 -36.48
N ASN C 284 14.89 7.52 -37.12
CA ASN C 284 14.13 8.74 -37.41
C ASN C 284 13.68 9.43 -36.14
N THR C 285 13.13 8.68 -35.19
CA THR C 285 12.60 9.27 -33.97
C THR C 285 13.68 10.06 -33.23
N LEU C 286 14.84 9.44 -33.02
CA LEU C 286 15.93 10.14 -32.35
C LEU C 286 16.35 11.38 -33.13
N GLN C 287 16.32 11.30 -34.46
CA GLN C 287 16.65 12.46 -35.27
C GLN C 287 15.69 13.61 -35.00
N GLN C 288 14.38 13.34 -35.09
CA GLN C 288 13.39 14.39 -34.87
C GLN C 288 13.51 14.99 -33.48
N ILE C 289 13.91 14.19 -32.49
CA ILE C 289 14.06 14.71 -31.14
C ILE C 289 15.27 15.62 -31.04
N ALA C 290 16.37 15.24 -31.70
CA ALA C 290 17.59 16.03 -31.62
C ALA C 290 17.46 17.37 -32.35
N THR C 291 16.59 17.44 -33.36
CA THR C 291 16.46 18.65 -34.17
C THR C 291 15.22 19.47 -33.84
N SER C 292 14.20 18.88 -33.21
CA SER C 292 12.95 19.58 -32.98
C SER C 292 12.59 19.77 -31.51
N VAL C 293 13.30 19.12 -30.58
CA VAL C 293 12.95 19.21 -29.16
C VAL C 293 14.16 19.66 -28.34
N MET C 294 15.22 18.84 -28.32
CA MET C 294 16.46 19.26 -27.67
C MET C 294 17.61 18.35 -28.05
N PRO C 295 18.85 18.86 -28.07
CA PRO C 295 20.00 18.00 -28.37
C PRO C 295 20.34 17.09 -27.20
N VAL C 296 21.26 16.17 -27.47
CA VAL C 296 21.62 15.16 -26.49
C VAL C 296 22.32 15.77 -25.29
N THR C 297 22.96 16.94 -25.46
CA THR C 297 23.65 17.62 -24.38
C THR C 297 22.72 18.41 -23.47
N ALA C 298 21.43 18.48 -23.78
CA ALA C 298 20.52 19.31 -23.03
C ALA C 298 20.44 18.86 -21.57
N ASP C 299 20.17 19.82 -20.70
CA ASP C 299 20.06 19.56 -19.26
C ASP C 299 18.61 19.19 -18.96
N LEU C 300 18.28 17.92 -19.14
CA LEU C 300 16.91 17.49 -18.90
C LEU C 300 16.51 17.63 -17.44
N LYS C 301 17.47 17.51 -16.52
CA LYS C 301 17.19 17.75 -15.11
C LYS C 301 16.53 19.11 -14.90
N ALA C 302 17.13 20.15 -15.48
CA ALA C 302 16.59 21.49 -15.33
C ALA C 302 15.25 21.66 -16.04
N THR C 303 15.13 21.10 -17.25
CA THR C 303 13.88 21.20 -18.00
C THR C 303 12.73 20.60 -17.21
N TYR C 304 12.95 19.41 -16.63
CA TYR C 304 11.89 18.76 -15.89
C TYR C 304 11.50 19.58 -14.65
N ALA C 305 12.48 20.17 -13.98
CA ALA C 305 12.20 20.93 -12.77
C ALA C 305 11.38 22.18 -13.08
N ASN C 306 11.64 22.82 -14.22
CA ASN C 306 10.91 24.02 -14.59
C ASN C 306 9.45 23.72 -14.89
N ALA C 307 9.14 22.51 -15.37
CA ALA C 307 7.77 22.05 -15.52
C ALA C 307 6.96 22.97 -16.42
N ASN C 308 7.55 23.37 -17.54
CA ASN C 308 6.85 24.20 -18.52
C ASN C 308 6.04 23.32 -19.46
N GLY C 309 4.78 23.68 -19.67
CA GLY C 309 3.95 22.98 -20.63
C GLY C 309 3.85 21.50 -20.30
N ASN C 310 4.10 20.66 -21.31
CA ASN C 310 4.05 19.21 -21.16
C ASN C 310 5.44 18.58 -21.14
N ASP C 311 6.46 19.36 -20.79
CA ASP C 311 7.82 18.84 -20.79
C ASP C 311 7.96 17.63 -19.87
N GLN C 312 7.35 17.70 -18.67
CA GLN C 312 7.44 16.58 -17.75
C GLN C 312 6.83 15.32 -18.35
N SER C 313 5.65 15.45 -18.95
CA SER C 313 5.01 14.29 -19.55
C SER C 313 5.78 13.78 -20.76
N PHE C 314 6.37 14.70 -21.54
CA PHE C 314 7.16 14.28 -22.69
C PHE C 314 8.42 13.55 -22.27
N LEU C 315 9.10 14.05 -21.24
CA LEU C 315 10.32 13.37 -20.79
C LEU C 315 10.00 12.01 -20.20
N GLN C 316 8.85 11.87 -19.54
CA GLN C 316 8.43 10.55 -19.07
C GLN C 316 8.18 9.62 -20.25
N ASP C 317 7.51 10.12 -21.28
CA ASP C 317 7.21 9.26 -22.43
C ASP C 317 8.47 8.93 -23.20
N LEU C 318 9.42 9.86 -23.26
CA LEU C 318 10.69 9.57 -23.92
C LEU C 318 11.46 8.48 -23.18
N ALA C 319 11.51 8.57 -21.85
CA ALA C 319 12.15 7.53 -21.06
C ALA C 319 11.48 6.18 -21.30
N MET C 320 10.16 6.16 -21.35
CA MET C 320 9.45 4.91 -21.57
C MET C 320 9.75 4.36 -22.96
N PHE C 321 9.82 5.23 -23.96
CA PHE C 321 10.09 4.78 -25.33
C PHE C 321 11.50 4.22 -25.46
N LEU C 322 12.50 4.96 -24.97
CA LEU C 322 13.88 4.52 -25.11
C LEU C 322 14.11 3.21 -24.38
N THR C 323 13.69 3.13 -23.11
CA THR C 323 13.92 1.92 -22.33
C THR C 323 13.18 0.73 -22.92
N THR C 324 11.94 0.95 -23.37
CA THR C 324 11.18 -0.14 -23.99
C THR C 324 11.88 -0.64 -25.24
N TYR C 325 12.24 0.27 -26.15
CA TYR C 325 12.85 -0.13 -27.41
C TYR C 325 14.20 -0.80 -27.19
N LEU C 326 15.03 -0.20 -26.34
CA LEU C 326 16.40 -0.68 -26.19
C LEU C 326 16.44 -2.01 -25.45
N ALA C 327 15.55 -2.20 -24.48
CA ALA C 327 15.46 -3.48 -23.78
C ALA C 327 15.11 -4.62 -24.74
N ARG C 328 14.47 -4.30 -25.87
CA ARG C 328 14.02 -5.29 -26.83
C ARG C 328 14.94 -5.41 -28.04
N ASN C 329 15.44 -4.28 -28.55
CA ASN C 329 16.07 -4.25 -29.87
C ASN C 329 17.48 -3.67 -29.89
N ARG C 330 18.11 -3.43 -28.74
CA ARG C 330 19.41 -2.79 -28.76
C ARG C 330 20.44 -3.67 -29.47
N ALA C 331 20.23 -4.99 -29.48
CA ALA C 331 21.15 -5.87 -30.20
C ALA C 331 21.20 -5.52 -31.68
N LEU C 332 20.10 -5.01 -32.24
CA LEU C 332 20.10 -4.62 -33.65
C LEU C 332 21.09 -3.51 -33.94
N LEU C 333 21.53 -2.77 -32.92
CA LEU C 333 22.39 -1.61 -33.11
C LEU C 333 23.83 -1.85 -32.70
N GLU C 334 24.14 -3.01 -32.12
CA GLU C 334 25.44 -3.23 -31.49
C GLU C 334 26.49 -3.74 -32.45
N SER C 335 26.09 -4.44 -33.52
CA SER C 335 27.06 -5.05 -34.42
C SER C 335 27.48 -4.12 -35.55
N ASP C 336 26.54 -3.33 -36.08
CA ASP C 336 26.82 -2.48 -37.23
C ASP C 336 27.49 -1.18 -36.77
N GLU C 337 28.67 -0.89 -37.30
CA GLU C 337 29.39 0.31 -36.89
C GLU C 337 28.65 1.58 -37.29
N SER C 338 27.87 1.53 -38.36
CA SER C 338 27.12 2.72 -38.77
C SER C 338 26.00 3.05 -37.80
N LEU C 339 25.57 2.08 -36.98
CA LEU C 339 24.54 2.30 -35.97
C LEU C 339 25.10 2.62 -34.60
N ARG C 340 26.42 2.58 -34.43
CA ARG C 340 27.03 2.79 -33.12
C ARG C 340 26.66 4.16 -32.55
N GLU C 341 26.76 5.21 -33.37
CA GLU C 341 26.44 6.53 -32.88
C GLU C 341 24.98 6.63 -32.46
N LEU C 342 24.08 5.98 -33.20
CA LEU C 342 22.67 5.98 -32.80
C LEU C 342 22.48 5.26 -31.47
N LEU C 343 23.12 4.10 -31.30
CA LEU C 343 23.01 3.36 -30.05
C LEU C 343 23.43 4.21 -28.86
N LEU C 344 24.59 4.86 -28.97
CA LEU C 344 25.14 5.62 -27.85
C LEU C 344 24.38 6.92 -27.62
N ASN C 345 23.89 7.55 -28.69
CA ASN C 345 23.10 8.77 -28.52
C ASN C 345 21.84 8.49 -27.72
N ALA C 346 21.15 7.40 -28.05
CA ALA C 346 19.96 7.00 -27.30
C ALA C 346 20.29 6.79 -25.83
N HIS C 347 21.40 6.09 -25.55
CA HIS C 347 21.77 5.85 -24.17
C HIS C 347 22.19 7.13 -23.48
N GLN C 348 22.78 8.07 -24.22
CA GLN C 348 23.14 9.35 -23.62
C GLN C 348 21.89 10.13 -23.20
N TYR C 349 20.84 10.10 -24.01
CA TYR C 349 19.56 10.66 -23.58
C TYR C 349 19.10 10.03 -22.26
N LEU C 350 19.23 8.71 -22.13
CA LEU C 350 18.85 8.05 -20.88
C LEU C 350 19.71 8.52 -19.72
N ILE C 351 21.00 8.73 -19.97
CA ILE C 351 21.87 9.28 -18.91
C ILE C 351 21.32 10.61 -18.44
N GLN C 352 20.98 11.49 -19.39
CA GLN C 352 20.44 12.79 -19.00
C GLN C 352 19.10 12.65 -18.31
N LEU C 353 18.25 11.71 -18.77
CA LEU C 353 16.98 11.49 -18.10
C LEU C 353 17.19 10.97 -16.67
N SER C 354 18.27 10.21 -16.44
CA SER C 354 18.52 9.62 -15.14
C SER C 354 18.94 10.65 -14.09
N LYS C 355 19.29 11.86 -14.51
CA LYS C 355 19.67 12.91 -13.58
C LYS C 355 18.47 13.71 -13.07
N ILE C 356 17.27 13.46 -13.61
CA ILE C 356 16.09 14.20 -13.21
C ILE C 356 15.74 13.86 -11.77
N GLU C 357 15.34 14.88 -11.01
CA GLU C 357 14.84 14.70 -9.65
C GLU C 357 13.39 14.28 -9.74
N GLU C 358 13.16 12.97 -9.76
CA GLU C 358 11.83 12.41 -9.83
C GLU C 358 11.89 10.94 -9.49
N ARG C 359 11.50 10.59 -8.27
CA ARG C 359 11.65 9.21 -7.77
C ARG C 359 11.15 8.19 -8.79
N GLU C 360 9.90 8.35 -9.23
CA GLU C 360 9.30 7.33 -10.09
C GLU C 360 9.96 7.26 -11.45
N LEU C 361 10.34 8.41 -12.01
CA LEU C 361 11.04 8.39 -13.29
C LEU C 361 12.41 7.74 -13.14
N PHE C 362 13.12 8.05 -12.06
CA PHE C 362 14.42 7.43 -11.82
C PHE C 362 14.27 5.91 -11.73
N LYS C 363 13.24 5.44 -11.03
CA LYS C 363 13.00 4.00 -10.97
C LYS C 363 12.83 3.40 -12.35
N THR C 364 12.17 4.12 -13.26
CA THR C 364 11.95 3.62 -14.61
C THR C 364 13.27 3.45 -15.35
N THR C 365 14.13 4.48 -15.31
CA THR C 365 15.43 4.38 -15.94
C THR C 365 16.32 3.38 -15.22
N LEU C 366 16.25 3.35 -13.89
CA LEU C 366 17.08 2.41 -13.13
C LEU C 366 16.73 0.97 -13.49
N ASP C 367 15.46 0.68 -13.74
CA ASP C 367 15.09 -0.66 -14.19
C ASP C 367 15.77 -1.01 -15.51
N TYR C 368 15.87 -0.04 -16.42
CA TYR C 368 16.54 -0.31 -17.70
C TYR C 368 18.03 -0.51 -17.50
N TRP C 369 18.67 0.38 -16.73
CA TRP C 369 20.10 0.22 -16.47
C TRP C 369 20.40 -1.16 -15.89
N HIS C 370 19.53 -1.65 -15.01
CA HIS C 370 19.70 -3.00 -14.49
C HIS C 370 19.65 -4.03 -15.62
N ASN C 371 18.68 -3.88 -16.52
CA ASN C 371 18.58 -4.78 -17.66
C ASN C 371 19.87 -4.76 -18.49
N LEU C 372 20.53 -3.60 -18.60
CA LEU C 372 21.69 -3.47 -19.46
C LEU C 372 22.95 -4.01 -18.79
N VAL C 373 23.27 -3.54 -17.59
CA VAL C 373 24.51 -3.97 -16.94
C VAL C 373 24.47 -5.46 -16.63
N ALA C 374 23.28 -6.02 -16.39
CA ALA C 374 23.19 -7.46 -16.19
C ALA C 374 23.53 -8.21 -17.47
N ASP C 375 23.11 -7.66 -18.62
CA ASP C 375 23.44 -8.29 -19.90
C ASP C 375 24.92 -8.12 -20.22
N LEU C 376 25.49 -6.96 -19.90
CA LEU C 376 26.92 -6.76 -20.08
C LEU C 376 27.75 -7.61 -19.14
N PHE C 377 27.15 -8.06 -18.02
CA PHE C 377 27.85 -8.92 -17.08
C PHE C 377 28.00 -10.34 -17.61
N TYR C 378 27.03 -10.82 -18.39
CA TYR C 378 27.04 -12.20 -18.88
C TYR C 378 27.30 -12.32 -20.38
N GLU C 379 26.96 -11.31 -21.17
CA GLU C 379 27.03 -11.44 -22.63
C GLU C 379 28.44 -11.11 -23.11
N PRO C 380 29.12 -12.01 -23.83
CA PRO C 380 30.48 -11.70 -24.30
C PRO C 380 30.51 -10.55 -25.29
N LEU C 381 31.62 -9.79 -25.23
CA LEU C 381 32.00 -8.82 -26.25
C LEU C 381 31.06 -7.61 -26.32
N LYS C 382 30.31 -7.33 -25.25
CA LYS C 382 29.36 -6.22 -25.27
C LYS C 382 29.76 -5.05 -24.40
N LYS C 383 30.44 -5.28 -23.27
CA LYS C 383 30.64 -4.23 -22.29
C LYS C 383 31.54 -3.11 -22.82
N HIS C 384 32.48 -3.44 -23.72
CA HIS C 384 33.37 -2.41 -24.24
C HIS C 384 32.61 -1.36 -25.03
N ILE C 385 31.44 -1.72 -25.58
CA ILE C 385 30.65 -0.77 -26.34
C ILE C 385 30.16 0.36 -25.44
N TYR C 386 29.83 0.05 -24.19
CA TYR C 386 29.14 0.99 -23.31
C TYR C 386 30.04 1.57 -22.23
N GLU C 387 31.37 1.45 -22.38
CA GLU C 387 32.27 1.84 -21.31
C GLU C 387 32.08 3.30 -20.92
N GLU C 388 31.86 4.17 -21.90
CA GLU C 388 31.65 5.58 -21.58
C GLU C 388 30.28 5.80 -20.94
N ILE C 389 29.26 5.08 -21.41
CA ILE C 389 27.95 5.17 -20.78
C ILE C 389 28.02 4.71 -19.33
N CYS C 390 28.66 3.56 -19.09
CA CYS C 390 28.74 3.03 -17.72
C CYS C 390 29.52 3.97 -16.82
N SER C 391 30.58 4.59 -17.35
CA SER C 391 31.37 5.48 -16.52
C SER C 391 30.53 6.66 -16.04
N GLN C 392 29.70 7.22 -16.93
CA GLN C 392 28.79 8.27 -16.50
C GLN C 392 27.77 7.74 -15.50
N LEU C 393 27.26 6.54 -15.75
CA LEU C 393 26.21 5.99 -14.89
C LEU C 393 26.72 5.76 -13.48
N ARG C 394 27.97 5.30 -13.33
CA ARG C 394 28.55 5.18 -11.99
C ARG C 394 28.47 6.51 -11.26
N LEU C 395 28.75 7.60 -11.95
CA LEU C 395 28.63 8.92 -11.35
C LEU C 395 27.19 9.22 -10.95
N VAL C 396 26.24 8.91 -11.85
CA VAL C 396 24.84 9.18 -11.57
C VAL C 396 24.40 8.45 -10.30
N ILE C 397 24.65 7.14 -10.24
CA ILE C 397 24.15 6.34 -9.12
C ILE C 397 24.82 6.79 -7.82
N ILE C 398 26.14 6.93 -7.84
CA ILE C 398 26.87 7.30 -6.63
C ILE C 398 26.35 8.62 -6.07
N GLU C 399 25.97 9.55 -6.95
CA GLU C 399 25.50 10.85 -6.51
C GLU C 399 24.03 10.84 -6.09
N ASN C 400 23.28 9.77 -6.37
CA ASN C 400 21.86 9.70 -6.04
C ASN C 400 21.54 8.52 -5.13
N MET C 401 22.52 7.99 -4.40
CA MET C 401 22.25 6.91 -3.47
C MET C 401 21.24 7.35 -2.43
N VAL C 402 20.19 6.56 -2.24
CA VAL C 402 19.18 6.86 -1.24
C VAL C 402 19.61 6.25 0.09
N ARG C 403 19.06 6.78 1.16
CA ARG C 403 19.45 6.37 2.51
C ARG C 403 19.06 4.92 2.77
N PRO C 404 20.00 4.03 3.05
CA PRO C 404 19.63 2.65 3.40
C PRO C 404 18.97 2.60 4.77
N GLU C 405 18.35 1.46 5.06
CA GLU C 405 17.55 1.35 6.27
C GLU C 405 18.40 1.31 7.54
N GLU C 406 19.67 0.86 7.42
CA GLU C 406 20.53 0.80 8.59
C GLU C 406 20.85 2.20 9.12
N VAL C 407 20.81 3.21 8.26
CA VAL C 407 21.17 4.58 8.64
C VAL C 407 19.94 5.22 9.29
N LEU C 408 20.04 5.52 10.59
CA LEU C 408 18.90 5.92 11.39
C LEU C 408 18.89 7.41 11.72
N VAL C 409 19.75 8.21 11.07
CA VAL C 409 19.80 9.65 11.32
C VAL C 409 19.29 10.37 10.07
N VAL C 410 18.72 11.55 10.29
CA VAL C 410 18.15 12.35 9.21
C VAL C 410 18.15 13.81 9.65
N GLU C 411 18.13 14.71 8.67
CA GLU C 411 18.08 16.14 8.92
C GLU C 411 16.64 16.64 8.83
N ASN C 412 16.25 17.52 9.74
CA ASN C 412 14.90 18.04 9.81
C ASN C 412 14.84 19.41 9.15
N ASP C 413 13.73 20.12 9.39
CA ASP C 413 13.54 21.43 8.79
C ASP C 413 14.37 22.53 9.45
N GLU C 414 14.85 22.29 10.68
CA GLU C 414 15.70 23.25 11.37
C GLU C 414 17.18 23.06 11.06
N GLY C 415 17.52 22.11 10.20
CA GLY C 415 18.91 21.83 9.90
C GLY C 415 19.65 21.05 10.97
N GLU C 416 18.92 20.29 11.78
CA GLU C 416 19.52 19.53 12.87
C GLU C 416 19.42 18.04 12.57
N ILE C 417 20.47 17.30 12.94
CA ILE C 417 20.49 15.86 12.75
C ILE C 417 19.75 15.21 13.90
N VAL C 418 18.68 14.47 13.60
CA VAL C 418 17.86 13.81 14.59
C VAL C 418 17.67 12.35 14.17
N ARG C 419 17.13 11.56 15.10
CA ARG C 419 16.77 10.19 14.79
C ARG C 419 15.47 10.17 13.97
N GLU C 420 15.36 9.17 13.10
CA GLU C 420 14.20 9.07 12.22
C GLU C 420 12.96 8.72 13.03
N PHE C 421 11.89 9.48 12.80
CA PHE C 421 10.59 9.15 13.38
C PHE C 421 10.11 7.82 12.80
N VAL C 422 9.83 7.82 11.51
CA VAL C 422 9.22 6.69 10.85
C VAL C 422 10.28 5.96 10.04
N LYS C 423 9.95 4.73 9.63
CA LYS C 423 10.77 3.96 8.70
C LYS C 423 10.36 4.32 7.28
N GLU C 424 11.29 4.85 6.48
CA GLU C 424 11.01 5.18 5.09
C GLU C 424 10.98 3.87 4.28
N SER C 425 9.80 3.25 4.30
CA SER C 425 9.63 1.94 3.68
C SER C 425 9.66 2.02 2.15
N ASP C 426 9.35 3.17 1.56
CA ASP C 426 9.23 3.29 0.11
C ASP C 426 10.57 3.60 -0.56
N THR C 427 11.66 3.74 0.19
CA THR C 427 12.99 3.90 -0.38
C THR C 427 13.87 2.69 -0.18
N ILE C 428 13.45 1.73 0.64
CA ILE C 428 14.22 0.51 0.84
C ILE C 428 14.41 -0.22 -0.48
N GLN C 429 13.31 -0.44 -1.21
CA GLN C 429 13.39 -1.11 -2.50
C GLN C 429 14.29 -0.33 -3.46
N LEU C 430 14.16 1.00 -3.47
CA LEU C 430 14.99 1.81 -4.36
C LEU C 430 16.47 1.61 -4.06
N TYR C 431 16.84 1.60 -2.78
CA TYR C 431 18.25 1.41 -2.43
C TYR C 431 18.76 0.06 -2.92
N LYS C 432 17.96 -0.99 -2.78
CA LYS C 432 18.40 -2.31 -3.21
C LYS C 432 18.56 -2.36 -4.73
N SER C 433 17.69 -1.67 -5.47
CA SER C 433 17.86 -1.58 -6.91
C SER C 433 19.13 -0.82 -7.25
N GLU C 434 19.38 0.30 -6.56
CA GLU C 434 20.61 1.05 -6.80
C GLU C 434 21.85 0.21 -6.52
N ARG C 435 21.84 -0.52 -5.41
CA ARG C 435 22.98 -1.38 -5.07
CA ARG C 435 22.98 -1.38 -5.07
C ARG C 435 23.22 -2.43 -6.13
N GLU C 436 22.15 -3.08 -6.60
CA GLU C 436 22.30 -4.09 -7.65
C GLU C 436 23.00 -3.51 -8.88
N VAL C 437 22.52 -2.37 -9.38
CA VAL C 437 23.12 -1.79 -10.56
C VAL C 437 24.56 -1.39 -10.29
N LEU C 438 24.81 -0.76 -9.13
CA LEU C 438 26.15 -0.28 -8.85
C LEU C 438 27.12 -1.43 -8.62
N VAL C 439 26.63 -2.54 -8.09
CA VAL C 439 27.47 -3.73 -7.95
C VAL C 439 27.88 -4.25 -9.33
N TYR C 440 26.91 -4.34 -10.25
CA TYR C 440 27.26 -4.73 -11.62
C TYR C 440 28.29 -3.78 -12.21
N LEU C 441 28.02 -2.48 -12.15
CA LEU C 441 28.93 -1.50 -12.73
C LEU C 441 30.33 -1.62 -12.13
N THR C 442 30.41 -1.94 -10.84
CA THR C 442 31.73 -2.10 -10.23
C THR C 442 32.43 -3.34 -10.77
N HIS C 443 31.69 -4.42 -10.98
CA HIS C 443 32.26 -5.62 -11.57
C HIS C 443 32.72 -5.38 -13.00
N LEU C 444 32.01 -4.53 -13.74
CA LEU C 444 32.37 -4.29 -15.14
C LEU C 444 33.66 -3.47 -15.26
N ASN C 445 33.98 -2.65 -14.25
CA ASN C 445 35.25 -1.94 -14.24
C ASN C 445 35.52 -1.49 -12.80
N VAL C 446 36.16 -2.38 -12.03
CA VAL C 446 36.40 -2.12 -10.62
C VAL C 446 37.37 -0.96 -10.43
N ILE C 447 38.26 -0.73 -11.40
CA ILE C 447 39.23 0.36 -11.29
C ILE C 447 38.52 1.70 -11.40
N ASP C 448 37.64 1.84 -12.40
CA ASP C 448 36.94 3.10 -12.59
C ASP C 448 36.11 3.46 -11.36
N THR C 449 35.50 2.46 -10.72
CA THR C 449 34.67 2.75 -9.56
C THR C 449 35.51 3.21 -8.37
N GLU C 450 36.66 2.58 -8.14
CA GLU C 450 37.52 3.03 -7.05
C GLU C 450 38.02 4.45 -7.30
N GLU C 451 38.36 4.76 -8.55
CA GLU C 451 38.87 6.11 -8.86
C GLU C 451 37.82 7.17 -8.55
N ILE C 452 36.58 6.94 -8.97
CA ILE C 452 35.51 7.91 -8.70
C ILE C 452 35.34 8.11 -7.20
N MET C 453 35.26 7.01 -6.44
CA MET C 453 34.97 7.11 -5.02
C MET C 453 36.12 7.73 -4.25
N ILE C 454 37.36 7.33 -4.56
CA ILE C 454 38.52 7.94 -3.88
C ILE C 454 38.61 9.42 -4.22
N SER C 455 38.40 9.77 -5.48
CA SER C 455 38.46 11.17 -5.89
C SER C 455 37.40 11.99 -5.15
N LYS C 456 36.16 11.50 -5.14
CA LYS C 456 35.11 12.19 -4.39
C LYS C 456 35.47 12.30 -2.91
N LEU C 457 36.07 11.26 -2.35
CA LEU C 457 36.46 11.30 -0.95
C LEU C 457 37.52 12.37 -0.70
N ALA C 458 38.42 12.57 -1.67
CA ALA C 458 39.44 13.62 -1.54
C ALA C 458 38.78 14.99 -1.46
N ARG C 459 37.86 15.29 -2.38
CA ARG C 459 37.19 16.58 -2.37
C ARG C 459 36.26 16.76 -1.18
N GLN C 460 36.11 15.73 -0.34
CA GLN C 460 35.44 15.90 0.96
C GLN C 460 36.41 16.33 2.05
N ILE C 461 37.63 15.80 2.00
CA ILE C 461 38.67 16.21 2.96
C ILE C 461 39.00 17.69 2.76
N ASP C 462 39.50 18.03 1.57
CA ASP C 462 39.92 19.40 1.31
C ASP C 462 38.78 20.39 1.50
N GLY C 463 37.53 19.93 1.55
CA GLY C 463 36.39 20.78 1.80
C GLY C 463 35.77 21.40 0.57
N SER C 464 36.43 21.30 -0.59
CA SER C 464 35.91 21.93 -1.80
C SER C 464 34.49 21.48 -2.12
N GLU C 465 34.07 20.31 -1.61
CA GLU C 465 32.71 19.81 -1.87
C GLU C 465 32.05 19.27 -0.60
N TRP C 466 32.55 19.63 0.58
CA TRP C 466 31.99 19.09 1.81
C TRP C 466 30.53 19.50 1.98
N SER C 467 29.72 18.53 2.40
CA SER C 467 28.34 18.76 2.80
C SER C 467 27.79 17.44 3.30
N TRP C 468 26.77 17.52 4.16
CA TRP C 468 26.18 16.31 4.70
C TRP C 468 25.64 15.41 3.59
N HIS C 469 24.98 16.00 2.60
CA HIS C 469 24.42 15.21 1.51
C HIS C 469 25.52 14.54 0.69
N ASN C 470 26.61 15.25 0.43
CA ASN C 470 27.66 14.70 -0.42
C ASN C 470 28.42 13.58 0.29
N ILE C 471 28.66 13.74 1.60
CA ILE C 471 29.37 12.69 2.33
C ILE C 471 28.48 11.48 2.56
N ASN C 472 27.16 11.69 2.62
CA ASN C 472 26.23 10.59 2.84
C ASN C 472 26.14 9.70 1.61
N THR C 473 25.83 10.28 0.45
CA THR C 473 25.70 9.48 -0.75
C THR C 473 26.97 8.71 -1.04
N LEU C 474 28.13 9.33 -0.81
CA LEU C 474 29.40 8.65 -1.05
C LEU C 474 29.57 7.46 -0.09
N SER C 475 29.40 7.70 1.21
CA SER C 475 29.53 6.62 2.18
C SER C 475 28.58 5.48 1.85
N TRP C 476 27.32 5.81 1.52
CA TRP C 476 26.34 4.79 1.22
C TRP C 476 26.75 3.98 -0.02
N ALA C 477 27.28 4.66 -1.03
CA ALA C 477 27.74 3.96 -2.23
C ALA C 477 28.92 3.06 -1.90
N ILE C 478 29.91 3.58 -1.16
CA ILE C 478 31.05 2.76 -0.76
C ILE C 478 30.57 1.48 -0.08
N GLY C 479 29.68 1.62 0.90
CA GLY C 479 29.20 0.45 1.60
C GLY C 479 28.48 -0.52 0.70
N SER C 480 27.72 0.02 -0.28
CA SER C 480 26.84 -0.82 -1.07
C SER C 480 27.60 -1.77 -2.00
N ILE C 481 28.81 -1.42 -2.41
CA ILE C 481 29.54 -2.23 -3.39
C ILE C 481 30.39 -3.29 -2.71
N SER C 482 30.17 -3.49 -1.41
CA SER C 482 30.91 -4.51 -0.68
C SER C 482 30.80 -5.87 -1.37
N GLY C 483 31.94 -6.51 -1.59
CA GLY C 483 32.00 -7.82 -2.22
C GLY C 483 32.50 -7.80 -3.64
N THR C 484 32.58 -6.64 -4.29
CA THR C 484 32.96 -6.57 -5.69
C THR C 484 34.47 -6.55 -5.92
N MET C 485 35.23 -6.09 -4.94
CA MET C 485 36.68 -5.97 -5.07
C MET C 485 37.36 -7.22 -4.51
N SER C 486 38.62 -7.39 -4.89
CA SER C 486 39.45 -8.42 -4.31
C SER C 486 39.74 -8.10 -2.84
N GLU C 487 40.13 -9.12 -2.08
CA GLU C 487 40.38 -8.91 -0.66
C GLU C 487 41.52 -7.92 -0.44
N ASP C 488 42.54 -7.95 -1.31
CA ASP C 488 43.66 -7.03 -1.16
C ASP C 488 43.29 -5.61 -1.60
N THR C 489 42.61 -5.49 -2.74
CA THR C 489 42.11 -4.18 -3.14
C THR C 489 41.16 -3.62 -2.09
N GLU C 490 40.21 -4.44 -1.65
CA GLU C 490 39.28 -4.00 -0.62
C GLU C 490 40.02 -3.53 0.64
N LYS C 491 41.07 -4.27 1.03
CA LYS C 491 41.80 -3.93 2.24
C LYS C 491 42.31 -2.49 2.20
N ARG C 492 43.02 -2.12 1.13
CA ARG C 492 43.53 -0.76 1.03
C ARG C 492 42.42 0.24 0.76
N PHE C 493 41.37 -0.18 0.05
CA PHE C 493 40.25 0.71 -0.19
C PHE C 493 39.53 1.05 1.12
N VAL C 494 39.27 0.05 1.94
CA VAL C 494 38.58 0.29 3.21
C VAL C 494 39.49 1.09 4.15
N GLU C 495 40.75 0.67 4.28
CA GLU C 495 41.71 1.41 5.09
C GLU C 495 41.67 2.90 4.76
N THR C 496 41.72 3.23 3.46
CA THR C 496 41.74 4.64 3.05
C THR C 496 40.43 5.33 3.42
N VAL C 497 39.31 4.63 3.27
CA VAL C 497 38.01 5.23 3.58
C VAL C 497 37.90 5.52 5.07
N ILE C 498 38.36 4.61 5.91
CA ILE C 498 38.27 4.82 7.36
C ILE C 498 39.15 6.00 7.77
N LYS C 499 40.40 6.02 7.32
CA LYS C 499 41.31 7.10 7.68
C LYS C 499 40.71 8.46 7.34
N ASP C 500 40.08 8.57 6.17
CA ASP C 500 39.55 9.86 5.74
C ASP C 500 38.26 10.21 6.47
N LEU C 501 37.41 9.22 6.75
CA LEU C 501 36.20 9.49 7.52
C LEU C 501 36.51 9.83 8.97
N LEU C 502 37.60 9.28 9.51
CA LEU C 502 38.02 9.64 10.85
C LEU C 502 38.56 11.07 10.88
N ASP C 503 39.31 11.46 9.84
CA ASP C 503 39.81 12.83 9.77
C ASP C 503 38.66 13.83 9.73
N LEU C 504 37.58 13.49 9.02
CA LEU C 504 36.41 14.37 8.98
C LEU C 504 35.79 14.48 10.37
N CYS C 505 35.67 13.35 11.08
CA CYS C 505 35.09 13.39 12.42
C CYS C 505 35.88 14.32 13.34
N VAL C 506 37.20 14.40 13.14
CA VAL C 506 38.02 15.33 13.92
C VAL C 506 37.75 16.76 13.46
N LYS C 507 37.95 17.02 12.17
CA LYS C 507 37.83 18.39 11.66
C LYS C 507 36.45 18.96 11.93
N LYS C 508 35.41 18.18 11.66
CA LYS C 508 34.04 18.67 11.78
C LYS C 508 33.59 18.62 13.23
N ARG C 509 33.22 19.77 13.78
CA ARG C 509 32.81 19.89 15.17
C ARG C 509 31.32 20.20 15.24
N GLY C 510 30.77 20.04 16.44
CA GLY C 510 29.34 20.19 16.63
C GLY C 510 28.64 18.85 16.52
N LYS C 511 27.71 18.57 17.44
CA LYS C 511 27.08 17.26 17.48
C LYS C 511 26.34 16.92 16.18
N ASP C 512 25.91 17.93 15.42
CA ASP C 512 25.27 17.67 14.14
C ASP C 512 26.26 17.04 13.17
N ASN C 513 27.41 17.68 12.97
CA ASN C 513 28.44 17.10 12.11
C ASN C 513 28.91 15.76 12.66
N LYS C 514 29.01 15.64 13.99
CA LYS C 514 29.52 14.41 14.59
C LYS C 514 28.58 13.24 14.32
N ALA C 515 27.27 13.49 14.35
CA ALA C 515 26.32 12.40 14.15
C ALA C 515 26.31 11.90 12.71
N VAL C 516 26.43 12.83 11.75
CA VAL C 516 26.47 12.44 10.33
C VAL C 516 27.60 11.46 10.09
N VAL C 517 28.82 11.83 10.46
CA VAL C 517 29.98 11.00 10.19
C VAL C 517 29.88 9.69 10.97
N ALA C 518 29.41 9.75 12.21
CA ALA C 518 29.24 8.53 13.00
C ALA C 518 28.36 7.52 12.27
N SER C 519 27.24 7.99 11.71
CA SER C 519 26.35 7.08 10.98
C SER C 519 26.99 6.59 9.70
N ASP C 520 27.83 7.41 9.05
CA ASP C 520 28.46 6.98 7.81
C ASP C 520 29.53 5.93 8.05
N ILE C 521 30.35 6.11 9.09
CA ILE C 521 31.39 5.13 9.40
C ILE C 521 30.77 3.82 9.86
N MET C 522 29.76 3.89 10.71
CA MET C 522 29.12 2.66 11.19
C MET C 522 28.55 1.86 10.04
N TYR C 523 27.92 2.53 9.07
CA TYR C 523 27.36 1.80 7.93
C TYR C 523 28.45 1.19 7.09
N VAL C 524 29.51 1.95 6.78
CA VAL C 524 30.61 1.41 6.00
C VAL C 524 31.19 0.18 6.68
N VAL C 525 31.49 0.30 7.98
CA VAL C 525 32.13 -0.78 8.71
C VAL C 525 31.23 -2.01 8.74
N GLY C 526 29.94 -1.82 9.00
CA GLY C 526 29.01 -2.93 9.02
C GLY C 526 28.92 -3.65 7.69
N GLN C 527 29.27 -2.98 6.60
CA GLN C 527 29.15 -3.56 5.27
C GLN C 527 30.38 -4.35 4.85
N TYR C 528 31.50 -4.23 5.56
CA TYR C 528 32.75 -4.91 5.19
C TYR C 528 33.21 -5.86 6.29
N PRO C 529 32.43 -6.90 6.59
CA PRO C 529 32.88 -7.85 7.61
C PRO C 529 34.12 -8.63 7.19
N ARG C 530 34.25 -8.97 5.91
CA ARG C 530 35.45 -9.66 5.45
C ARG C 530 36.71 -8.90 5.85
N PHE C 531 36.66 -7.57 5.77
CA PHE C 531 37.80 -6.77 6.21
C PHE C 531 38.03 -6.92 7.70
N LEU C 532 36.97 -6.81 8.49
CA LEU C 532 37.10 -6.91 9.95
C LEU C 532 37.62 -8.28 10.36
N LYS C 533 37.18 -9.33 9.67
CA LYS C 533 37.63 -10.68 10.02
C LYS C 533 39.13 -10.82 9.84
N ALA C 534 39.67 -10.29 8.73
CA ALA C 534 41.07 -10.49 8.38
C ALA C 534 42.03 -9.75 9.30
N HIS C 535 41.54 -8.80 10.11
CA HIS C 535 42.40 -8.02 10.99
C HIS C 535 41.70 -7.91 12.34
N TRP C 536 42.06 -8.81 13.27
CA TRP C 536 41.44 -8.81 14.58
C TRP C 536 41.58 -7.46 15.28
N ASN C 537 42.74 -6.82 15.13
CA ASN C 537 42.94 -5.49 15.70
C ASN C 537 41.83 -4.54 15.26
N HIS C 538 41.44 -4.61 13.99
CA HIS C 538 40.38 -3.75 13.49
C HIS C 538 39.03 -4.10 14.10
N LEU C 539 38.67 -5.39 14.07
CA LEU C 539 37.41 -5.82 14.64
C LEU C 539 37.27 -5.37 16.09
N ARG C 540 38.30 -5.66 16.90
CA ARG C 540 38.24 -5.31 18.32
C ARG C 540 38.05 -3.81 18.50
N THR C 541 38.80 -3.00 17.76
CA THR C 541 38.68 -1.55 17.88
C THR C 541 37.28 -1.08 17.54
N VAL C 542 36.71 -1.60 16.46
CA VAL C 542 35.36 -1.22 16.06
C VAL C 542 34.38 -1.50 17.19
N ILE C 543 34.40 -2.74 17.71
CA ILE C 543 33.44 -3.12 18.75
C ILE C 543 33.56 -2.19 19.96
N LEU C 544 34.79 -1.94 20.41
CA LEU C 544 34.98 -1.09 21.57
C LEU C 544 34.51 0.33 21.31
N LYS C 545 34.62 0.80 20.06
CA LYS C 545 34.09 2.12 19.75
C LYS C 545 32.57 2.10 19.66
N LEU C 546 31.99 1.00 19.19
CA LEU C 546 30.55 0.85 19.24
C LEU C 546 30.05 0.87 20.67
N PHE C 547 30.79 0.21 21.58
CA PHE C 547 30.43 0.26 22.99
C PHE C 547 30.47 1.70 23.52
N GLU C 548 31.46 2.49 23.09
CA GLU C 548 31.49 3.89 23.48
C GLU C 548 30.24 4.62 23.01
N PHE C 549 29.85 4.41 21.74
CA PHE C 549 28.68 5.08 21.20
C PHE C 549 27.40 4.70 21.91
N MET C 550 27.38 3.55 22.61
CA MET C 550 26.20 3.17 23.38
C MET C 550 25.98 4.07 24.58
N HIS C 551 26.98 4.88 24.95
CA HIS C 551 26.82 5.88 26.01
C HIS C 551 26.59 7.28 25.45
N GLU C 552 26.55 7.44 24.14
CA GLU C 552 26.35 8.75 23.55
C GLU C 552 24.93 9.25 23.81
N THR C 553 24.81 10.56 24.07
CA THR C 553 23.51 11.16 24.37
C THR C 553 22.63 11.32 23.13
N HIS C 554 23.22 11.40 21.95
CA HIS C 554 22.45 11.45 20.71
C HIS C 554 21.82 10.07 20.47
N GLU C 555 20.50 9.99 20.57
CA GLU C 555 19.81 8.70 20.51
C GLU C 555 19.98 8.02 19.15
N GLY C 556 20.18 8.80 18.09
CA GLY C 556 20.46 8.24 16.78
C GLY C 556 21.74 7.41 16.76
N VAL C 557 22.86 8.04 17.14
CA VAL C 557 24.12 7.31 17.25
C VAL C 557 23.96 6.10 18.15
N GLN C 558 23.28 6.26 19.28
CA GLN C 558 23.14 5.18 20.23
C GLN C 558 22.44 3.98 19.61
N ASP C 559 21.30 4.23 18.97
CA ASP C 559 20.52 3.13 18.40
C ASP C 559 21.28 2.43 17.29
N MET C 560 21.94 3.19 16.42
CA MET C 560 22.64 2.59 15.29
C MET C 560 23.86 1.79 15.75
N ALA C 561 24.49 2.21 16.86
CA ALA C 561 25.62 1.44 17.38
C ALA C 561 25.20 0.03 17.75
N CYS C 562 24.01 -0.12 18.33
CA CYS C 562 23.53 -1.46 18.71
C CYS C 562 23.16 -2.27 17.49
N ASP C 563 22.50 -1.65 16.51
CA ASP C 563 22.17 -2.36 15.28
C ASP C 563 23.42 -2.76 14.51
N THR C 564 24.44 -1.91 14.53
CA THR C 564 25.69 -2.24 13.85
C THR C 564 26.41 -3.36 14.57
N PHE C 565 26.44 -3.31 15.90
CA PHE C 565 27.06 -4.38 16.68
C PHE C 565 26.50 -5.73 16.28
N ILE C 566 25.18 -5.89 16.35
CA ILE C 566 24.58 -7.17 16.01
C ILE C 566 24.80 -7.50 14.53
N LYS C 567 24.83 -6.48 13.67
CA LYS C 567 25.07 -6.73 12.25
C LYS C 567 26.46 -7.29 12.02
N ILE C 568 27.45 -6.77 12.72
CA ILE C 568 28.81 -7.30 12.59
C ILE C 568 28.89 -8.70 13.19
N VAL C 569 28.23 -8.91 14.35
CA VAL C 569 28.29 -10.21 15.02
C VAL C 569 27.71 -11.29 14.12
N GLN C 570 26.63 -10.99 13.39
CA GLN C 570 26.04 -12.01 12.54
C GLN C 570 27.03 -12.55 11.52
N LYS C 571 27.99 -11.74 11.10
CA LYS C 571 28.97 -12.15 10.10
C LYS C 571 30.30 -12.60 10.70
N CYS C 572 30.70 -12.05 11.84
CA CYS C 572 32.00 -12.33 12.45
C CYS C 572 31.88 -13.09 13.76
N LYS C 573 30.75 -13.74 14.00
CA LYS C 573 30.52 -14.42 15.28
C LYS C 573 31.66 -15.35 15.65
N TYR C 574 32.24 -16.04 14.66
CA TYR C 574 33.27 -17.03 14.96
C TYR C 574 34.49 -16.39 15.58
N HIS C 575 34.82 -15.17 15.17
CA HIS C 575 36.00 -14.49 15.71
C HIS C 575 35.79 -14.00 17.15
N PHE C 576 34.63 -14.27 17.75
CA PHE C 576 34.36 -13.88 19.13
C PHE C 576 34.46 -15.07 20.10
N VAL C 577 34.40 -16.30 19.61
CA VAL C 577 34.40 -17.48 20.49
C VAL C 577 35.81 -18.06 20.57
N ILE C 578 36.60 -17.91 19.51
CA ILE C 578 37.98 -18.36 19.55
C ILE C 578 38.81 -17.40 20.39
N GLN C 579 39.92 -17.90 20.90
CA GLN C 579 40.90 -17.08 21.60
C GLN C 579 41.87 -16.53 20.55
N GLN C 580 41.85 -15.23 20.33
CA GLN C 580 42.73 -14.60 19.37
C GLN C 580 44.14 -14.48 19.95
N PRO C 581 45.17 -14.61 19.11
CA PRO C 581 46.54 -14.35 19.58
C PRO C 581 46.62 -13.00 20.27
N ARG C 582 47.47 -12.93 21.30
CA ARG C 582 47.65 -11.73 22.11
C ARG C 582 46.43 -11.41 22.96
N GLU C 583 45.55 -12.38 23.17
CA GLU C 583 44.38 -12.21 24.02
C GLU C 583 44.33 -13.36 25.02
N SER C 584 43.84 -13.05 26.22
CA SER C 584 43.82 -14.03 27.30
C SER C 584 42.61 -14.96 27.20
N GLU C 585 41.52 -14.50 26.60
CA GLU C 585 40.28 -15.26 26.57
C GLU C 585 39.51 -14.86 25.33
N PRO C 586 38.56 -15.69 24.88
CA PRO C 586 37.67 -15.27 23.80
C PRO C 586 37.01 -13.93 24.14
N PHE C 587 36.70 -13.17 23.09
CA PHE C 587 36.19 -11.82 23.32
C PHE C 587 34.79 -11.85 23.92
N ILE C 588 34.01 -12.89 23.63
CA ILE C 588 32.69 -13.02 24.26
C ILE C 588 32.82 -13.01 25.78
N GLN C 589 33.93 -13.53 26.30
CA GLN C 589 34.19 -13.46 27.73
C GLN C 589 34.25 -12.02 28.20
N THR C 590 35.01 -11.18 27.48
CA THR C 590 35.13 -9.77 27.84
C THR C 590 33.78 -9.07 27.74
N ILE C 591 33.03 -9.33 26.67
CA ILE C 591 31.75 -8.67 26.47
C ILE C 591 30.79 -8.98 27.61
N ILE C 592 30.62 -10.27 27.91
CA ILE C 592 29.71 -10.67 28.99
C ILE C 592 30.14 -10.02 30.29
N ARG C 593 31.45 -9.99 30.54
CA ARG C 593 31.97 -9.50 31.81
C ARG C 593 31.52 -8.07 32.08
N ASP C 594 31.71 -7.19 31.09
CA ASP C 594 31.42 -5.77 31.26
C ASP C 594 30.02 -5.40 30.79
N ILE C 595 29.13 -6.37 30.64
CA ILE C 595 27.84 -6.12 29.99
C ILE C 595 27.05 -5.06 30.75
N GLN C 596 27.14 -5.06 32.08
CA GLN C 596 26.38 -4.10 32.88
C GLN C 596 26.84 -2.67 32.58
N LYS C 597 28.15 -2.45 32.57
CA LYS C 597 28.69 -1.14 32.24
C LYS C 597 28.31 -0.74 30.82
N THR C 598 28.48 -1.66 29.86
CA THR C 598 28.31 -1.32 28.46
C THR C 598 26.89 -0.88 28.15
N THR C 599 25.90 -1.53 28.75
CA THR C 599 24.50 -1.30 28.42
C THR C 599 23.81 -0.37 29.41
N ALA C 600 24.58 0.33 30.24
CA ALA C 600 23.97 1.11 31.33
C ALA C 600 23.04 2.19 30.81
N ASP C 601 23.43 2.87 29.74
CA ASP C 601 22.66 3.98 29.22
C ASP C 601 21.65 3.59 28.15
N LEU C 602 21.54 2.30 27.84
CA LEU C 602 20.66 1.87 26.77
C LEU C 602 19.22 1.73 27.28
N GLN C 603 18.29 1.74 26.33
CA GLN C 603 16.90 1.47 26.63
C GLN C 603 16.65 -0.03 26.64
N PRO C 604 15.61 -0.47 27.36
CA PRO C 604 15.33 -1.92 27.40
C PRO C 604 15.38 -2.60 26.04
N GLN C 605 14.70 -2.04 25.04
CA GLN C 605 14.74 -2.62 23.69
C GLN C 605 16.17 -2.79 23.21
N GLN C 606 17.02 -1.80 23.46
CA GLN C 606 18.40 -1.87 23.01
C GLN C 606 19.21 -2.86 23.83
N VAL C 607 18.95 -2.94 25.13
CA VAL C 607 19.62 -3.94 25.96
C VAL C 607 19.29 -5.33 25.46
N HIS C 608 18.04 -5.57 25.06
CA HIS C 608 17.65 -6.88 24.57
C HIS C 608 18.36 -7.21 23.26
N THR C 609 18.53 -6.22 22.38
CA THR C 609 19.30 -6.45 21.16
C THR C 609 20.72 -6.86 21.49
N PHE C 610 21.33 -6.20 22.49
CA PHE C 610 22.68 -6.56 22.91
C PHE C 610 22.75 -8.01 23.37
N TYR C 611 21.79 -8.43 24.20
CA TYR C 611 21.78 -9.81 24.67
C TYR C 611 21.55 -10.78 23.51
N LYS C 612 20.73 -10.39 22.54
CA LYS C 612 20.49 -11.25 21.39
C LYS C 612 21.78 -11.46 20.60
N ALA C 613 22.55 -10.39 20.39
CA ALA C 613 23.82 -10.52 19.69
C ALA C 613 24.76 -11.47 20.43
N CYS C 614 24.85 -11.32 21.76
CA CYS C 614 25.66 -12.23 22.55
C CYS C 614 25.22 -13.68 22.35
N GLY C 615 23.90 -13.91 22.27
CA GLY C 615 23.40 -15.25 22.02
C GLY C 615 23.88 -15.82 20.70
N ILE C 616 23.91 -14.98 19.65
CA ILE C 616 24.44 -15.42 18.36
C ILE C 616 25.84 -15.98 18.53
N ILE C 617 26.68 -15.25 19.26
CA ILE C 617 28.07 -15.66 19.45
C ILE C 617 28.12 -16.97 20.24
N ILE C 618 27.34 -17.05 21.32
CA ILE C 618 27.38 -18.23 22.18
C ILE C 618 27.04 -19.49 21.40
N SER C 619 26.10 -19.38 20.45
CA SER C 619 25.69 -20.54 19.66
C SER C 619 26.77 -21.03 18.71
N GLU C 620 27.86 -20.28 18.53
CA GLU C 620 28.97 -20.77 17.73
C GLU C 620 29.84 -21.76 18.49
N GLU C 621 29.76 -21.78 19.81
CA GLU C 621 30.49 -22.75 20.62
C GLU C 621 29.75 -24.07 20.61
N ARG C 622 30.31 -25.07 19.93
CA ARG C 622 29.65 -26.36 19.81
C ARG C 622 30.06 -27.35 20.89
N SER C 623 30.88 -26.92 21.86
CA SER C 623 31.13 -27.70 23.05
C SER C 623 30.01 -27.41 24.06
N VAL C 624 29.18 -28.41 24.34
CA VAL C 624 27.98 -28.18 25.15
C VAL C 624 28.35 -27.56 26.49
N ALA C 625 29.43 -28.03 27.11
CA ALA C 625 29.80 -27.53 28.43
C ALA C 625 30.15 -26.05 28.37
N GLU C 626 30.99 -25.67 27.40
CA GLU C 626 31.40 -24.28 27.31
C GLU C 626 30.26 -23.38 26.88
N ARG C 627 29.40 -23.87 25.98
CA ARG C 627 28.26 -23.06 25.55
C ARG C 627 27.30 -22.82 26.71
N ASN C 628 26.94 -23.87 27.44
CA ASN C 628 26.03 -23.72 28.57
C ASN C 628 26.63 -22.84 29.65
N ARG C 629 27.95 -22.90 29.83
CA ARG C 629 28.60 -22.02 30.81
C ARG C 629 28.49 -20.56 30.36
N LEU C 630 28.76 -20.29 29.09
CA LEU C 630 28.60 -18.93 28.56
C LEU C 630 27.16 -18.47 28.68
N LEU C 631 26.21 -19.34 28.34
CA LEU C 631 24.81 -18.98 28.48
C LEU C 631 24.47 -18.61 29.91
N SER C 632 25.05 -19.34 30.88
CA SER C 632 24.78 -19.03 32.27
C SER C 632 25.42 -17.71 32.68
N ASP C 633 26.62 -17.43 32.17
CA ASP C 633 27.26 -16.16 32.48
C ASP C 633 26.50 -14.98 31.87
N LEU C 634 26.02 -15.15 30.63
CA LEU C 634 25.28 -14.07 29.97
C LEU C 634 24.01 -13.73 30.74
N MET C 635 23.31 -14.74 31.24
CA MET C 635 22.02 -14.56 31.90
C MET C 635 22.15 -14.28 33.39
N GLN C 636 23.35 -13.98 33.87
CA GLN C 636 23.55 -13.79 35.30
C GLN C 636 22.67 -12.67 35.84
N LEU C 637 22.75 -11.47 35.24
CA LEU C 637 21.95 -10.35 35.72
C LEU C 637 20.46 -10.64 35.68
N PRO C 638 19.87 -11.05 34.55
CA PRO C 638 18.43 -11.35 34.58
C PRO C 638 18.07 -12.50 35.50
N ASN C 639 18.96 -13.48 35.68
CA ASN C 639 18.65 -14.59 36.57
C ASN C 639 18.69 -14.16 38.03
N MET C 640 19.60 -13.26 38.40
CA MET C 640 19.64 -12.75 39.76
C MET C 640 18.37 -11.96 40.08
N ALA C 641 17.98 -11.07 39.18
CA ALA C 641 16.72 -10.33 39.37
C ALA C 641 15.52 -11.27 39.33
N TRP C 642 15.59 -12.34 38.55
CA TRP C 642 14.51 -13.30 38.51
C TRP C 642 14.41 -14.07 39.83
N ASP C 643 15.55 -14.56 40.33
CA ASP C 643 15.54 -15.31 41.58
C ASP C 643 15.06 -14.44 42.74
N THR C 644 15.46 -13.16 42.75
CA THR C 644 14.99 -12.26 43.79
C THR C 644 13.48 -12.09 43.72
N ILE C 645 12.93 -11.97 42.51
CA ILE C 645 11.52 -11.63 42.37
C ILE C 645 10.61 -12.82 42.65
N VAL C 646 11.09 -14.05 42.42
CA VAL C 646 10.27 -15.21 42.76
C VAL C 646 10.16 -15.37 44.27
N GLU C 647 11.17 -14.90 45.02
CA GLU C 647 11.05 -14.91 46.47
C GLU C 647 9.96 -13.97 46.95
N GLN C 648 9.71 -12.89 46.22
CA GLN C 648 8.71 -11.91 46.60
C GLN C 648 7.33 -12.24 46.06
N SER C 649 7.24 -12.70 44.82
CA SER C 649 5.96 -13.17 44.29
C SER C 649 5.41 -14.30 45.14
N THR C 650 6.29 -15.11 45.73
CA THR C 650 5.85 -16.13 46.69
C THR C 650 5.43 -15.49 48.01
N ALA C 651 6.23 -14.55 48.51
CA ALA C 651 5.93 -13.88 49.76
C ALA C 651 4.57 -13.21 49.72
N ASN C 652 4.49 -12.06 49.06
CA ASN C 652 3.25 -11.28 48.97
C ASN C 652 3.01 -10.90 47.51
N PRO C 653 2.07 -11.56 46.82
CA PRO C 653 1.74 -11.13 45.45
C PRO C 653 1.31 -9.68 45.34
N THR C 654 1.07 -9.00 46.47
CA THR C 654 0.75 -7.58 46.43
C THR C 654 1.84 -6.75 45.79
N LEU C 655 3.09 -7.24 45.80
CA LEU C 655 4.19 -6.50 45.18
C LEU C 655 3.98 -6.36 43.67
N LEU C 656 3.41 -7.37 43.04
CA LEU C 656 3.16 -7.30 41.60
C LEU C 656 2.26 -6.12 41.24
N LEU C 657 1.53 -5.56 42.20
CA LEU C 657 0.85 -4.29 41.96
C LEU C 657 1.84 -3.16 41.73
N ASP C 658 3.07 -3.30 42.23
CA ASP C 658 4.10 -2.29 42.03
C ASP C 658 4.39 -2.15 40.54
N SER C 659 4.26 -0.92 40.03
CA SER C 659 4.51 -0.68 38.62
C SER C 659 5.92 -1.07 38.24
N GLU C 660 6.89 -0.81 39.11
CA GLU C 660 8.29 -1.06 38.77
C GLU C 660 8.62 -2.54 38.77
N THR C 661 8.02 -3.31 39.69
CA THR C 661 8.25 -4.74 39.70
C THR C 661 7.72 -5.38 38.42
N VAL C 662 6.53 -4.95 37.97
CA VAL C 662 5.98 -5.46 36.73
C VAL C 662 6.94 -5.19 35.57
N LYS C 663 7.44 -3.97 35.48
CA LYS C 663 8.34 -3.61 34.38
C LYS C 663 9.61 -4.43 34.44
N ILE C 664 10.14 -4.67 35.64
CA ILE C 664 11.35 -5.47 35.77
C ILE C 664 11.10 -6.88 35.26
N ILE C 665 9.98 -7.48 35.69
CA ILE C 665 9.65 -8.84 35.25
C ILE C 665 9.58 -8.90 33.72
N ALA C 666 8.84 -7.96 33.13
CA ALA C 666 8.67 -7.97 31.68
C ALA C 666 10.02 -7.91 30.97
N ASN C 667 10.93 -7.06 31.46
CA ASN C 667 12.23 -6.94 30.81
C ASN C 667 13.09 -8.17 31.01
N ILE C 668 12.98 -8.82 32.17
CA ILE C 668 13.67 -10.09 32.36
C ILE C 668 13.23 -11.09 31.31
N ILE C 669 11.91 -11.22 31.11
CA ILE C 669 11.39 -12.19 30.16
C ILE C 669 11.71 -11.75 28.72
N LYS C 670 11.57 -10.46 28.43
CA LYS C 670 11.97 -9.96 27.12
C LYS C 670 13.43 -10.28 26.83
N THR C 671 14.27 -10.24 27.85
CA THR C 671 15.67 -10.60 27.68
C THR C 671 15.83 -12.09 27.36
N ASN C 672 15.07 -12.95 28.06
CA ASN C 672 15.10 -14.37 27.75
C ASN C 672 14.56 -14.63 26.35
N VAL C 673 13.55 -13.85 25.92
CA VAL C 673 13.03 -13.99 24.57
C VAL C 673 14.12 -13.65 23.55
N ALA C 674 14.82 -12.54 23.77
CA ALA C 674 15.84 -12.11 22.82
C ALA C 674 16.94 -13.17 22.68
N VAL C 675 17.44 -13.68 23.80
CA VAL C 675 18.49 -14.69 23.73
C VAL C 675 17.98 -15.98 23.11
N CYS C 676 16.75 -16.37 23.44
CA CYS C 676 16.19 -17.58 22.84
C CYS C 676 16.00 -17.41 21.33
N THR C 677 15.71 -16.19 20.87
CA THR C 677 15.51 -15.97 19.44
C THR C 677 16.76 -16.34 18.65
N SER C 678 17.94 -15.98 19.16
CA SER C 678 19.19 -16.21 18.44
C SER C 678 19.85 -17.54 18.76
N MET C 679 19.46 -18.20 19.85
CA MET C 679 20.09 -19.46 20.22
C MET C 679 19.24 -20.68 19.89
N GLY C 680 17.93 -20.55 19.86
CA GLY C 680 17.08 -21.68 19.47
C GLY C 680 17.22 -22.84 20.43
N ALA C 681 17.43 -24.03 19.86
CA ALA C 681 17.47 -25.25 20.66
C ALA C 681 18.52 -25.17 21.76
N ASP C 682 19.62 -24.45 21.53
CA ASP C 682 20.67 -24.33 22.54
C ASP C 682 20.22 -23.55 23.76
N PHE C 683 19.03 -22.93 23.72
CA PHE C 683 18.52 -22.15 24.84
C PHE C 683 17.89 -23.02 25.91
N TYR C 684 17.68 -24.31 25.64
CA TYR C 684 16.94 -25.16 26.57
C TYR C 684 17.46 -25.08 28.01
N PRO C 685 18.77 -25.09 28.27
CA PRO C 685 19.22 -25.00 29.68
C PRO C 685 18.66 -23.78 30.40
N GLN C 686 18.78 -22.59 29.81
CA GLN C 686 18.26 -21.38 30.45
C GLN C 686 16.75 -21.46 30.64
N LEU C 687 16.05 -22.13 29.74
CA LEU C 687 14.61 -22.26 29.88
C LEU C 687 14.24 -23.16 31.06
N GLY C 688 14.97 -24.26 31.24
CA GLY C 688 14.75 -25.12 32.39
C GLY C 688 15.01 -24.44 33.71
N HIS C 689 15.85 -23.41 33.73
CA HIS C 689 16.14 -22.71 34.97
C HIS C 689 14.94 -21.91 35.46
N ILE C 690 14.10 -21.43 34.54
CA ILE C 690 13.00 -20.53 34.90
C ILE C 690 11.62 -21.10 34.61
N TYR C 691 11.52 -22.27 33.95
CA TYR C 691 10.25 -22.69 33.37
C TYR C 691 9.16 -22.82 34.44
N TYR C 692 9.38 -23.68 35.43
CA TYR C 692 8.31 -23.98 36.39
C TYR C 692 7.90 -22.73 37.16
N ASN C 693 8.87 -21.94 37.63
CA ASN C 693 8.52 -20.70 38.33
C ASN C 693 7.87 -19.70 37.38
N MET C 694 8.26 -19.70 36.11
CA MET C 694 7.68 -18.77 35.15
C MET C 694 6.20 -19.07 34.94
N LEU C 695 5.84 -20.35 34.83
CA LEU C 695 4.43 -20.71 34.68
C LEU C 695 3.65 -20.43 35.96
N GLN C 696 4.30 -20.53 37.12
CA GLN C 696 3.64 -20.12 38.36
C GLN C 696 3.37 -18.63 38.34
N LEU C 697 4.34 -17.83 37.90
CA LEU C 697 4.12 -16.39 37.77
C LEU C 697 2.99 -16.11 36.80
N TYR C 698 2.95 -16.82 35.68
CA TYR C 698 1.85 -16.68 34.74
C TYR C 698 0.51 -16.84 35.44
N ARG C 699 0.38 -17.85 36.30
CA ARG C 699 -0.87 -18.07 37.02
C ARG C 699 -1.17 -16.91 37.97
N ALA C 700 -0.16 -16.48 38.74
CA ALA C 700 -0.38 -15.41 39.70
C ALA C 700 -0.74 -14.11 39.00
N VAL C 701 -0.10 -13.82 37.87
CA VAL C 701 -0.46 -12.63 37.10
C VAL C 701 -1.89 -12.73 36.60
N SER C 702 -2.32 -13.94 36.20
CA SER C 702 -3.68 -14.12 35.72
C SER C 702 -4.70 -13.80 36.81
N SER C 703 -4.40 -14.19 38.05
CA SER C 703 -5.31 -13.88 39.15
C SER C 703 -5.48 -12.38 39.32
N MET C 704 -4.39 -11.63 39.31
CA MET C 704 -4.48 -10.18 39.49
C MET C 704 -5.29 -9.54 38.37
N ILE C 705 -5.06 -9.96 37.13
CA ILE C 705 -5.82 -9.41 36.01
C ILE C 705 -7.31 -9.65 36.21
N SER C 706 -7.69 -10.90 36.46
CA SER C 706 -9.09 -11.23 36.70
C SER C 706 -9.64 -10.42 37.87
N ALA C 707 -8.91 -10.39 38.98
CA ALA C 707 -9.38 -9.63 40.14
C ALA C 707 -9.56 -8.17 39.81
N GLN C 708 -8.60 -7.58 39.08
CA GLN C 708 -8.68 -6.16 38.78
C GLN C 708 -9.91 -5.83 37.95
N VAL C 709 -10.22 -6.69 36.96
CA VAL C 709 -11.38 -6.44 36.10
C VAL C 709 -12.66 -6.43 36.94
N ALA C 710 -12.85 -7.45 37.78
CA ALA C 710 -14.05 -7.53 38.59
C ALA C 710 -14.19 -6.33 39.52
N ALA C 711 -13.06 -5.86 40.06
CA ALA C 711 -13.09 -4.74 41.01
C ALA C 711 -13.14 -3.38 40.34
N GLU C 712 -12.79 -3.28 39.05
CA GLU C 712 -12.78 -2.00 38.35
C GLU C 712 -13.57 -1.99 37.06
N GLY C 713 -13.94 -3.15 36.52
CA GLY C 713 -14.67 -3.21 35.26
C GLY C 713 -13.76 -3.55 34.10
N LEU C 714 -14.38 -3.68 32.92
CA LEU C 714 -13.63 -4.01 31.72
C LEU C 714 -12.63 -2.91 31.37
N ILE C 715 -12.84 -1.69 31.87
CA ILE C 715 -11.90 -0.60 31.58
C ILE C 715 -10.53 -0.90 32.17
N ALA C 716 -10.46 -1.76 33.20
CA ALA C 716 -9.18 -2.11 33.79
C ALA C 716 -8.20 -2.63 32.75
N THR C 717 -8.69 -3.32 31.73
CA THR C 717 -7.81 -3.84 30.69
C THR C 717 -7.08 -2.73 29.96
N LYS C 718 -7.57 -1.50 30.04
CA LYS C 718 -6.93 -0.36 29.40
C LYS C 718 -5.92 0.35 30.30
N THR C 719 -5.98 0.11 31.60
CA THR C 719 -5.09 0.81 32.53
C THR C 719 -3.65 0.38 32.31
N PRO C 720 -2.69 1.23 32.70
CA PRO C 720 -1.28 0.80 32.62
C PRO C 720 -0.98 -0.42 33.46
N LYS C 721 -1.56 -0.51 34.66
CA LYS C 721 -1.25 -1.63 35.54
C LYS C 721 -1.60 -2.96 34.87
N VAL C 722 -2.83 -3.10 34.39
CA VAL C 722 -3.25 -4.35 33.78
C VAL C 722 -2.50 -4.60 32.48
N ARG C 723 -2.36 -3.55 31.64
CA ARG C 723 -1.58 -3.70 30.42
C ARG C 723 -0.18 -4.22 30.71
N GLY C 724 0.40 -3.80 31.84
CA GLY C 724 1.72 -4.28 32.20
C GLY C 724 1.69 -5.74 32.63
N LEU C 725 0.64 -6.14 33.35
CA LEU C 725 0.50 -7.53 33.76
C LEU C 725 0.24 -8.43 32.56
N ARG C 726 -0.62 -8.00 31.63
CA ARG C 726 -0.84 -8.78 30.42
C ARG C 726 0.44 -8.88 29.60
N THR C 727 1.26 -7.83 29.60
CA THR C 727 2.54 -7.89 28.89
C THR C 727 3.39 -9.07 29.37
N ILE C 728 3.44 -9.28 30.68
CA ILE C 728 4.17 -10.42 31.23
C ILE C 728 3.67 -11.71 30.60
N LYS C 729 2.36 -11.93 30.65
CA LYS C 729 1.79 -13.16 30.11
C LYS C 729 2.15 -13.34 28.65
N LYS C 730 2.09 -12.26 27.88
CA LYS C 730 2.35 -12.36 26.45
C LYS C 730 3.81 -12.63 26.15
N GLU C 731 4.72 -12.12 26.97
CA GLU C 731 6.15 -12.41 26.79
C GLU C 731 6.47 -13.85 27.19
N ILE C 732 5.77 -14.40 28.18
CA ILE C 732 5.99 -15.79 28.55
C ILE C 732 5.55 -16.71 27.42
N LEU C 733 4.34 -16.51 26.90
CA LEU C 733 3.89 -17.28 25.76
C LEU C 733 4.83 -17.10 24.57
N LYS C 734 5.32 -15.87 24.36
CA LYS C 734 6.25 -15.63 23.27
C LYS C 734 7.54 -16.40 23.47
N LEU C 735 8.04 -16.45 24.71
CA LEU C 735 9.26 -17.19 24.99
C LEU C 735 9.08 -18.68 24.73
N VAL C 736 7.99 -19.26 25.24
CA VAL C 736 7.74 -20.68 25.05
C VAL C 736 7.50 -20.98 23.58
N GLU C 737 6.79 -20.07 22.89
CA GLU C 737 6.52 -20.27 21.47
C GLU C 737 7.81 -20.16 20.66
N THR C 738 8.70 -19.25 21.06
CA THR C 738 9.96 -19.09 20.34
C THR C 738 10.82 -20.34 20.45
N TYR C 739 10.92 -20.91 21.66
CA TYR C 739 11.77 -22.09 21.83
C TYR C 739 11.20 -23.29 21.10
N ILE C 740 9.91 -23.57 21.29
CA ILE C 740 9.31 -24.77 20.69
C ILE C 740 9.48 -24.73 19.18
N SER C 741 9.33 -23.56 18.57
CA SER C 741 9.44 -23.44 17.12
C SER C 741 10.84 -23.74 16.60
N LYS C 742 11.85 -23.79 17.48
CA LYS C 742 13.22 -24.03 17.08
C LYS C 742 13.82 -25.25 17.77
N ALA C 743 13.04 -25.98 18.54
CA ALA C 743 13.60 -27.10 19.31
C ALA C 743 14.00 -28.23 18.38
N ARG C 744 15.20 -28.79 18.63
CA ARG C 744 15.61 -30.01 17.93
C ARG C 744 15.06 -31.24 18.64
N ASN C 745 15.08 -31.24 19.98
CA ASN C 745 14.66 -32.39 20.76
C ASN C 745 13.17 -32.24 21.07
N LEU C 746 12.33 -32.80 20.19
CA LEU C 746 10.89 -32.73 20.38
C LEU C 746 10.41 -33.65 21.48
N ASP C 747 11.23 -34.60 21.92
CA ASP C 747 10.83 -35.51 22.99
C ASP C 747 10.74 -34.78 24.32
N ASP C 748 11.74 -33.93 24.62
CA ASP C 748 11.70 -33.16 25.85
C ASP C 748 10.60 -32.12 25.84
N VAL C 749 10.29 -31.57 24.66
CA VAL C 749 9.16 -30.65 24.55
C VAL C 749 7.89 -31.31 25.05
N VAL C 750 7.57 -32.49 24.50
CA VAL C 750 6.35 -33.19 24.88
C VAL C 750 6.42 -33.65 26.33
N LYS C 751 7.58 -34.15 26.76
CA LYS C 751 7.67 -34.82 28.04
C LYS C 751 7.82 -33.85 29.21
N VAL C 752 8.23 -32.61 28.96
CA VAL C 752 8.58 -31.67 30.02
C VAL C 752 7.74 -30.40 29.92
N LEU C 753 7.68 -29.78 28.74
CA LEU C 753 7.11 -28.45 28.60
C LEU C 753 5.60 -28.47 28.37
N VAL C 754 5.13 -29.33 27.47
CA VAL C 754 3.73 -29.24 27.02
C VAL C 754 2.77 -29.38 28.19
N GLU C 755 2.97 -30.40 29.01
CA GLU C 755 2.00 -30.68 30.07
C GLU C 755 1.83 -29.51 31.03
N PRO C 756 2.88 -28.96 31.64
CA PRO C 756 2.67 -27.77 32.49
C PRO C 756 2.13 -26.58 31.73
N LEU C 757 2.52 -26.41 30.47
CA LEU C 757 2.07 -25.26 29.69
C LEU C 757 0.55 -25.27 29.53
N LEU C 758 -0.02 -26.40 29.13
CA LEU C 758 -1.45 -26.47 28.88
C LEU C 758 -2.24 -26.24 30.16
N ASN C 759 -1.79 -26.84 31.27
CA ASN C 759 -2.49 -26.65 32.54
C ASN C 759 -2.46 -25.20 32.99
N ALA C 760 -1.46 -24.42 32.55
CA ALA C 760 -1.32 -23.05 33.01
C ALA C 760 -2.08 -22.05 32.16
N VAL C 761 -2.27 -22.32 30.87
CA VAL C 761 -2.80 -21.33 29.95
C VAL C 761 -4.21 -21.64 29.48
N LEU C 762 -4.60 -22.91 29.37
CA LEU C 762 -5.87 -23.25 28.74
C LEU C 762 -7.04 -22.82 29.63
N GLU C 763 -7.11 -23.33 30.85
CA GLU C 763 -8.21 -22.99 31.74
C GLU C 763 -8.31 -21.48 31.94
N ASP C 764 -7.18 -20.83 32.19
CA ASP C 764 -7.17 -19.37 32.35
C ASP C 764 -7.81 -18.69 31.15
N TYR C 765 -7.42 -19.11 29.94
CA TYR C 765 -8.03 -18.55 28.73
C TYR C 765 -9.54 -18.78 28.72
N MET C 766 -9.96 -20.01 29.07
CA MET C 766 -11.37 -20.37 28.94
C MET C 766 -12.23 -19.62 29.94
N ASN C 767 -11.72 -19.39 31.14
CA ASN C 767 -12.52 -18.82 32.22
C ASN C 767 -12.34 -17.32 32.40
N ASN C 768 -11.58 -16.67 31.52
CA ASN C 768 -11.54 -15.22 31.48
C ASN C 768 -12.70 -14.69 30.64
N VAL C 769 -13.11 -13.46 30.95
CA VAL C 769 -14.10 -12.78 30.11
C VAL C 769 -13.44 -12.53 28.75
N PRO C 770 -14.23 -12.35 27.68
CA PRO C 770 -13.62 -12.14 26.36
C PRO C 770 -12.55 -11.06 26.33
N ASP C 771 -12.83 -9.89 26.91
CA ASP C 771 -11.89 -8.77 26.84
C ASP C 771 -10.60 -9.03 27.61
N ALA C 772 -10.50 -10.14 28.35
CA ALA C 772 -9.29 -10.48 29.08
C ALA C 772 -8.54 -11.64 28.47
N ARG C 773 -9.08 -12.26 27.42
CA ARG C 773 -8.43 -13.40 26.78
C ARG C 773 -7.35 -12.91 25.84
N ASP C 774 -6.15 -13.48 25.96
CA ASP C 774 -5.02 -13.11 25.12
C ASP C 774 -5.03 -13.98 23.86
N ALA C 775 -5.08 -13.33 22.70
CA ALA C 775 -4.99 -14.06 21.44
C ALA C 775 -3.63 -14.74 21.29
N GLU C 776 -2.63 -14.31 22.07
CA GLU C 776 -1.31 -14.94 22.03
C GLU C 776 -1.40 -16.40 22.48
N VAL C 777 -2.38 -16.74 23.30
CA VAL C 777 -2.58 -18.14 23.67
C VAL C 777 -2.82 -18.97 22.42
N LEU C 778 -3.71 -18.50 21.55
CA LEU C 778 -3.99 -19.25 20.32
C LEU C 778 -2.76 -19.35 19.46
N ASN C 779 -2.05 -18.23 19.28
CA ASN C 779 -0.82 -18.24 18.50
C ASN C 779 0.19 -19.22 19.08
N CYS C 780 0.26 -19.31 20.41
CA CYS C 780 1.20 -20.23 21.04
C CYS C 780 0.78 -21.68 20.81
N MET C 781 -0.51 -21.98 20.97
CA MET C 781 -0.99 -23.34 20.77
C MET C 781 -0.80 -23.78 19.33
N THR C 782 -0.98 -22.86 18.38
CA THR C 782 -0.74 -23.18 16.97
C THR C 782 0.67 -23.72 16.79
N THR C 783 1.67 -23.07 17.39
CA THR C 783 3.05 -23.52 17.24
C THR C 783 3.26 -24.87 17.90
N VAL C 784 2.61 -25.11 19.05
CA VAL C 784 2.71 -26.41 19.70
C VAL C 784 2.24 -27.50 18.74
N VAL C 785 1.03 -27.35 18.19
CA VAL C 785 0.49 -28.37 17.30
C VAL C 785 1.35 -28.53 16.06
N GLU C 786 1.87 -27.42 15.54
CA GLU C 786 2.70 -27.47 14.33
C GLU C 786 3.95 -28.32 14.54
N LYS C 787 4.52 -28.31 15.75
CA LYS C 787 5.80 -28.96 15.99
C LYS C 787 5.69 -30.32 16.65
N VAL C 788 4.71 -30.52 17.53
CA VAL C 788 4.60 -31.78 18.27
C VAL C 788 3.15 -32.25 18.26
N GLY C 789 2.31 -31.64 17.42
CA GLY C 789 0.92 -32.03 17.38
C GLY C 789 0.72 -33.52 17.16
N HIS C 790 1.52 -34.10 16.27
CA HIS C 790 1.42 -35.53 15.98
C HIS C 790 1.81 -36.41 17.15
N MET C 791 2.31 -35.84 18.23
CA MET C 791 2.79 -36.62 19.38
C MET C 791 1.89 -36.49 20.60
N ILE C 792 0.88 -35.62 20.56
CA ILE C 792 0.04 -35.39 21.74
C ILE C 792 -1.43 -35.42 21.33
N PRO C 793 -1.97 -36.56 20.91
CA PRO C 793 -3.38 -36.59 20.51
C PRO C 793 -4.31 -36.09 21.58
N GLN C 794 -4.08 -36.45 22.84
CA GLN C 794 -4.94 -35.98 23.92
C GLN C 794 -4.70 -34.51 24.22
N GLY C 795 -3.49 -34.02 23.95
CA GLY C 795 -3.21 -32.62 24.16
C GLY C 795 -3.94 -31.72 23.17
N VAL C 796 -3.99 -32.13 21.91
CA VAL C 796 -4.72 -31.37 20.91
C VAL C 796 -6.20 -31.32 21.26
N ILE C 797 -6.76 -32.44 21.70
CA ILE C 797 -8.16 -32.48 22.13
C ILE C 797 -8.39 -31.48 23.25
N LEU C 798 -7.52 -31.50 24.26
CA LEU C 798 -7.69 -30.58 25.38
C LEU C 798 -7.61 -29.13 24.93
N ILE C 799 -6.79 -28.83 23.91
CA ILE C 799 -6.69 -27.48 23.39
C ILE C 799 -8.03 -27.07 22.77
N LEU C 800 -8.63 -27.96 21.97
CA LEU C 800 -9.91 -27.65 21.34
C LEU C 800 -10.97 -27.31 22.38
N GLN C 801 -11.17 -28.20 23.37
CA GLN C 801 -12.21 -28.02 24.35
C GLN C 801 -12.13 -26.65 25.02
N SER C 802 -10.91 -26.17 25.28
CA SER C 802 -10.74 -24.96 26.06
C SER C 802 -10.97 -23.70 25.24
N VAL C 803 -10.55 -23.68 23.97
CA VAL C 803 -10.50 -22.46 23.20
C VAL C 803 -11.53 -22.43 22.07
N PHE C 804 -11.98 -23.58 21.56
CA PHE C 804 -12.78 -23.58 20.34
C PHE C 804 -14.10 -22.85 20.53
N GLU C 805 -14.93 -23.33 21.45
CA GLU C 805 -16.29 -22.80 21.56
C GLU C 805 -16.30 -21.39 22.12
N CYS C 806 -15.48 -21.11 23.13
CA CYS C 806 -15.50 -19.77 23.74
C CYS C 806 -14.93 -18.72 22.80
N THR C 807 -14.00 -19.10 21.92
CA THR C 807 -13.47 -18.15 20.95
C THR C 807 -14.43 -17.94 19.80
N LEU C 808 -15.13 -18.99 19.37
CA LEU C 808 -16.09 -18.85 18.29
C LEU C 808 -17.21 -17.89 18.67
N ASP C 809 -17.68 -17.96 19.91
CA ASP C 809 -18.73 -17.04 20.35
C ASP C 809 -18.26 -15.59 20.39
N MET C 810 -16.95 -15.35 20.43
CA MET C 810 -16.42 -13.99 20.39
C MET C 810 -16.47 -13.40 19.00
N ILE C 811 -16.30 -14.22 17.95
CA ILE C 811 -16.06 -13.73 16.60
C ILE C 811 -17.22 -14.03 15.66
N ASN C 812 -18.28 -14.68 16.13
CA ASN C 812 -19.36 -15.11 15.25
C ASN C 812 -20.56 -14.17 15.27
N LYS C 813 -20.40 -12.97 15.84
CA LYS C 813 -21.47 -11.98 15.85
C LYS C 813 -21.27 -10.88 14.82
N ASP C 814 -20.06 -10.73 14.30
CA ASP C 814 -19.77 -9.82 13.20
C ASP C 814 -18.37 -10.15 12.70
N PHE C 815 -17.91 -9.38 11.72
CA PHE C 815 -16.58 -9.55 11.16
C PHE C 815 -15.58 -8.57 11.75
N THR C 816 -15.95 -7.84 12.79
CA THR C 816 -15.17 -6.71 13.30
C THR C 816 -14.40 -7.05 14.58
N GLU C 817 -15.11 -7.40 15.65
CA GLU C 817 -14.52 -7.40 16.97
C GLU C 817 -13.47 -8.50 17.12
N TYR C 818 -12.51 -8.26 18.01
CA TYR C 818 -11.44 -9.20 18.29
C TYR C 818 -10.74 -9.63 17.01
N PRO C 819 -10.12 -8.68 16.29
CA PRO C 819 -9.45 -9.05 15.04
C PRO C 819 -8.30 -10.02 15.22
N GLU C 820 -7.56 -9.95 16.32
CA GLU C 820 -6.44 -10.86 16.52
C GLU C 820 -6.96 -12.28 16.78
N HIS C 821 -7.86 -12.45 17.75
CA HIS C 821 -8.42 -13.77 18.01
C HIS C 821 -9.00 -14.37 16.75
N ARG C 822 -9.66 -13.54 15.95
CA ARG C 822 -10.23 -14.00 14.68
C ARG C 822 -9.16 -14.67 13.80
N VAL C 823 -8.01 -14.01 13.67
CA VAL C 823 -6.95 -14.52 12.79
C VAL C 823 -6.29 -15.75 13.40
N GLU C 824 -5.86 -15.66 14.66
CA GLU C 824 -5.17 -16.78 15.29
C GLU C 824 -6.09 -17.98 15.43
N PHE C 825 -7.38 -17.74 15.66
CA PHE C 825 -8.34 -18.83 15.83
C PHE C 825 -8.33 -19.77 14.63
N TYR C 826 -8.38 -19.21 13.42
CA TYR C 826 -8.45 -20.05 12.23
C TYR C 826 -7.08 -20.56 11.80
N LYS C 827 -5.99 -19.93 12.22
CA LYS C 827 -4.69 -20.54 12.05
C LYS C 827 -4.55 -21.79 12.90
N LEU C 828 -5.12 -21.75 14.11
CA LEU C 828 -5.07 -22.92 14.99
C LEU C 828 -5.90 -24.07 14.44
N LEU C 829 -7.14 -23.78 14.03
CA LEU C 829 -7.95 -24.82 13.40
C LEU C 829 -7.28 -25.35 12.15
N LYS C 830 -6.63 -24.48 11.39
CA LYS C 830 -5.97 -24.91 10.16
C LYS C 830 -4.94 -26.00 10.45
N VAL C 831 -4.07 -25.77 11.43
CA VAL C 831 -3.00 -26.72 11.69
C VAL C 831 -3.54 -27.98 12.38
N ILE C 832 -4.55 -27.83 13.22
CA ILE C 832 -5.17 -29.02 13.83
C ILE C 832 -5.75 -29.92 12.75
N ASN C 833 -6.51 -29.34 11.81
CA ASN C 833 -7.12 -30.12 10.76
C ASN C 833 -6.07 -30.86 9.93
N GLU C 834 -4.86 -30.32 9.84
CA GLU C 834 -3.79 -30.97 9.06
C GLU C 834 -3.07 -32.02 9.88
N LYS C 835 -2.63 -31.66 11.09
CA LYS C 835 -1.72 -32.49 11.86
C LYS C 835 -2.43 -33.44 12.83
N SER C 836 -3.68 -33.18 13.18
CA SER C 836 -4.40 -34.01 14.15
C SER C 836 -5.91 -33.93 13.88
N PHE C 837 -6.32 -34.27 12.67
CA PHE C 837 -7.74 -34.27 12.34
C PHE C 837 -8.54 -35.21 13.23
N ALA C 838 -7.89 -36.22 13.82
CA ALA C 838 -8.60 -37.13 14.71
C ALA C 838 -9.27 -36.38 15.85
N ALA C 839 -8.70 -35.26 16.27
CA ALA C 839 -9.28 -34.48 17.35
C ALA C 839 -10.69 -34.00 17.01
N PHE C 840 -10.96 -33.75 15.73
CA PHE C 840 -12.29 -33.29 15.34
C PHE C 840 -13.30 -34.42 15.37
N LEU C 841 -12.85 -35.66 15.16
CA LEU C 841 -13.78 -36.80 15.23
C LEU C 841 -14.29 -37.01 16.65
N GLU C 842 -13.51 -36.64 17.65
CA GLU C 842 -13.93 -36.80 19.04
C GLU C 842 -14.97 -35.78 19.45
N LEU C 843 -15.15 -34.72 18.67
CA LEU C 843 -16.13 -33.71 19.01
C LEU C 843 -17.54 -34.29 18.94
N PRO C 844 -18.40 -33.98 19.90
CA PRO C 844 -19.79 -34.42 19.77
C PRO C 844 -20.42 -33.85 18.52
N PRO C 845 -21.44 -34.52 17.98
CA PRO C 845 -22.05 -34.03 16.73
C PRO C 845 -22.41 -32.55 16.76
N ALA C 846 -22.74 -32.01 17.94
CA ALA C 846 -23.08 -30.60 18.02
C ALA C 846 -21.86 -29.72 17.78
N ALA C 847 -20.73 -30.08 18.42
CA ALA C 847 -19.52 -29.28 18.26
C ALA C 847 -18.97 -29.37 16.85
N PHE C 848 -19.02 -30.57 16.24
CA PHE C 848 -18.59 -30.70 14.85
C PHE C 848 -19.47 -29.90 13.92
N LYS C 849 -20.73 -29.68 14.29
CA LYS C 849 -21.59 -28.80 13.51
C LYS C 849 -21.13 -27.34 13.64
N LEU C 850 -20.69 -26.95 14.84
CA LEU C 850 -20.13 -25.62 15.02
C LEU C 850 -18.84 -25.46 14.22
N PHE C 851 -18.06 -26.54 14.11
CA PHE C 851 -16.86 -26.50 13.29
C PHE C 851 -17.19 -26.18 11.84
N VAL C 852 -18.17 -26.88 11.28
CA VAL C 852 -18.60 -26.60 9.91
C VAL C 852 -19.14 -25.17 9.81
N ASP C 853 -19.94 -24.75 10.78
CA ASP C 853 -20.45 -23.38 10.77
C ASP C 853 -19.33 -22.37 10.87
N ALA C 854 -18.23 -22.74 11.52
CA ALA C 854 -17.10 -21.82 11.66
C ALA C 854 -16.30 -21.73 10.37
N ILE C 855 -16.13 -22.84 9.66
CA ILE C 855 -15.39 -22.81 8.39
C ILE C 855 -16.10 -21.90 7.39
N CYS C 856 -17.41 -22.05 7.24
CA CYS C 856 -18.16 -21.21 6.31
C CYS C 856 -18.19 -19.77 6.78
N TRP C 857 -18.19 -19.55 8.09
CA TRP C 857 -18.11 -18.19 8.62
C TRP C 857 -16.85 -17.49 8.12
N ALA C 858 -15.73 -18.22 8.04
CA ALA C 858 -14.51 -17.65 7.50
C ALA C 858 -14.65 -17.33 6.01
N PHE C 859 -15.40 -18.14 5.26
CA PHE C 859 -15.62 -17.84 3.84
C PHE C 859 -16.09 -16.41 3.65
N LYS C 860 -16.98 -15.95 4.52
CA LYS C 860 -17.68 -14.68 4.32
C LYS C 860 -16.87 -13.48 4.79
N HIS C 861 -15.65 -13.67 5.29
CA HIS C 861 -14.81 -12.56 5.68
C HIS C 861 -14.20 -11.90 4.46
N ASN C 862 -14.13 -10.57 4.48
CA ASN C 862 -13.34 -9.85 3.50
C ASN C 862 -11.87 -9.82 3.89
N ASN C 863 -11.58 -9.89 5.19
CA ASN C 863 -10.21 -9.97 5.67
C ASN C 863 -9.52 -11.18 5.07
N ARG C 864 -8.41 -10.94 4.36
CA ARG C 864 -7.71 -12.03 3.68
C ARG C 864 -7.04 -12.97 4.67
N ASP C 865 -6.63 -12.47 5.83
CA ASP C 865 -5.99 -13.32 6.83
C ASP C 865 -6.94 -14.43 7.29
N VAL C 866 -8.24 -14.16 7.30
CA VAL C 866 -9.22 -15.15 7.72
C VAL C 866 -9.79 -15.92 6.53
N GLU C 867 -10.13 -15.21 5.46
CA GLU C 867 -10.78 -15.84 4.32
C GLU C 867 -9.94 -16.97 3.75
N VAL C 868 -8.63 -16.75 3.61
CA VAL C 868 -7.75 -17.75 3.00
C VAL C 868 -7.74 -19.02 3.84
N ASN C 869 -7.60 -18.87 5.16
CA ASN C 869 -7.54 -20.05 6.02
C ASN C 869 -8.87 -20.78 6.07
N GLY C 870 -9.98 -20.05 5.94
CA GLY C 870 -11.27 -20.71 5.91
C GLY C 870 -11.43 -21.61 4.70
N LEU C 871 -11.04 -21.12 3.52
CA LEU C 871 -11.15 -21.94 2.32
C LEU C 871 -10.17 -23.11 2.36
N GLN C 872 -8.98 -22.90 2.91
CA GLN C 872 -8.02 -23.99 3.00
C GLN C 872 -8.51 -25.10 3.90
N ILE C 873 -9.06 -24.74 5.07
CA ILE C 873 -9.61 -25.74 5.99
C ILE C 873 -10.68 -26.56 5.28
N ALA C 874 -11.59 -25.89 4.57
CA ALA C 874 -12.62 -26.61 3.81
C ALA C 874 -11.98 -27.59 2.84
N LEU C 875 -11.00 -27.14 2.06
CA LEU C 875 -10.35 -28.02 1.10
C LEU C 875 -9.68 -29.19 1.81
N ASP C 876 -8.99 -28.93 2.92
CA ASP C 876 -8.29 -29.99 3.62
C ASP C 876 -9.27 -30.90 4.38
N LEU C 877 -10.38 -30.36 4.88
CA LEU C 877 -11.36 -31.17 5.57
C LEU C 877 -12.00 -32.18 4.63
N VAL C 878 -12.27 -31.77 3.39
CA VAL C 878 -12.78 -32.69 2.39
C VAL C 878 -11.76 -33.81 2.15
N LYS C 879 -10.51 -33.44 1.90
CA LYS C 879 -9.46 -34.44 1.74
C LYS C 879 -9.42 -35.39 2.92
N ASN C 880 -9.56 -34.86 4.13
CA ASN C 880 -9.52 -35.71 5.33
C ASN C 880 -10.66 -36.71 5.33
N ILE C 881 -11.86 -36.29 4.94
CA ILE C 881 -13.00 -37.20 4.88
C ILE C 881 -12.78 -38.25 3.79
N GLU C 882 -12.33 -37.82 2.61
CA GLU C 882 -12.08 -38.76 1.53
C GLU C 882 -11.08 -39.83 1.96
N ARG C 883 -10.08 -39.46 2.76
CA ARG C 883 -9.12 -40.44 3.26
C ARG C 883 -9.83 -41.54 4.05
N MET C 884 -10.86 -41.18 4.82
CA MET C 884 -11.53 -42.13 5.69
C MET C 884 -12.22 -43.25 4.92
N GLY C 885 -12.32 -43.16 3.60
CA GLY C 885 -12.99 -44.19 2.85
C GLY C 885 -14.48 -44.20 3.13
N ASN C 886 -15.08 -45.38 2.95
CA ASN C 886 -16.53 -45.55 3.09
C ASN C 886 -16.82 -46.10 4.49
N VAL C 887 -16.84 -45.20 5.46
CA VAL C 887 -17.16 -45.55 6.85
C VAL C 887 -18.34 -44.72 7.30
N PRO C 888 -18.95 -45.04 8.45
CA PRO C 888 -20.14 -44.26 8.88
C PRO C 888 -19.90 -42.76 8.96
N PHE C 889 -18.77 -42.35 9.55
CA PHE C 889 -18.52 -40.92 9.72
C PHE C 889 -18.50 -40.21 8.37
N ALA C 890 -17.82 -40.78 7.38
CA ALA C 890 -17.79 -40.19 6.05
C ALA C 890 -19.20 -40.09 5.47
N ASN C 891 -19.96 -41.18 5.55
CA ASN C 891 -21.33 -41.17 5.02
C ASN C 891 -22.18 -40.10 5.72
N GLU C 892 -22.06 -40.02 7.04
CA GLU C 892 -22.83 -39.02 7.78
C GLU C 892 -22.40 -37.60 7.41
N PHE C 893 -21.10 -37.40 7.20
CA PHE C 893 -20.62 -36.09 6.79
C PHE C 893 -21.27 -35.64 5.49
N HIS C 894 -21.31 -36.52 4.50
CA HIS C 894 -21.91 -36.15 3.22
C HIS C 894 -23.42 -35.93 3.36
N LYS C 895 -24.06 -36.63 4.29
CA LYS C 895 -25.50 -36.43 4.47
C LYS C 895 -25.80 -35.09 5.12
N ASN C 896 -24.94 -34.64 6.02
CA ASN C 896 -25.23 -33.46 6.85
C ASN C 896 -24.58 -32.19 6.34
N TYR C 897 -23.39 -32.27 5.75
CA TYR C 897 -22.58 -31.08 5.51
C TYR C 897 -22.09 -30.91 4.08
N PHE C 898 -22.10 -31.94 3.25
CA PHE C 898 -21.64 -31.78 1.87
C PHE C 898 -22.39 -30.65 1.17
N PHE C 899 -23.72 -30.71 1.17
CA PHE C 899 -24.51 -29.72 0.46
C PHE C 899 -24.52 -28.36 1.15
N ILE C 900 -24.05 -28.27 2.39
CA ILE C 900 -23.82 -26.97 3.00
C ILE C 900 -22.60 -26.31 2.37
N PHE C 901 -21.50 -27.05 2.25
CA PHE C 901 -20.29 -26.47 1.65
C PHE C 901 -20.55 -26.06 0.21
N VAL C 902 -21.33 -26.86 -0.53
CA VAL C 902 -21.64 -26.52 -1.92
C VAL C 902 -22.36 -25.19 -1.99
N SER C 903 -23.46 -25.05 -1.23
CA SER C 903 -24.25 -23.84 -1.30
C SER C 903 -23.49 -22.65 -0.72
N GLU C 904 -22.76 -22.85 0.37
CA GLU C 904 -22.00 -21.75 0.95
C GLU C 904 -20.87 -21.31 0.03
N THR C 905 -20.19 -22.26 -0.61
CA THR C 905 -19.14 -21.90 -1.56
C THR C 905 -19.72 -21.15 -2.75
N PHE C 906 -20.86 -21.62 -3.26
CA PHE C 906 -21.50 -20.92 -4.38
C PHE C 906 -21.91 -19.50 -4.00
N PHE C 907 -22.29 -19.29 -2.74
CA PHE C 907 -22.75 -17.97 -2.33
C PHE C 907 -21.64 -16.94 -2.42
N VAL C 908 -20.48 -17.23 -1.84
CA VAL C 908 -19.37 -16.29 -1.90
C VAL C 908 -18.82 -16.16 -3.31
N LEU C 909 -19.03 -17.15 -4.17
CA LEU C 909 -18.59 -17.05 -5.55
C LEU C 909 -19.40 -16.04 -6.35
N THR C 910 -20.66 -15.84 -5.97
CA THR C 910 -21.61 -15.10 -6.78
C THR C 910 -22.13 -13.82 -6.14
N ASP C 911 -21.72 -13.50 -4.92
CA ASP C 911 -22.27 -12.34 -4.22
C ASP C 911 -21.53 -11.05 -4.55
N SER C 912 -20.46 -11.10 -5.34
CA SER C 912 -19.74 -9.91 -5.78
C SER C 912 -19.07 -9.16 -4.63
N ASP C 913 -18.93 -9.80 -3.46
CA ASP C 913 -18.29 -9.17 -2.31
C ASP C 913 -17.13 -9.99 -1.77
N HIS C 914 -16.71 -11.05 -2.46
CA HIS C 914 -15.57 -11.87 -2.04
C HIS C 914 -14.71 -12.24 -3.25
N LYS C 915 -14.57 -11.30 -4.18
CA LYS C 915 -13.87 -11.60 -5.43
C LYS C 915 -12.40 -11.90 -5.22
N SER C 916 -11.83 -11.51 -4.08
CA SER C 916 -10.42 -11.76 -3.83
C SER C 916 -10.12 -13.25 -3.73
N GLY C 917 -11.07 -14.05 -3.25
CA GLY C 917 -10.85 -15.47 -3.07
C GLY C 917 -11.44 -16.35 -4.16
N PHE C 918 -11.70 -15.75 -5.33
CA PHE C 918 -12.33 -16.50 -6.42
C PHE C 918 -11.59 -17.79 -6.74
N SER C 919 -10.25 -17.73 -6.86
CA SER C 919 -9.49 -18.89 -7.27
C SER C 919 -9.66 -20.05 -6.29
N LYS C 920 -9.49 -19.78 -5.00
CA LYS C 920 -9.64 -20.85 -4.02
C LYS C 920 -11.08 -21.31 -3.90
N GLN C 921 -12.03 -20.38 -4.02
CA GLN C 921 -13.44 -20.77 -4.06
C GLN C 921 -13.70 -21.75 -5.19
N ALA C 922 -13.21 -21.44 -6.40
CA ALA C 922 -13.40 -22.34 -7.53
C ALA C 922 -12.74 -23.69 -7.29
N LEU C 923 -11.52 -23.67 -6.72
CA LEU C 923 -10.83 -24.92 -6.43
C LEU C 923 -11.65 -25.79 -5.49
N LEU C 924 -12.18 -25.19 -4.41
CA LEU C 924 -12.98 -25.96 -3.46
C LEU C 924 -14.24 -26.49 -4.11
N LEU C 925 -14.94 -25.66 -4.89
CA LEU C 925 -16.14 -26.11 -5.57
C LEU C 925 -15.84 -27.26 -6.52
N MET C 926 -14.73 -27.16 -7.28
CA MET C 926 -14.36 -28.24 -8.17
C MET C 926 -14.13 -29.53 -7.40
N LYS C 927 -13.51 -29.43 -6.22
CA LYS C 927 -13.26 -30.62 -5.40
C LYS C 927 -14.57 -31.25 -4.95
N LEU C 928 -15.51 -30.43 -4.48
CA LEU C 928 -16.80 -30.96 -4.02
C LEU C 928 -17.53 -31.66 -5.15
N ILE C 929 -17.63 -31.02 -6.31
CA ILE C 929 -18.34 -31.62 -7.44
C ILE C 929 -17.66 -32.93 -7.85
N SER C 930 -16.32 -32.92 -7.93
CA SER C 930 -15.62 -34.11 -8.39
C SER C 930 -15.86 -35.31 -7.48
N LEU C 931 -16.08 -35.07 -6.18
CA LEU C 931 -16.38 -36.18 -5.28
C LEU C 931 -17.59 -36.97 -5.77
N VAL C 932 -18.60 -36.26 -6.28
CA VAL C 932 -19.83 -36.93 -6.67
C VAL C 932 -19.66 -37.72 -7.95
N TYR C 933 -18.87 -37.19 -8.89
CA TYR C 933 -18.65 -37.86 -10.17
C TYR C 933 -17.56 -38.92 -10.09
N ASP C 934 -17.28 -39.41 -8.88
CA ASP C 934 -16.47 -40.60 -8.68
C ASP C 934 -17.16 -41.64 -7.81
N ASN C 935 -18.28 -41.31 -7.18
CA ASN C 935 -18.99 -42.23 -6.30
C ASN C 935 -18.07 -42.82 -5.24
N SER C 952 -28.34 -41.92 -9.93
CA SER C 952 -27.09 -41.99 -9.19
C SER C 952 -26.89 -40.74 -8.33
N ASN C 953 -25.79 -40.73 -7.56
CA ASN C 953 -25.44 -39.55 -6.77
C ASN C 953 -25.28 -38.32 -7.64
N GLN C 954 -25.07 -38.49 -8.94
CA GLN C 954 -24.85 -37.36 -9.84
C GLN C 954 -26.16 -36.69 -10.24
N VAL C 955 -27.24 -37.47 -10.39
CA VAL C 955 -28.53 -36.87 -10.74
C VAL C 955 -29.02 -35.96 -9.62
N TYR C 956 -28.90 -36.42 -8.37
CA TYR C 956 -29.38 -35.61 -7.26
C TYR C 956 -28.60 -34.30 -7.14
N LEU C 957 -27.28 -34.36 -7.37
CA LEU C 957 -26.47 -33.15 -7.29
C LEU C 957 -26.92 -32.11 -8.31
N SER C 958 -27.18 -32.55 -9.55
CA SER C 958 -27.71 -31.63 -10.55
C SER C 958 -29.08 -31.12 -10.15
N GLN C 959 -29.95 -32.00 -9.66
CA GLN C 959 -31.25 -31.58 -9.15
C GLN C 959 -31.09 -30.51 -8.08
N TYR C 960 -30.27 -30.79 -7.06
CA TYR C 960 -30.06 -29.83 -5.99
C TYR C 960 -29.55 -28.50 -6.54
N LEU C 961 -28.48 -28.55 -7.34
CA LEU C 961 -27.89 -27.32 -7.85
C LEU C 961 -28.87 -26.55 -8.72
N ALA C 962 -29.60 -27.24 -9.58
CA ALA C 962 -30.58 -26.57 -10.44
C ALA C 962 -31.62 -25.84 -9.59
N ASN C 963 -32.14 -26.50 -8.56
CA ASN C 963 -33.13 -25.86 -7.70
C ASN C 963 -32.51 -24.71 -6.91
N MET C 964 -31.29 -24.90 -6.40
CA MET C 964 -30.65 -23.84 -5.64
C MET C 964 -30.47 -22.59 -6.48
N LEU C 965 -29.90 -22.73 -7.67
CA LEU C 965 -29.65 -21.56 -8.51
C LEU C 965 -30.95 -20.94 -9.01
N SER C 966 -31.98 -21.75 -9.22
CA SER C 966 -33.25 -21.21 -9.70
C SER C 966 -33.83 -20.23 -8.68
N ASN C 967 -33.83 -20.59 -7.39
CA ASN C 967 -34.37 -19.72 -6.37
C ASN C 967 -33.41 -18.56 -6.07
N ALA C 968 -32.11 -18.79 -6.20
CA ALA C 968 -31.14 -17.74 -5.88
C ALA C 968 -30.98 -16.73 -7.02
N PHE C 969 -31.24 -17.14 -8.26
CA PHE C 969 -31.11 -16.28 -9.43
C PHE C 969 -32.35 -16.45 -10.29
N PRO C 970 -33.50 -15.98 -9.80
CA PRO C 970 -34.76 -16.22 -10.53
C PRO C 970 -34.80 -15.60 -11.91
N HIS C 971 -33.94 -14.63 -12.21
CA HIS C 971 -33.96 -14.01 -13.52
C HIS C 971 -33.28 -14.85 -14.59
N LEU C 972 -32.65 -15.96 -14.22
CA LEU C 972 -32.10 -16.89 -15.20
C LEU C 972 -33.18 -17.83 -15.69
N THR C 973 -33.08 -18.22 -16.96
CA THR C 973 -33.96 -19.24 -17.50
C THR C 973 -33.50 -20.62 -17.05
N SER C 974 -34.42 -21.58 -17.14
CA SER C 974 -34.07 -22.97 -16.83
C SER C 974 -32.94 -23.45 -17.73
N GLU C 975 -32.96 -23.05 -19.01
CA GLU C 975 -31.93 -23.48 -19.94
C GLU C 975 -30.56 -22.93 -19.56
N GLN C 976 -30.49 -21.65 -19.19
CA GLN C 976 -29.22 -21.08 -18.74
C GLN C 976 -28.62 -21.90 -17.61
N ILE C 977 -29.42 -22.20 -16.59
CA ILE C 977 -28.94 -22.97 -15.46
C ILE C 977 -28.57 -24.39 -15.90
N ALA C 978 -29.39 -24.99 -16.77
CA ALA C 978 -29.11 -26.34 -17.22
C ALA C 978 -27.81 -26.39 -18.02
N SER C 979 -27.64 -25.47 -18.97
CA SER C 979 -26.41 -25.43 -19.76
C SER C 979 -25.20 -25.17 -18.89
N PHE C 980 -25.33 -24.26 -17.92
CA PHE C 980 -24.20 -23.95 -17.04
C PHE C 980 -23.76 -25.14 -16.23
N LEU C 981 -24.73 -25.92 -15.72
CA LEU C 981 -24.37 -27.07 -14.89
C LEU C 981 -23.85 -28.22 -15.73
N SER C 982 -24.38 -28.38 -16.94
CA SER C 982 -23.83 -29.39 -17.85
C SER C 982 -22.35 -29.13 -18.11
N ALA C 983 -22.01 -27.87 -18.41
CA ALA C 983 -20.61 -27.54 -18.68
C ALA C 983 -19.76 -27.65 -17.41
N LEU C 984 -20.32 -27.25 -16.27
CA LEU C 984 -19.53 -27.22 -15.05
C LEU C 984 -19.18 -28.62 -14.58
N THR C 985 -20.12 -29.57 -14.74
CA THR C 985 -19.88 -30.94 -14.28
C THR C 985 -18.94 -31.69 -15.20
N LYS C 986 -18.92 -31.36 -16.50
CA LYS C 986 -17.95 -31.96 -17.41
C LYS C 986 -16.53 -31.47 -17.15
N GLN C 987 -16.38 -30.29 -16.54
CA GLN C 987 -15.09 -29.62 -16.45
C GLN C 987 -14.51 -29.65 -15.03
N CYS C 988 -15.02 -30.52 -14.16
CA CYS C 988 -14.56 -30.57 -12.79
C CYS C 988 -13.19 -31.26 -12.65
N LYS C 989 -12.51 -31.51 -13.77
CA LYS C 989 -11.13 -31.97 -13.75
C LYS C 989 -10.17 -31.02 -14.45
N ASP C 990 -10.69 -29.96 -15.08
CA ASP C 990 -9.89 -28.96 -15.79
C ASP C 990 -10.15 -27.62 -15.12
N LEU C 991 -9.28 -27.24 -14.17
CA LEU C 991 -9.56 -26.06 -13.35
C LEU C 991 -9.54 -24.78 -14.17
N VAL C 992 -8.64 -24.68 -15.15
CA VAL C 992 -8.60 -23.49 -16.00
C VAL C 992 -9.93 -23.29 -16.70
N VAL C 993 -10.47 -24.36 -17.29
CA VAL C 993 -11.75 -24.27 -17.98
C VAL C 993 -12.89 -24.14 -16.96
N PHE C 994 -12.78 -24.87 -15.86
CA PHE C 994 -13.79 -24.79 -14.80
C PHE C 994 -13.95 -23.36 -14.32
N LYS C 995 -12.84 -22.64 -14.17
CA LYS C 995 -12.91 -21.25 -13.73
C LYS C 995 -13.46 -20.34 -14.83
N GLY C 996 -13.12 -20.63 -16.09
CA GLY C 996 -13.67 -19.85 -17.17
C GLY C 996 -15.19 -19.96 -17.26
N THR C 997 -15.73 -21.13 -16.90
CA THR C 997 -17.17 -21.32 -16.94
C THR C 997 -17.84 -20.57 -15.80
N LEU C 998 -17.20 -20.51 -14.62
CA LEU C 998 -17.77 -19.73 -13.52
C LEU C 998 -17.78 -18.24 -13.84
N ARG C 999 -16.70 -17.71 -14.42
CA ARG C 999 -16.68 -16.30 -14.77
C ARG C 999 -17.74 -15.99 -15.82
N ASP C 1000 -17.97 -16.90 -16.76
CA ASP C 1000 -19.09 -16.74 -17.68
C ASP C 1000 -20.41 -16.66 -16.93
N PHE C 1001 -20.57 -17.49 -15.89
CA PHE C 1001 -21.78 -17.46 -15.09
C PHE C 1001 -21.91 -16.17 -14.31
N LEU C 1002 -20.81 -15.68 -13.74
CA LEU C 1002 -20.85 -14.42 -13.01
C LEU C 1002 -21.23 -13.26 -13.93
N VAL C 1003 -20.84 -13.33 -15.20
CA VAL C 1003 -21.21 -12.29 -16.16
C VAL C 1003 -22.71 -12.36 -16.46
N GLN C 1004 -23.26 -13.57 -16.61
CA GLN C 1004 -24.65 -13.69 -17.05
C GLN C 1004 -25.63 -13.35 -15.95
N ILE C 1005 -25.26 -13.53 -14.68
CA ILE C 1005 -26.17 -13.18 -13.58
C ILE C 1005 -26.29 -11.68 -13.38
N LYS C 1006 -25.42 -10.89 -14.01
CA LYS C 1006 -25.53 -9.44 -13.94
C LYS C 1006 -26.47 -8.87 -15.00
N GLU C 1007 -26.95 -9.69 -15.92
CA GLU C 1007 -27.81 -9.23 -17.00
C GLU C 1007 -28.99 -10.18 -17.14
N VAL C 1008 -29.84 -9.92 -18.12
CA VAL C 1008 -30.99 -10.74 -18.44
C VAL C 1008 -30.82 -11.27 -19.86
N GLY C 1009 -31.12 -12.55 -20.04
CA GLY C 1009 -31.15 -13.12 -21.38
C GLY C 1009 -29.82 -13.60 -21.91
N GLY C 1010 -28.87 -13.93 -21.03
CA GLY C 1010 -27.59 -14.43 -21.51
C GLY C 1010 -27.78 -15.67 -22.37
N ASP C 1011 -26.95 -15.79 -23.40
CA ASP C 1011 -27.04 -16.92 -24.32
C ASP C 1011 -26.55 -18.20 -23.64
N PRO C 1012 -27.40 -19.20 -23.44
CA PRO C 1012 -26.92 -20.43 -22.76
C PRO C 1012 -25.88 -21.19 -23.56
N THR C 1013 -25.82 -21.02 -24.87
CA THR C 1013 -24.78 -21.69 -25.65
C THR C 1013 -23.38 -21.18 -25.32
N ASP C 1014 -23.27 -20.06 -24.60
CA ASP C 1014 -21.96 -19.57 -24.21
C ASP C 1014 -21.19 -20.60 -23.40
N TYR C 1015 -21.89 -21.49 -22.71
CA TYR C 1015 -21.27 -22.49 -21.86
C TYR C 1015 -20.73 -23.68 -22.66
N LEU C 1016 -20.90 -23.67 -23.98
CA LEU C 1016 -20.25 -24.63 -24.86
C LEU C 1016 -18.93 -24.11 -25.40
N PHE C 1017 -18.41 -23.04 -24.83
CA PHE C 1017 -17.19 -22.41 -25.35
C PHE C 1017 -16.04 -23.40 -25.40
N ALA C 1018 -15.77 -24.07 -24.28
CA ALA C 1018 -14.67 -25.03 -24.21
C ALA C 1018 -14.98 -26.35 -24.91
N GLU C 1019 -16.25 -26.62 -25.25
CA GLU C 1019 -16.61 -27.86 -25.91
C GLU C 1019 -15.92 -27.99 -27.26
PG GNP D . -15.75 3.15 0.21
O1G GNP D . -16.77 2.04 0.21
O2G GNP D . -16.37 4.42 0.75
O3G GNP D . -15.27 3.36 -1.20
N3B GNP D . -14.51 2.75 1.24
PB GNP D . -13.26 3.78 1.53
O1B GNP D . -13.74 5.17 1.82
O2B GNP D . -12.37 3.85 0.30
O3A GNP D . -12.44 3.23 2.76
PA GNP D . -12.54 3.87 4.19
O1A GNP D . -13.99 3.92 4.63
O2A GNP D . -11.98 5.27 4.11
O5' GNP D . -11.70 3.01 5.23
C5' GNP D . -11.83 1.61 5.19
C4' GNP D . -10.93 0.94 6.25
O4' GNP D . -9.68 1.03 5.93
C3' GNP D . -11.10 1.68 7.60
O3' GNP D . -11.39 0.79 8.59
C2' GNP D . -9.73 2.32 7.87
O2' GNP D . -9.45 2.29 9.33
C1' GNP D . -8.87 1.58 7.22
N9 GNP D . -7.72 2.30 6.81
C8 GNP D . -7.72 3.39 6.01
N7 GNP D . -6.44 3.81 5.83
C5 GNP D . -5.64 2.97 6.53
C6 GNP D . -4.27 2.93 6.68
O6 GNP D . -3.56 3.77 6.15
N1 GNP D . -3.70 1.98 7.44
C2 GNP D . -4.49 1.04 8.04
N2 GNP D . -3.89 0.03 8.84
N3 GNP D . -5.84 1.06 7.89
C4 GNP D . -6.42 2.04 7.12
HNB3 GNP D . -14.49 1.90 1.59
H5'2 GNP D . -12.77 1.38 5.36
H5'1 GNP D . -11.57 1.29 4.30
H4' GNP D . -11.19 0.00 6.35
H3' GNP D . -11.79 2.36 7.53
H2' GNP D . -9.71 3.23 7.53
HO2' GNP D . -9.95 2.91 9.74
H1' GNP D . -8.60 0.82 7.78
H8 GNP D . -8.51 3.82 5.62
HN1 GNP D . -2.79 1.96 7.55
HN21 GNP D . -2.98 0.03 8.96
HN22 GNP D . -4.41 -0.61 9.22
MG MG E . -15.48 6.05 1.46
F19 K85 F . 32.97 2.20 13.01
C17 K85 F . 32.94 2.58 14.32
F20 K85 F . 32.98 1.46 15.11
F18 K85 F . 31.81 3.29 14.57
C13 K85 F . 34.16 3.44 14.62
C14 K85 F . 34.04 4.82 14.65
C12 K85 F . 35.38 2.84 14.87
C11 K85 F . 36.49 3.64 15.15
O15 K85 F . 37.73 3.04 15.41
C16 K85 F . 38.10 2.03 14.50
C10 K85 F . 36.37 5.01 15.17
C9 K85 F . 35.14 5.60 14.91
C6 K85 F . 34.99 7.11 14.94
N7 K85 F . 35.86 7.98 15.50
C8 K85 F . 35.37 9.21 15.31
N5 K85 F . 33.99 7.80 14.44
N4 K85 F . 34.22 9.11 14.67
C3 K85 F . 33.37 10.21 14.27
C2 K85 F . 31.96 9.97 14.81
C1 K85 F . 31.87 10.46 16.26
O K85 F . 32.79 10.34 17.00
O1' K85 F . 30.69 11.06 16.70
C2' K85 F . 30.39 10.85 18.05
C4' K85 F . 28.87 10.83 18.23
C3' K85 F . 31.00 11.98 18.88
H1 K85 F . 33.21 5.21 14.47
H2 K85 F . 35.46 1.91 14.86
H3 K85 F . 38.02 2.36 13.59
H4 K85 F . 37.51 1.26 14.62
H5 K85 F . 39.01 1.77 14.67
H6 K85 F . 37.11 5.53 15.36
H7 K85 F . 35.77 10.01 15.59
H8 K85 F . 33.20 9.93 13.32
H10 K85 F . 31.77 9.01 14.78
H11 K85 F . 31.32 10.44 14.27
H12 K85 F . 30.77 10.00 18.33
H13 K85 F . 28.50 10.08 17.73
H14 K85 F . 28.66 10.75 19.16
H15 K85 F . 28.49 11.66 17.89
H16 K85 F . 31.91 12.13 18.61
H17 K85 F . 30.96 11.74 19.82
H18 K85 F . 30.48 12.80 18.74
CL CL G . 16.92 -35.45 26.84
C1 GOL H . -22.86 -17.57 11.36
O1 GOL H . -23.45 -16.70 12.31
C2 GOL H . -22.48 -18.90 12.02
O2 GOL H . -22.35 -19.89 11.04
C3 GOL H . -21.15 -18.72 12.75
O3 GOL H . -21.05 -19.63 13.82
H2 GOL H . -23.24 -19.17 12.74
HO2 GOL H . -21.65 -19.64 10.40
H31 GOL H . -21.07 -17.71 13.13
H32 GOL H . -20.33 -18.88 12.05
HO3 GOL H . -20.37 -19.32 14.46
#